data_1I05
# 
_entry.id   1I05 
# 
_audit_conform.dict_name       mmcif_pdbx.dic 
_audit_conform.dict_version    5.398 
_audit_conform.dict_location   http://mmcif.pdb.org/dictionaries/ascii/mmcif_pdbx.dic 
# 
loop_
_database_2.database_id 
_database_2.database_code 
_database_2.pdbx_database_accession 
_database_2.pdbx_DOI 
PDB   1I05         pdb_00001i05 10.2210/pdb1i05/pdb 
RCSB  RCSB012740   ?            ?                   
WWPDB D_1000012740 ?            ?                   
# 
loop_
_pdbx_audit_revision_history.ordinal 
_pdbx_audit_revision_history.data_content_type 
_pdbx_audit_revision_history.major_revision 
_pdbx_audit_revision_history.minor_revision 
_pdbx_audit_revision_history.revision_date 
1 'Structure model' 1 0 2001-02-14 
2 'Structure model' 1 1 2008-04-27 
3 'Structure model' 1 2 2011-07-13 
4 'Structure model' 1 3 2023-08-09 
5 'Structure model' 1 4 2024-11-06 
# 
_pdbx_audit_revision_details.ordinal             1 
_pdbx_audit_revision_details.revision_ordinal    1 
_pdbx_audit_revision_details.data_content_type   'Structure model' 
_pdbx_audit_revision_details.provider            repository 
_pdbx_audit_revision_details.type                'Initial release' 
_pdbx_audit_revision_details.description         ? 
_pdbx_audit_revision_details.details             ? 
# 
loop_
_pdbx_audit_revision_group.ordinal 
_pdbx_audit_revision_group.revision_ordinal 
_pdbx_audit_revision_group.data_content_type 
_pdbx_audit_revision_group.group 
1 2 'Structure model' 'Version format compliance' 
2 3 'Structure model' 'Version format compliance' 
3 4 'Structure model' 'Data collection'           
4 4 'Structure model' 'Database references'       
5 4 'Structure model' 'Derived calculations'      
6 4 'Structure model' 'Refinement description'    
7 5 'Structure model' 'Structure summary'         
# 
loop_
_pdbx_audit_revision_category.ordinal 
_pdbx_audit_revision_category.revision_ordinal 
_pdbx_audit_revision_category.data_content_type 
_pdbx_audit_revision_category.category 
1 4 'Structure model' chem_comp_atom                
2 4 'Structure model' chem_comp_bond                
3 4 'Structure model' database_2                    
4 4 'Structure model' pdbx_initial_refinement_model 
5 4 'Structure model' pdbx_struct_conn_angle        
6 4 'Structure model' struct_conn                   
7 4 'Structure model' struct_site                   
8 5 'Structure model' pdbx_entry_details            
9 5 'Structure model' pdbx_modification_feature     
# 
loop_
_pdbx_audit_revision_item.ordinal 
_pdbx_audit_revision_item.revision_ordinal 
_pdbx_audit_revision_item.data_content_type 
_pdbx_audit_revision_item.item 
1  4 'Structure model' '_database_2.pdbx_DOI'                        
2  4 'Structure model' '_database_2.pdbx_database_accession'         
3  4 'Structure model' '_pdbx_struct_conn_angle.ptnr1_auth_comp_id'  
4  4 'Structure model' '_pdbx_struct_conn_angle.ptnr1_auth_seq_id'   
5  4 'Structure model' '_pdbx_struct_conn_angle.ptnr1_label_asym_id' 
6  4 'Structure model' '_pdbx_struct_conn_angle.ptnr1_label_atom_id' 
7  4 'Structure model' '_pdbx_struct_conn_angle.ptnr1_label_comp_id' 
8  4 'Structure model' '_pdbx_struct_conn_angle.ptnr1_label_seq_id'  
9  4 'Structure model' '_pdbx_struct_conn_angle.ptnr1_symmetry'      
10 4 'Structure model' '_pdbx_struct_conn_angle.ptnr2_auth_seq_id'   
11 4 'Structure model' '_pdbx_struct_conn_angle.ptnr2_label_asym_id' 
12 4 'Structure model' '_pdbx_struct_conn_angle.ptnr3_auth_comp_id'  
13 4 'Structure model' '_pdbx_struct_conn_angle.ptnr3_auth_seq_id'   
14 4 'Structure model' '_pdbx_struct_conn_angle.ptnr3_label_asym_id' 
15 4 'Structure model' '_pdbx_struct_conn_angle.ptnr3_label_atom_id' 
16 4 'Structure model' '_pdbx_struct_conn_angle.ptnr3_label_comp_id' 
17 4 'Structure model' '_pdbx_struct_conn_angle.ptnr3_label_seq_id'  
18 4 'Structure model' '_pdbx_struct_conn_angle.ptnr3_symmetry'      
19 4 'Structure model' '_pdbx_struct_conn_angle.value'               
20 4 'Structure model' '_struct_conn.pdbx_dist_value'                
21 4 'Structure model' '_struct_conn.ptnr1_auth_comp_id'             
22 4 'Structure model' '_struct_conn.ptnr1_auth_seq_id'              
23 4 'Structure model' '_struct_conn.ptnr1_label_asym_id'            
24 4 'Structure model' '_struct_conn.ptnr1_label_atom_id'            
25 4 'Structure model' '_struct_conn.ptnr1_label_comp_id'            
26 4 'Structure model' '_struct_conn.ptnr1_label_seq_id'             
27 4 'Structure model' '_struct_conn.ptnr1_symmetry'                 
28 4 'Structure model' '_struct_conn.ptnr2_auth_comp_id'             
29 4 'Structure model' '_struct_conn.ptnr2_auth_seq_id'              
30 4 'Structure model' '_struct_conn.ptnr2_label_asym_id'            
31 4 'Structure model' '_struct_conn.ptnr2_label_atom_id'            
32 4 'Structure model' '_struct_conn.ptnr2_label_comp_id'            
33 4 'Structure model' '_struct_conn.ptnr2_label_seq_id'             
34 4 'Structure model' '_struct_conn.ptnr2_symmetry'                 
35 4 'Structure model' '_struct_site.pdbx_auth_asym_id'              
36 4 'Structure model' '_struct_site.pdbx_auth_comp_id'              
37 4 'Structure model' '_struct_site.pdbx_auth_seq_id'               
# 
_pdbx_database_status.status_code                     REL 
_pdbx_database_status.entry_id                        1I05 
_pdbx_database_status.recvd_initial_deposition_date   2001-01-28 
_pdbx_database_status.deposit_site                    RCSB 
_pdbx_database_status.process_site                    RCSB 
_pdbx_database_status.status_code_sf                  REL 
_pdbx_database_status.status_code_mr                  ? 
_pdbx_database_status.SG_entry                        ? 
_pdbx_database_status.pdb_format_compatible           Y 
_pdbx_database_status.status_code_cs                  ? 
_pdbx_database_status.status_code_nmr_data            ? 
_pdbx_database_status.methods_development_category    ? 
# 
loop_
_pdbx_database_related.db_name 
_pdbx_database_related.db_id 
_pdbx_database_related.details 
_pdbx_database_related.content_type 
PDB 1MUP 
;Crystal Structure of Major Urinary Protein Complex With 2-(Sec-Butyl) 
Thiazoline
;
unspecified 
PDB 1IO4 'Crystal Structure of Mouse Major Urinary Protein-I from Mouse Liver'                          unspecified 
PDB 1IO6 'Crystal Structure of Mouse Major Urinary Protein (MUP-I) Complexed with Sec-butyl-thiazoline' unspecified 
# 
loop_
_audit_author.name 
_audit_author.pdbx_ordinal 
'Timm, D.E.'    1 
'Baker, L.J.'   2 
'Mueller, H.'   3 
'Zidek, L.'     4 
'Novotny, M.V.' 5 
# 
_citation.id                        primary 
_citation.title                     'Structural Basis of Pheromone Binding to Mouse Major Urinary Protein (MUP-I)' 
_citation.journal_abbrev            'Protein Sci.' 
_citation.journal_volume            10 
_citation.page_first                997 
_citation.page_last                 1004 
_citation.year                      2001 
_citation.journal_id_ASTM           PRCIEI 
_citation.country                   US 
_citation.journal_id_ISSN           0961-8368 
_citation.journal_id_CSD            0795 
_citation.book_publisher            ? 
_citation.pdbx_database_id_PubMed   11316880 
_citation.pdbx_database_id_DOI      10.1110/ps.52201 
# 
loop_
_citation_author.citation_id 
_citation_author.name 
_citation_author.ordinal 
_citation_author.identifier_ORCID 
primary 'Timm, D.E.'    1 ? 
primary 'Baker, L.J.'   2 ? 
primary 'Mueller, H.'   3 ? 
primary 'Zidek, L.'     4 ? 
primary 'Novotny, M.V.' 5 ? 
# 
loop_
_entity.id 
_entity.type 
_entity.src_method 
_entity.pdbx_description 
_entity.formula_weight 
_entity.pdbx_number_of_molecules 
_entity.pdbx_ec 
_entity.pdbx_mutation 
_entity.pdbx_fragment 
_entity.details 
1 polymer     man 'MAJOR URINARY PROTEIN I'       20674.396 1  ? ? ? ? 
2 non-polymer syn 'CADMIUM ION'                   112.411   7  ? ? ? ? 
3 non-polymer syn 6-HYDROXY-6-METHYL-HEPTAN-3-ONE 144.211   1  ? ? ? ? 
4 water       nat water                           18.015    92 ? ? ? ? 
# 
_entity_name_com.entity_id   1 
_entity_name_com.name        'ALPHA-2U-GLOBULIN I' 
# 
_entity_poly.entity_id                      1 
_entity_poly.type                           'polypeptide(L)' 
_entity_poly.nstd_linkage                   no 
_entity_poly.nstd_monomer                   no 
_entity_poly.pdbx_seq_one_letter_code       
;MKMLLLLCLGLTLVCVHAEEASSTGRNFNVEKINGEWHTIILASDKREKIEDNGNFRLFLEQIHVLENSLVLKFHTVRDE
ECSELSMVADKTEKAGEYSVTYDGFNTFTIPKTDYDNFLMAHLINEKDGETFQLMGLYGREPDLSSDIKERFAQLCEEHG
ILRENIIDLSNANRCLQARE
;
_entity_poly.pdbx_seq_one_letter_code_can   
;MKMLLLLCLGLTLVCVHAEEASSTGRNFNVEKINGEWHTIILASDKREKIEDNGNFRLFLEQIHVLENSLVLKFHTVRDE
ECSELSMVADKTEKAGEYSVTYDGFNTFTIPKTDYDNFLMAHLINEKDGETFQLMGLYGREPDLSSDIKERFAQLCEEHG
ILRENIIDLSNANRCLQARE
;
_entity_poly.pdbx_strand_id                 A 
_entity_poly.pdbx_target_identifier         ? 
# 
loop_
_pdbx_entity_nonpoly.entity_id 
_pdbx_entity_nonpoly.name 
_pdbx_entity_nonpoly.comp_id 
2 'CADMIUM ION'                   CD  
3 6-HYDROXY-6-METHYL-HEPTAN-3-ONE LTL 
4 water                           HOH 
# 
loop_
_entity_poly_seq.entity_id 
_entity_poly_seq.num 
_entity_poly_seq.mon_id 
_entity_poly_seq.hetero 
1 1   MET n 
1 2   LYS n 
1 3   MET n 
1 4   LEU n 
1 5   LEU n 
1 6   LEU n 
1 7   LEU n 
1 8   CYS n 
1 9   LEU n 
1 10  GLY n 
1 11  LEU n 
1 12  THR n 
1 13  LEU n 
1 14  VAL n 
1 15  CYS n 
1 16  VAL n 
1 17  HIS n 
1 18  ALA n 
1 19  GLU n 
1 20  GLU n 
1 21  ALA n 
1 22  SER n 
1 23  SER n 
1 24  THR n 
1 25  GLY n 
1 26  ARG n 
1 27  ASN n 
1 28  PHE n 
1 29  ASN n 
1 30  VAL n 
1 31  GLU n 
1 32  LYS n 
1 33  ILE n 
1 34  ASN n 
1 35  GLY n 
1 36  GLU n 
1 37  TRP n 
1 38  HIS n 
1 39  THR n 
1 40  ILE n 
1 41  ILE n 
1 42  LEU n 
1 43  ALA n 
1 44  SER n 
1 45  ASP n 
1 46  LYS n 
1 47  ARG n 
1 48  GLU n 
1 49  LYS n 
1 50  ILE n 
1 51  GLU n 
1 52  ASP n 
1 53  ASN n 
1 54  GLY n 
1 55  ASN n 
1 56  PHE n 
1 57  ARG n 
1 58  LEU n 
1 59  PHE n 
1 60  LEU n 
1 61  GLU n 
1 62  GLN n 
1 63  ILE n 
1 64  HIS n 
1 65  VAL n 
1 66  LEU n 
1 67  GLU n 
1 68  ASN n 
1 69  SER n 
1 70  LEU n 
1 71  VAL n 
1 72  LEU n 
1 73  LYS n 
1 74  PHE n 
1 75  HIS n 
1 76  THR n 
1 77  VAL n 
1 78  ARG n 
1 79  ASP n 
1 80  GLU n 
1 81  GLU n 
1 82  CYS n 
1 83  SER n 
1 84  GLU n 
1 85  LEU n 
1 86  SER n 
1 87  MET n 
1 88  VAL n 
1 89  ALA n 
1 90  ASP n 
1 91  LYS n 
1 92  THR n 
1 93  GLU n 
1 94  LYS n 
1 95  ALA n 
1 96  GLY n 
1 97  GLU n 
1 98  TYR n 
1 99  SER n 
1 100 VAL n 
1 101 THR n 
1 102 TYR n 
1 103 ASP n 
1 104 GLY n 
1 105 PHE n 
1 106 ASN n 
1 107 THR n 
1 108 PHE n 
1 109 THR n 
1 110 ILE n 
1 111 PRO n 
1 112 LYS n 
1 113 THR n 
1 114 ASP n 
1 115 TYR n 
1 116 ASP n 
1 117 ASN n 
1 118 PHE n 
1 119 LEU n 
1 120 MET n 
1 121 ALA n 
1 122 HIS n 
1 123 LEU n 
1 124 ILE n 
1 125 ASN n 
1 126 GLU n 
1 127 LYS n 
1 128 ASP n 
1 129 GLY n 
1 130 GLU n 
1 131 THR n 
1 132 PHE n 
1 133 GLN n 
1 134 LEU n 
1 135 MET n 
1 136 GLY n 
1 137 LEU n 
1 138 TYR n 
1 139 GLY n 
1 140 ARG n 
1 141 GLU n 
1 142 PRO n 
1 143 ASP n 
1 144 LEU n 
1 145 SER n 
1 146 SER n 
1 147 ASP n 
1 148 ILE n 
1 149 LYS n 
1 150 GLU n 
1 151 ARG n 
1 152 PHE n 
1 153 ALA n 
1 154 GLN n 
1 155 LEU n 
1 156 CYS n 
1 157 GLU n 
1 158 GLU n 
1 159 HIS n 
1 160 GLY n 
1 161 ILE n 
1 162 LEU n 
1 163 ARG n 
1 164 GLU n 
1 165 ASN n 
1 166 ILE n 
1 167 ILE n 
1 168 ASP n 
1 169 LEU n 
1 170 SER n 
1 171 ASN n 
1 172 ALA n 
1 173 ASN n 
1 174 ARG n 
1 175 CYS n 
1 176 LEU n 
1 177 GLN n 
1 178 ALA n 
1 179 ARG n 
1 180 GLU n 
# 
_entity_src_gen.entity_id                          1 
_entity_src_gen.pdbx_src_id                        1 
_entity_src_gen.pdbx_alt_source_flag               sample 
_entity_src_gen.pdbx_seq_type                      ? 
_entity_src_gen.pdbx_beg_seq_num                   ? 
_entity_src_gen.pdbx_end_seq_num                   ? 
_entity_src_gen.gene_src_common_name               'house mouse' 
_entity_src_gen.gene_src_genus                     Mus 
_entity_src_gen.pdbx_gene_src_gene                 MUP-I 
_entity_src_gen.gene_src_species                   ? 
_entity_src_gen.gene_src_strain                    ? 
_entity_src_gen.gene_src_tissue                    ? 
_entity_src_gen.gene_src_tissue_fraction           ? 
_entity_src_gen.gene_src_details                   ? 
_entity_src_gen.pdbx_gene_src_fragment             ? 
_entity_src_gen.pdbx_gene_src_scientific_name      'Mus musculus' 
_entity_src_gen.pdbx_gene_src_ncbi_taxonomy_id     10090 
_entity_src_gen.pdbx_gene_src_variant              ? 
_entity_src_gen.pdbx_gene_src_cell_line            ? 
_entity_src_gen.pdbx_gene_src_atcc                 ? 
_entity_src_gen.pdbx_gene_src_organ                ? 
_entity_src_gen.pdbx_gene_src_organelle            ? 
_entity_src_gen.pdbx_gene_src_cell                 ? 
_entity_src_gen.pdbx_gene_src_cellular_location    ? 
_entity_src_gen.host_org_common_name               ? 
_entity_src_gen.pdbx_host_org_scientific_name      'Escherichia coli' 
_entity_src_gen.pdbx_host_org_ncbi_taxonomy_id     562 
_entity_src_gen.host_org_genus                     Escherichia 
_entity_src_gen.pdbx_host_org_gene                 ? 
_entity_src_gen.pdbx_host_org_organ                ? 
_entity_src_gen.host_org_species                   ? 
_entity_src_gen.pdbx_host_org_tissue               ? 
_entity_src_gen.pdbx_host_org_tissue_fraction      ? 
_entity_src_gen.pdbx_host_org_strain               ? 
_entity_src_gen.pdbx_host_org_variant              ? 
_entity_src_gen.pdbx_host_org_cell_line            ? 
_entity_src_gen.pdbx_host_org_atcc                 ? 
_entity_src_gen.pdbx_host_org_culture_collection   ? 
_entity_src_gen.pdbx_host_org_cell                 ? 
_entity_src_gen.pdbx_host_org_organelle            ? 
_entity_src_gen.pdbx_host_org_cellular_location    ? 
_entity_src_gen.pdbx_host_org_vector_type          ? 
_entity_src_gen.pdbx_host_org_vector               ? 
_entity_src_gen.host_org_details                   ? 
_entity_src_gen.expression_system_id               ? 
_entity_src_gen.plasmid_name                       ? 
_entity_src_gen.plasmid_details                    ? 
_entity_src_gen.pdbx_description                   ? 
# 
loop_
_chem_comp.id 
_chem_comp.type 
_chem_comp.mon_nstd_flag 
_chem_comp.name 
_chem_comp.pdbx_synonyms 
_chem_comp.formula 
_chem_comp.formula_weight 
ALA 'L-peptide linking' y ALANINE                         ? 'C3 H7 N O2'     89.093  
ARG 'L-peptide linking' y ARGININE                        ? 'C6 H15 N4 O2 1' 175.209 
ASN 'L-peptide linking' y ASPARAGINE                      ? 'C4 H8 N2 O3'    132.118 
ASP 'L-peptide linking' y 'ASPARTIC ACID'                 ? 'C4 H7 N O4'     133.103 
CD  non-polymer         . 'CADMIUM ION'                   ? 'Cd 2'           112.411 
CYS 'L-peptide linking' y CYSTEINE                        ? 'C3 H7 N O2 S'   121.158 
GLN 'L-peptide linking' y GLUTAMINE                       ? 'C5 H10 N2 O3'   146.144 
GLU 'L-peptide linking' y 'GLUTAMIC ACID'                 ? 'C5 H9 N O4'     147.129 
GLY 'peptide linking'   y GLYCINE                         ? 'C2 H5 N O2'     75.067  
HIS 'L-peptide linking' y HISTIDINE                       ? 'C6 H10 N3 O2 1' 156.162 
HOH non-polymer         . WATER                           ? 'H2 O'           18.015  
ILE 'L-peptide linking' y ISOLEUCINE                      ? 'C6 H13 N O2'    131.173 
LEU 'L-peptide linking' y LEUCINE                         ? 'C6 H13 N O2'    131.173 
LTL non-polymer         . 6-HYDROXY-6-METHYL-HEPTAN-3-ONE ? 'C8 H16 O2'      144.211 
LYS 'L-peptide linking' y LYSINE                          ? 'C6 H15 N2 O2 1' 147.195 
MET 'L-peptide linking' y METHIONINE                      ? 'C5 H11 N O2 S'  149.211 
PHE 'L-peptide linking' y PHENYLALANINE                   ? 'C9 H11 N O2'    165.189 
PRO 'L-peptide linking' y PROLINE                         ? 'C5 H9 N O2'     115.130 
SER 'L-peptide linking' y SERINE                          ? 'C3 H7 N O3'     105.093 
THR 'L-peptide linking' y THREONINE                       ? 'C4 H9 N O3'     119.119 
TRP 'L-peptide linking' y TRYPTOPHAN                      ? 'C11 H12 N2 O2'  204.225 
TYR 'L-peptide linking' y TYROSINE                        ? 'C9 H11 N O3'    181.189 
VAL 'L-peptide linking' y VALINE                          ? 'C5 H11 N O2'    117.146 
# 
loop_
_pdbx_poly_seq_scheme.asym_id 
_pdbx_poly_seq_scheme.entity_id 
_pdbx_poly_seq_scheme.seq_id 
_pdbx_poly_seq_scheme.mon_id 
_pdbx_poly_seq_scheme.ndb_seq_num 
_pdbx_poly_seq_scheme.pdb_seq_num 
_pdbx_poly_seq_scheme.auth_seq_num 
_pdbx_poly_seq_scheme.pdb_mon_id 
_pdbx_poly_seq_scheme.auth_mon_id 
_pdbx_poly_seq_scheme.pdb_strand_id 
_pdbx_poly_seq_scheme.pdb_ins_code 
_pdbx_poly_seq_scheme.hetero 
A 1 1   MET 1   1   ?   ?   ?   A . n 
A 1 2   LYS 2   2   ?   ?   ?   A . n 
A 1 3   MET 3   3   ?   ?   ?   A . n 
A 1 4   LEU 4   4   ?   ?   ?   A . n 
A 1 5   LEU 5   5   ?   ?   ?   A . n 
A 1 6   LEU 6   6   ?   ?   ?   A . n 
A 1 7   LEU 7   7   ?   ?   ?   A . n 
A 1 8   CYS 8   8   ?   ?   ?   A . n 
A 1 9   LEU 9   9   ?   ?   ?   A . n 
A 1 10  GLY 10  10  ?   ?   ?   A . n 
A 1 11  LEU 11  11  ?   ?   ?   A . n 
A 1 12  THR 12  12  ?   ?   ?   A . n 
A 1 13  LEU 13  13  ?   ?   ?   A . n 
A 1 14  VAL 14  14  ?   ?   ?   A . n 
A 1 15  CYS 15  15  ?   ?   ?   A . n 
A 1 16  VAL 16  16  ?   ?   ?   A . n 
A 1 17  HIS 17  17  ?   ?   ?   A . n 
A 1 18  ALA 18  18  ?   ?   ?   A . n 
A 1 19  GLU 19  19  ?   ?   ?   A . n 
A 1 20  GLU 20  20  20  GLU GLU A . n 
A 1 21  ALA 21  21  21  ALA ALA A . n 
A 1 22  SER 22  22  22  SER SER A . n 
A 1 23  SER 23  23  23  SER SER A . n 
A 1 24  THR 24  24  24  THR THR A . n 
A 1 25  GLY 25  25  25  GLY GLY A . n 
A 1 26  ARG 26  26  26  ARG ARG A . n 
A 1 27  ASN 27  27  27  ASN ASN A . n 
A 1 28  PHE 28  28  28  PHE PHE A . n 
A 1 29  ASN 29  29  29  ASN ASN A . n 
A 1 30  VAL 30  30  30  VAL VAL A . n 
A 1 31  GLU 31  31  31  GLU GLU A . n 
A 1 32  LYS 32  32  32  LYS LYS A . n 
A 1 33  ILE 33  33  33  ILE ILE A . n 
A 1 34  ASN 34  34  34  ASN ASN A . n 
A 1 35  GLY 35  35  35  GLY GLY A . n 
A 1 36  GLU 36  36  36  GLU GLU A . n 
A 1 37  TRP 37  37  37  TRP TRP A . n 
A 1 38  HIS 38  38  38  HIS HIS A . n 
A 1 39  THR 39  39  39  THR THR A . n 
A 1 40  ILE 40  40  40  ILE ILE A . n 
A 1 41  ILE 41  41  41  ILE ILE A . n 
A 1 42  LEU 42  42  42  LEU LEU A . n 
A 1 43  ALA 43  43  43  ALA ALA A . n 
A 1 44  SER 44  44  44  SER SER A . n 
A 1 45  ASP 45  45  45  ASP ASP A . n 
A 1 46  LYS 46  46  46  LYS LYS A . n 
A 1 47  ARG 47  47  47  ARG ARG A . n 
A 1 48  GLU 48  48  48  GLU GLU A . n 
A 1 49  LYS 49  49  49  LYS LYS A . n 
A 1 50  ILE 50  50  50  ILE ILE A . n 
A 1 51  GLU 51  51  51  GLU GLU A . n 
A 1 52  ASP 52  52  52  ASP ASP A . n 
A 1 53  ASN 53  53  53  ASN ASN A . n 
A 1 54  GLY 54  54  54  GLY GLY A . n 
A 1 55  ASN 55  55  55  ASN ASN A . n 
A 1 56  PHE 56  56  56  PHE PHE A . n 
A 1 57  ARG 57  57  57  ARG ARG A . n 
A 1 58  LEU 58  58  58  LEU LEU A . n 
A 1 59  PHE 59  59  59  PHE PHE A . n 
A 1 60  LEU 60  60  60  LEU LEU A . n 
A 1 61  GLU 61  61  61  GLU GLU A . n 
A 1 62  GLN 62  62  62  GLN GLN A . n 
A 1 63  ILE 63  63  63  ILE ILE A . n 
A 1 64  HIS 64  64  64  HIS HIS A . n 
A 1 65  VAL 65  65  65  VAL VAL A . n 
A 1 66  LEU 66  66  66  LEU LEU A . n 
A 1 67  GLU 67  67  67  GLU GLU A . n 
A 1 68  ASN 68  68  68  ASN ASN A . n 
A 1 69  SER 69  69  69  SER SER A . n 
A 1 70  LEU 70  70  70  LEU LEU A . n 
A 1 71  VAL 71  71  71  VAL VAL A . n 
A 1 72  LEU 72  72  72  LEU LEU A . n 
A 1 73  LYS 73  73  73  LYS LYS A . n 
A 1 74  PHE 74  74  74  PHE PHE A . n 
A 1 75  HIS 75  75  75  HIS HIS A . n 
A 1 76  THR 76  76  76  THR THR A . n 
A 1 77  VAL 77  77  77  VAL VAL A . n 
A 1 78  ARG 78  78  78  ARG ARG A . n 
A 1 79  ASP 79  79  79  ASP ASP A . n 
A 1 80  GLU 80  80  80  GLU GLU A . n 
A 1 81  GLU 81  81  81  GLU GLU A . n 
A 1 82  CYS 82  82  82  CYS CYS A . n 
A 1 83  SER 83  83  83  SER SER A . n 
A 1 84  GLU 84  84  84  GLU GLU A . n 
A 1 85  LEU 85  85  85  LEU LEU A . n 
A 1 86  SER 86  86  86  SER SER A . n 
A 1 87  MET 87  87  87  MET MET A . n 
A 1 88  VAL 88  88  88  VAL VAL A . n 
A 1 89  ALA 89  89  89  ALA ALA A . n 
A 1 90  ASP 90  90  90  ASP ASP A . n 
A 1 91  LYS 91  91  91  LYS LYS A . n 
A 1 92  THR 92  92  92  THR THR A . n 
A 1 93  GLU 93  93  93  GLU ALA A . n 
A 1 94  LYS 94  94  94  LYS ALA A . n 
A 1 95  ALA 95  95  95  ALA GLU A . n 
A 1 96  GLY 96  96  96  GLY GLY A . n 
A 1 97  GLU 97  97  97  GLU GLU A . n 
A 1 98  TYR 98  98  98  TYR TYR A . n 
A 1 99  SER 99  99  99  SER SER A . n 
A 1 100 VAL 100 100 100 VAL VAL A . n 
A 1 101 THR 101 101 101 THR THR A . n 
A 1 102 TYR 102 102 102 TYR TYR A . n 
A 1 103 ASP 103 103 103 ASP ASP A . n 
A 1 104 GLY 104 104 104 GLY GLY A . n 
A 1 105 PHE 105 105 105 PHE PHE A . n 
A 1 106 ASN 106 106 106 ASN ASN A . n 
A 1 107 THR 107 107 107 THR THR A . n 
A 1 108 PHE 108 108 108 PHE PHE A . n 
A 1 109 THR 109 109 109 THR THR A . n 
A 1 110 ILE 110 110 110 ILE ILE A . n 
A 1 111 PRO 111 111 111 PRO PRO A . n 
A 1 112 LYS 112 112 112 LYS LYS A . n 
A 1 113 THR 113 113 113 THR THR A . n 
A 1 114 ASP 114 114 114 ASP ASP A . n 
A 1 115 TYR 115 115 115 TYR TYR A . n 
A 1 116 ASP 116 116 116 ASP ASP A . n 
A 1 117 ASN 117 117 117 ASN ASN A . n 
A 1 118 PHE 118 118 118 PHE PHE A . n 
A 1 119 LEU 119 119 119 LEU LEU A . n 
A 1 120 MET 120 120 120 MET MET A . n 
A 1 121 ALA 121 121 121 ALA ALA A . n 
A 1 122 HIS 122 122 122 HIS HIS A . n 
A 1 123 LEU 123 123 123 LEU LEU A . n 
A 1 124 ILE 124 124 124 ILE ILE A . n 
A 1 125 ASN 125 125 125 ASN ASN A . n 
A 1 126 GLU 126 126 126 GLU GLU A . n 
A 1 127 LYS 127 127 127 LYS LYS A . n 
A 1 128 ASP 128 128 128 ASP ASP A . n 
A 1 129 GLY 129 129 129 GLY GLY A . n 
A 1 130 GLU 130 130 130 GLU GLU A . n 
A 1 131 THR 131 131 131 THR THR A . n 
A 1 132 PHE 132 132 132 PHE PHE A . n 
A 1 133 GLN 133 133 133 GLN GLN A . n 
A 1 134 LEU 134 134 134 LEU LEU A . n 
A 1 135 MET 135 135 135 MET MET A . n 
A 1 136 GLY 136 136 136 GLY GLY A . n 
A 1 137 LEU 137 137 137 LEU LEU A . n 
A 1 138 TYR 138 138 138 TYR TYR A . n 
A 1 139 GLY 139 139 139 GLY GLY A . n 
A 1 140 ARG 140 140 140 ARG ARG A . n 
A 1 141 GLU 141 141 141 GLU GLU A . n 
A 1 142 PRO 142 142 142 PRO PRO A . n 
A 1 143 ASP 143 143 143 ASP ASP A . n 
A 1 144 LEU 144 144 144 LEU LEU A . n 
A 1 145 SER 145 145 145 SER SER A . n 
A 1 146 SER 146 146 146 SER SER A . n 
A 1 147 ASP 147 147 147 ASP ASP A . n 
A 1 148 ILE 148 148 148 ILE ILE A . n 
A 1 149 LYS 149 149 149 LYS LYS A . n 
A 1 150 GLU 150 150 150 GLU GLU A . n 
A 1 151 ARG 151 151 151 ARG ARG A . n 
A 1 152 PHE 152 152 152 PHE PHE A . n 
A 1 153 ALA 153 153 153 ALA ALA A . n 
A 1 154 GLN 154 154 154 GLN GLN A . n 
A 1 155 LEU 155 155 155 LEU LEU A . n 
A 1 156 CYS 156 156 156 CYS CYS A . n 
A 1 157 GLU 157 157 157 GLU GLU A . n 
A 1 158 GLU 158 158 158 GLU GLU A . n 
A 1 159 HIS 159 159 159 HIS HIS A . n 
A 1 160 GLY 160 160 160 GLY GLY A . n 
A 1 161 ILE 161 161 161 ILE ILE A . n 
A 1 162 LEU 162 162 162 LEU LEU A . n 
A 1 163 ARG 163 163 163 ARG ARG A . n 
A 1 164 GLU 164 164 164 GLU GLU A . n 
A 1 165 ASN 165 165 165 ASN ASN A . n 
A 1 166 ILE 166 166 166 ILE ILE A . n 
A 1 167 ILE 167 167 167 ILE ILE A . n 
A 1 168 ASP 168 168 168 ASP ASP A . n 
A 1 169 LEU 169 169 169 LEU LEU A . n 
A 1 170 SER 170 170 170 SER SER A . n 
A 1 171 ASN 171 171 171 ASN ASN A . n 
A 1 172 ALA 172 172 172 ALA ALA A . n 
A 1 173 ASN 173 173 173 ASN ASN A . n 
A 1 174 ARG 174 174 174 ARG ARG A . n 
A 1 175 CYS 175 175 175 CYS CYS A . n 
A 1 176 LEU 176 176 ?   ?   ?   A . n 
A 1 177 GLN 177 177 ?   ?   ?   A . n 
A 1 178 ALA 178 178 ?   ?   ?   A . n 
A 1 179 ARG 179 179 ?   ?   ?   A . n 
A 1 180 GLU 180 180 ?   ?   ?   A . n 
# 
loop_
_pdbx_nonpoly_scheme.asym_id 
_pdbx_nonpoly_scheme.entity_id 
_pdbx_nonpoly_scheme.mon_id 
_pdbx_nonpoly_scheme.ndb_seq_num 
_pdbx_nonpoly_scheme.pdb_seq_num 
_pdbx_nonpoly_scheme.auth_seq_num 
_pdbx_nonpoly_scheme.pdb_mon_id 
_pdbx_nonpoly_scheme.auth_mon_id 
_pdbx_nonpoly_scheme.pdb_strand_id 
_pdbx_nonpoly_scheme.pdb_ins_code 
B 2 CD  1  401 1   CD  CD2 A . 
C 2 CD  1  402 2   CD  CD2 A . 
D 2 CD  1  403 3   CD  CD2 A . 
E 2 CD  1  404 4   CD  CD2 A . 
F 2 CD  1  405 5   CD  CD2 A . 
G 2 CD  1  406 6   CD  CD2 A . 
H 2 CD  1  407 7   CD  CD2 A . 
I 3 LTL 1  408 1   LTL LTL A . 
J 4 HOH 1  501 501 HOH WAT A . 
J 4 HOH 2  502 502 HOH WAT A . 
J 4 HOH 3  503 503 HOH WAT A . 
J 4 HOH 4  504 504 HOH WAT A . 
J 4 HOH 5  505 505 HOH WAT A . 
J 4 HOH 6  506 506 HOH WAT A . 
J 4 HOH 7  507 507 HOH WAT A . 
J 4 HOH 8  508 508 HOH WAT A . 
J 4 HOH 9  509 509 HOH WAT A . 
J 4 HOH 10 511 511 HOH WAT A . 
J 4 HOH 11 512 512 HOH WAT A . 
J 4 HOH 12 513 513 HOH WAT A . 
J 4 HOH 13 515 515 HOH WAT A . 
J 4 HOH 14 516 516 HOH WAT A . 
J 4 HOH 15 517 517 HOH WAT A . 
J 4 HOH 16 518 518 HOH WAT A . 
J 4 HOH 17 519 519 HOH WAT A . 
J 4 HOH 18 520 520 HOH WAT A . 
J 4 HOH 19 522 522 HOH WAT A . 
J 4 HOH 20 523 523 HOH WAT A . 
J 4 HOH 21 524 524 HOH WAT A . 
J 4 HOH 22 525 525 HOH WAT A . 
J 4 HOH 23 527 527 HOH WAT A . 
J 4 HOH 24 528 528 HOH WAT A . 
J 4 HOH 25 529 529 HOH WAT A . 
J 4 HOH 26 530 530 HOH WAT A . 
J 4 HOH 27 531 531 HOH WAT A . 
J 4 HOH 28 532 532 HOH WAT A . 
J 4 HOH 29 533 533 HOH WAT A . 
J 4 HOH 30 534 534 HOH WAT A . 
J 4 HOH 31 535 535 HOH WAT A . 
J 4 HOH 32 536 536 HOH WAT A . 
J 4 HOH 33 538 538 HOH WAT A . 
J 4 HOH 34 539 539 HOH WAT A . 
J 4 HOH 35 540 540 HOH WAT A . 
J 4 HOH 36 541 541 HOH WAT A . 
J 4 HOH 37 542 542 HOH WAT A . 
J 4 HOH 38 544 544 HOH WAT A . 
J 4 HOH 39 545 545 HOH WAT A . 
J 4 HOH 40 546 546 HOH WAT A . 
J 4 HOH 41 548 548 HOH WAT A . 
J 4 HOH 42 549 549 HOH WAT A . 
J 4 HOH 43 550 550 HOH WAT A . 
J 4 HOH 44 551 551 HOH WAT A . 
J 4 HOH 45 552 552 HOH WAT A . 
J 4 HOH 46 553 553 HOH WAT A . 
J 4 HOH 47 554 554 HOH WAT A . 
J 4 HOH 48 555 555 HOH WAT A . 
J 4 HOH 49 556 556 HOH WAT A . 
J 4 HOH 50 557 557 HOH WAT A . 
J 4 HOH 51 558 558 HOH WAT A . 
J 4 HOH 52 559 559 HOH WAT A . 
J 4 HOH 53 560 560 HOH WAT A . 
J 4 HOH 54 561 561 HOH WAT A . 
J 4 HOH 55 562 562 HOH WAT A . 
J 4 HOH 56 563 563 HOH WAT A . 
J 4 HOH 57 564 564 HOH WAT A . 
J 4 HOH 58 565 565 HOH WAT A . 
J 4 HOH 59 566 566 HOH WAT A . 
J 4 HOH 60 567 567 HOH WAT A . 
J 4 HOH 61 568 568 HOH WAT A . 
J 4 HOH 62 571 571 HOH WAT A . 
J 4 HOH 63 572 572 HOH WAT A . 
J 4 HOH 64 575 575 HOH WAT A . 
J 4 HOH 65 576 576 HOH WAT A . 
J 4 HOH 66 577 577 HOH WAT A . 
J 4 HOH 67 578 578 HOH WAT A . 
J 4 HOH 68 579 579 HOH WAT A . 
J 4 HOH 69 581 581 HOH WAT A . 
J 4 HOH 70 582 582 HOH WAT A . 
J 4 HOH 71 584 584 HOH WAT A . 
J 4 HOH 72 585 585 HOH WAT A . 
J 4 HOH 73 586 586 HOH WAT A . 
J 4 HOH 74 587 587 HOH WAT A . 
J 4 HOH 75 588 588 HOH WAT A . 
J 4 HOH 76 589 589 HOH WAT A . 
J 4 HOH 77 590 590 HOH WAT A . 
J 4 HOH 78 591 591 HOH WAT A . 
J 4 HOH 79 592 592 HOH WAT A . 
J 4 HOH 80 593 593 HOH WAT A . 
J 4 HOH 81 594 594 HOH WAT A . 
J 4 HOH 82 595 595 HOH WAT A . 
J 4 HOH 83 596 596 HOH WAT A . 
J 4 HOH 84 597 597 HOH WAT A . 
J 4 HOH 85 598 598 HOH WAT A . 
J 4 HOH 86 599 599 HOH WAT A . 
J 4 HOH 87 600 600 HOH WAT A . 
J 4 HOH 88 601 601 HOH WAT A . 
J 4 HOH 89 604 604 HOH WAT A . 
J 4 HOH 90 605 605 HOH WAT A . 
J 4 HOH 91 619 619 HOH WAT A . 
J 4 HOH 92 620 620 HOH WAT A . 
# 
loop_
_pdbx_unobs_or_zero_occ_atoms.id 
_pdbx_unobs_or_zero_occ_atoms.PDB_model_num 
_pdbx_unobs_or_zero_occ_atoms.polymer_flag 
_pdbx_unobs_or_zero_occ_atoms.occupancy_flag 
_pdbx_unobs_or_zero_occ_atoms.auth_asym_id 
_pdbx_unobs_or_zero_occ_atoms.auth_comp_id 
_pdbx_unobs_or_zero_occ_atoms.auth_seq_id 
_pdbx_unobs_or_zero_occ_atoms.PDB_ins_code 
_pdbx_unobs_or_zero_occ_atoms.auth_atom_id 
_pdbx_unobs_or_zero_occ_atoms.label_alt_id 
_pdbx_unobs_or_zero_occ_atoms.label_asym_id 
_pdbx_unobs_or_zero_occ_atoms.label_comp_id 
_pdbx_unobs_or_zero_occ_atoms.label_seq_id 
_pdbx_unobs_or_zero_occ_atoms.label_atom_id 
1  1 Y 1 A ASN 53  ? CG  ? A ASN 53  CG  
2  1 Y 1 A ASN 53  ? OD1 ? A ASN 53  OD1 
3  1 Y 1 A ASN 53  ? ND2 ? A ASN 53  ND2 
4  1 Y 1 A GLU 67  ? CG  ? A GLU 67  CG  
5  1 Y 1 A GLU 67  ? CD  ? A GLU 67  CD  
6  1 Y 1 A GLU 67  ? OE1 ? A GLU 67  OE1 
7  1 Y 1 A GLU 67  ? OE2 ? A GLU 67  OE2 
8  1 Y 1 A ARG 78  ? CG  ? A ARG 78  CG  
9  1 Y 1 A ARG 78  ? CD  ? A ARG 78  CD  
10 1 Y 1 A ARG 78  ? NE  ? A ARG 78  NE  
11 1 Y 1 A ARG 78  ? CZ  ? A ARG 78  CZ  
12 1 Y 1 A ARG 78  ? NH1 ? A ARG 78  NH1 
13 1 Y 1 A ARG 78  ? NH2 ? A ARG 78  NH2 
14 1 Y 1 A GLU 93  ? CG  ? A GLU 93  CG  
15 1 Y 1 A GLU 93  ? CD  ? A GLU 93  CD  
16 1 Y 1 A GLU 93  ? OE1 ? A GLU 93  OE1 
17 1 Y 1 A GLU 93  ? OE2 ? A GLU 93  OE2 
18 1 Y 1 A LYS 94  ? CG  ? A LYS 94  CG  
19 1 Y 1 A LYS 94  ? CD  ? A LYS 94  CD  
20 1 Y 1 A LYS 94  ? CE  ? A LYS 94  CE  
21 1 Y 1 A LYS 94  ? NZ  ? A LYS 94  NZ  
22 1 Y 1 A GLU 164 ? CG  ? A GLU 164 CG  
23 1 Y 1 A GLU 164 ? CD  ? A GLU 164 CD  
24 1 Y 1 A GLU 164 ? OE1 ? A GLU 164 OE1 
25 1 Y 1 A GLU 164 ? OE2 ? A GLU 164 OE2 
26 1 Y 1 A ASN 171 ? CG  ? A ASN 171 CG  
27 1 Y 1 A ASN 171 ? OD1 ? A ASN 171 OD1 
28 1 Y 1 A ASN 171 ? ND2 ? A ASN 171 ND2 
29 1 Y 1 A ARG 174 ? CG  ? A ARG 174 CG  
30 1 Y 1 A ARG 174 ? CD  ? A ARG 174 CD  
31 1 Y 1 A ARG 174 ? NE  ? A ARG 174 NE  
32 1 Y 1 A ARG 174 ? CZ  ? A ARG 174 CZ  
33 1 Y 1 A ARG 174 ? NH1 ? A ARG 174 NH1 
34 1 Y 1 A ARG 174 ? NH2 ? A ARG 174 NH2 
# 
loop_
_software.name 
_software.classification 
_software.version 
_software.citation_id 
_software.pdbx_ordinal 
DENZO     'data reduction' . ? 1 
SCALEPACK 'data scaling'   . ? 2 
CNS       refinement       . ? 3 
CNS       phasing          . ? 4 
# 
_cell.entry_id           1I05 
_cell.length_a           56.927 
_cell.length_b           56.927 
_cell.length_c           108.593 
_cell.angle_alpha        90.00 
_cell.angle_beta         90.00 
_cell.angle_gamma        90.00 
_cell.Z_PDB              8 
_cell.pdbx_unique_axis   ? 
# 
_symmetry.entry_id                         1I05 
_symmetry.space_group_name_H-M             'P 43 21 2' 
_symmetry.pdbx_full_space_group_name_H-M   ? 
_symmetry.cell_setting                     ? 
_symmetry.Int_Tables_number                96 
_symmetry.space_group_name_Hall            ? 
# 
_exptl.entry_id          1I05 
_exptl.method            'X-RAY DIFFRACTION' 
_exptl.crystals_number   1 
# 
_exptl_crystal.id                    1 
_exptl_crystal.density_meas          ? 
_exptl_crystal.density_Matthews      2.13 
_exptl_crystal.density_percent_sol   42.19 
_exptl_crystal.description           ? 
_exptl_crystal.F_000                 ? 
_exptl_crystal.preparation           ? 
# 
_exptl_crystal_grow.crystal_id      1 
_exptl_crystal_grow.method          'VAPOR DIFFUSION, HANGING DROP' 
_exptl_crystal_grow.temp            298 
_exptl_crystal_grow.temp_details    ? 
_exptl_crystal_grow.pH              5.8 
_exptl_crystal_grow.pdbx_details    
'200 mM maleate/HCl, 100 mM cadmium chloride, pH 5.8, VAPOR DIFFUSION, HANGING DROP, temperature 298K' 
_exptl_crystal_grow.pdbx_pH_range   . 
# 
_diffrn.id                     1 
_diffrn.ambient_temp           298 
_diffrn.ambient_temp_details   ? 
_diffrn.crystal_id             1 
# 
_diffrn_detector.diffrn_id              1 
_diffrn_detector.detector               'IMAGE PLATE' 
_diffrn_detector.type                   'RIGAKU RAXIS IIC' 
_diffrn_detector.pdbx_collection_date   1999-02-23 
_diffrn_detector.details                ? 
# 
_diffrn_radiation.diffrn_id                        1 
_diffrn_radiation.wavelength_id                    1 
_diffrn_radiation.pdbx_monochromatic_or_laue_m_l   M 
_diffrn_radiation.monochromator                    mirrors 
_diffrn_radiation.pdbx_diffrn_protocol             'SINGLE WAVELENGTH' 
_diffrn_radiation.pdbx_scattering_type             x-ray 
# 
_diffrn_radiation_wavelength.id           1 
_diffrn_radiation_wavelength.wavelength   1.5418 
_diffrn_radiation_wavelength.wt           1.0 
# 
_diffrn_source.diffrn_id                   1 
_diffrn_source.source                      'ROTATING ANODE' 
_diffrn_source.type                        'RIGAKU RU200' 
_diffrn_source.pdbx_synchrotron_site       ? 
_diffrn_source.pdbx_synchrotron_beamline   ? 
_diffrn_source.pdbx_wavelength             1.5418 
_diffrn_source.pdbx_wavelength_list        ? 
# 
_reflns.entry_id                     1I05 
_reflns.observed_criterion_sigma_I   0 
_reflns.observed_criterion_sigma_F   0 
_reflns.d_resolution_low             30 
_reflns.d_resolution_high            2.0 
_reflns.number_obs                   12397 
_reflns.number_all                   12397 
_reflns.percent_possible_obs         97.7 
_reflns.pdbx_Rmerge_I_obs            0.082 
_reflns.pdbx_Rsym_value              0.082 
_reflns.pdbx_netI_over_sigmaI        12.3 
_reflns.B_iso_Wilson_estimate        21.5 
_reflns.pdbx_redundancy              3.3 
_reflns.R_free_details               ? 
_reflns.limit_h_max                  ? 
_reflns.limit_h_min                  ? 
_reflns.limit_k_max                  ? 
_reflns.limit_k_min                  ? 
_reflns.limit_l_max                  ? 
_reflns.limit_l_min                  ? 
_reflns.observed_criterion_F_max     ? 
_reflns.observed_criterion_F_min     ? 
_reflns.pdbx_chi_squared             ? 
_reflns.pdbx_scaling_rejects         ? 
_reflns.pdbx_diffrn_id               1 
_reflns.pdbx_ordinal                 1 
# 
_reflns_shell.d_res_high             2.00 
_reflns_shell.d_res_low              2.07 
_reflns_shell.percent_possible_all   98.6 
_reflns_shell.Rmerge_I_obs           0.329 
_reflns_shell.pdbx_Rsym_value        0.329 
_reflns_shell.meanI_over_sigI_obs    3.1 
_reflns_shell.pdbx_redundancy        3.3 
_reflns_shell.percent_possible_obs   ? 
_reflns_shell.number_unique_all      ? 
_reflns_shell.number_measured_all    ? 
_reflns_shell.number_measured_obs    ? 
_reflns_shell.number_unique_obs      ? 
_reflns_shell.pdbx_chi_squared       ? 
_reflns_shell.pdbx_diffrn_id         ? 
_reflns_shell.pdbx_ordinal           1 
# 
_refine.entry_id                                 1I05 
_refine.ls_number_reflns_obs                     12397 
_refine.ls_number_reflns_all                     11968 
_refine.pdbx_ls_sigma_I                          0.0 
_refine.pdbx_ls_sigma_F                          2.0 
_refine.pdbx_data_cutoff_high_absF               ? 
_refine.pdbx_data_cutoff_low_absF                ? 
_refine.ls_d_res_low                             30 
_refine.ls_d_res_high                            2.0 
_refine.ls_percent_reflns_obs                    ? 
_refine.ls_R_factor_obs                          0.194 
_refine.ls_R_factor_all                          0.194 
_refine.ls_R_factor_R_work                       0.194 
_refine.ls_R_factor_R_free                       0.23 
_refine.ls_R_factor_R_free_error                 ? 
_refine.ls_R_factor_R_free_error_details         ? 
_refine.ls_percent_reflns_R_free                 ? 
_refine.ls_number_reflns_R_free                  1691 
_refine.ls_number_parameters                     ? 
_refine.ls_number_restraints                     ? 
_refine.occupancy_min                            ? 
_refine.occupancy_max                            ? 
_refine.B_iso_mean                               ? 
_refine.aniso_B[1][1]                            ? 
_refine.aniso_B[2][2]                            ? 
_refine.aniso_B[3][3]                            ? 
_refine.aniso_B[1][2]                            ? 
_refine.aniso_B[1][3]                            ? 
_refine.aniso_B[2][3]                            ? 
_refine.solvent_model_details                    ? 
_refine.solvent_model_param_ksol                 ? 
_refine.solvent_model_param_bsol                 ? 
_refine.pdbx_ls_cross_valid_method               THROUGHOUT 
_refine.details                                  ? 
_refine.pdbx_starting_model                      1MUP 
_refine.pdbx_method_to_determine_struct          'MOLECULAR REPLACEMENT' 
_refine.pdbx_isotropic_thermal_model             ? 
_refine.pdbx_stereochemistry_target_values       'Engh & Huber' 
_refine.pdbx_stereochem_target_val_spec_case     ? 
_refine.pdbx_R_Free_selection_details            random 
_refine.pdbx_overall_ESU_R_Free                  ? 
_refine.overall_SU_B                             ? 
_refine.ls_redundancy_reflns_obs                 ? 
_refine.B_iso_min                                ? 
_refine.B_iso_max                                ? 
_refine.correlation_coeff_Fo_to_Fc               ? 
_refine.correlation_coeff_Fo_to_Fc_free          ? 
_refine.overall_SU_R_Cruickshank_DPI             ? 
_refine.overall_SU_R_free                        ? 
_refine.overall_SU_ML                            ? 
_refine.pdbx_overall_ESU_R                       ? 
_refine.pdbx_data_cutoff_high_rms_absF           ? 
_refine.pdbx_solvent_vdw_probe_radii             ? 
_refine.pdbx_solvent_ion_probe_radii             ? 
_refine.pdbx_solvent_shrinkage_radii             ? 
_refine.ls_wR_factor_R_free                      ? 
_refine.ls_wR_factor_R_work                      ? 
_refine.overall_FOM_free_R_set                   ? 
_refine.overall_FOM_work_R_set                   ? 
_refine.pdbx_refine_id                           'X-RAY DIFFRACTION' 
_refine.pdbx_diffrn_id                           1 
_refine.pdbx_TLS_residual_ADP_flag               ? 
_refine.pdbx_overall_phase_error                 ? 
_refine.pdbx_overall_SU_R_free_Cruickshank_DPI   ? 
_refine.pdbx_overall_SU_R_Blow_DPI               ? 
_refine.pdbx_overall_SU_R_free_Blow_DPI          ? 
# 
_refine_hist.pdbx_refine_id                   'X-RAY DIFFRACTION' 
_refine_hist.cycle_id                         LAST 
_refine_hist.pdbx_number_atoms_protein        1228 
_refine_hist.pdbx_number_atoms_nucleic_acid   0 
_refine_hist.pdbx_number_atoms_ligand         17 
_refine_hist.number_atoms_solvent             92 
_refine_hist.number_atoms_total               1337 
_refine_hist.d_res_high                       2.0 
_refine_hist.d_res_low                        30 
# 
loop_
_refine_ls_restr.type 
_refine_ls_restr.dev_ideal 
_refine_ls_restr.dev_ideal_target 
_refine_ls_restr.weight 
_refine_ls_restr.number 
_refine_ls_restr.pdbx_refine_id 
_refine_ls_restr.pdbx_restraint_function 
c_angle_deg 1.668 ? ? ? 'X-RAY DIFFRACTION' ? 
c_bond_d    0.009 ? ? ? 'X-RAY DIFFRACTION' ? 
# 
_struct.entry_id                  1I05 
_struct.title                     
'CRYSTAL STRUCTURE OF MOUSE MAJOR URINARY PROTEIN (MUP-I) COMPLEXED WITH HYDROXY-METHYL-HEPTANONE' 
_struct.pdbx_model_details        ? 
_struct.pdbx_CASP_flag            ? 
_struct.pdbx_model_type_details   ? 
# 
_struct_keywords.entry_id        1I05 
_struct_keywords.pdbx_keywords   'TRANSPORT PROTEIN' 
_struct_keywords.text            'lipocalin, beta-barrel, pheromone, TRANSPORT PROTEIN' 
# 
loop_
_struct_asym.id 
_struct_asym.pdbx_blank_PDB_chainid_flag 
_struct_asym.pdbx_modified 
_struct_asym.entity_id 
_struct_asym.details 
A N N 1 ? 
B N N 2 ? 
C N N 2 ? 
D N N 2 ? 
E N N 2 ? 
F N N 2 ? 
G N N 2 ? 
H N N 2 ? 
I N N 3 ? 
J N N 4 ? 
# 
_struct_ref.id                         1 
_struct_ref.db_name                    UNP 
_struct_ref.db_code                    MUP6_MOUSE 
_struct_ref.entity_id                  1 
_struct_ref.pdbx_db_accession          P02762 
_struct_ref.pdbx_align_begin           1 
_struct_ref.pdbx_seq_one_letter_code   
;MKMLLLLCLGLTLVCVHAEEASSTGRNFNVEKINGEWHTIILASDKREKIEDNGNFRLFLEQIHVLENSLVLKFHTVRDE
ECSELSMVADKTEKAGEYSVTYDGFNTFTIPKTDYDNFLMAHLINEKDGETFQLMGLYGREPDLSSDIKERFAQLCEEHG
ILRENIIDLSNANRCLQARE
;
_struct_ref.pdbx_db_isoform            ? 
# 
_struct_ref_seq.align_id                      1 
_struct_ref_seq.ref_id                        1 
_struct_ref_seq.pdbx_PDB_id_code              1I05 
_struct_ref_seq.pdbx_strand_id                A 
_struct_ref_seq.seq_align_beg                 1 
_struct_ref_seq.pdbx_seq_align_beg_ins_code   ? 
_struct_ref_seq.seq_align_end                 180 
_struct_ref_seq.pdbx_seq_align_end_ins_code   ? 
_struct_ref_seq.pdbx_db_accession             P02762 
_struct_ref_seq.db_align_beg                  1 
_struct_ref_seq.pdbx_db_align_beg_ins_code    ? 
_struct_ref_seq.db_align_end                  180 
_struct_ref_seq.pdbx_db_align_end_ins_code    ? 
_struct_ref_seq.pdbx_auth_seq_align_beg       1 
_struct_ref_seq.pdbx_auth_seq_align_end       180 
# 
_pdbx_struct_assembly.id                   1 
_pdbx_struct_assembly.details              author_defined_assembly 
_pdbx_struct_assembly.method_details       ? 
_pdbx_struct_assembly.oligomeric_details   monomeric 
_pdbx_struct_assembly.oligomeric_count     1 
# 
_pdbx_struct_assembly_gen.assembly_id       1 
_pdbx_struct_assembly_gen.oper_expression   1 
_pdbx_struct_assembly_gen.asym_id_list      A,B,C,D,E,F,G,H,I,J 
# 
_pdbx_struct_oper_list.id                   1 
_pdbx_struct_oper_list.type                 'identity operation' 
_pdbx_struct_oper_list.name                 1_555 
_pdbx_struct_oper_list.symmetry_operation   x,y,z 
_pdbx_struct_oper_list.matrix[1][1]         1.0000000000 
_pdbx_struct_oper_list.matrix[1][2]         0.0000000000 
_pdbx_struct_oper_list.matrix[1][3]         0.0000000000 
_pdbx_struct_oper_list.vector[1]            0.0000000000 
_pdbx_struct_oper_list.matrix[2][1]         0.0000000000 
_pdbx_struct_oper_list.matrix[2][2]         1.0000000000 
_pdbx_struct_oper_list.matrix[2][3]         0.0000000000 
_pdbx_struct_oper_list.vector[2]            0.0000000000 
_pdbx_struct_oper_list.matrix[3][1]         0.0000000000 
_pdbx_struct_oper_list.matrix[3][2]         0.0000000000 
_pdbx_struct_oper_list.matrix[3][3]         1.0000000000 
_pdbx_struct_oper_list.vector[3]            0.0000000000 
# 
loop_
_struct_conf.conf_type_id 
_struct_conf.id 
_struct_conf.pdbx_PDB_helix_id 
_struct_conf.beg_label_comp_id 
_struct_conf.beg_label_asym_id 
_struct_conf.beg_label_seq_id 
_struct_conf.pdbx_beg_PDB_ins_code 
_struct_conf.end_label_comp_id 
_struct_conf.end_label_asym_id 
_struct_conf.end_label_seq_id 
_struct_conf.pdbx_end_PDB_ins_code 
_struct_conf.beg_auth_comp_id 
_struct_conf.beg_auth_asym_id 
_struct_conf.beg_auth_seq_id 
_struct_conf.end_auth_comp_id 
_struct_conf.end_auth_asym_id 
_struct_conf.end_auth_seq_id 
_struct_conf.pdbx_PDB_helix_class 
_struct_conf.details 
_struct_conf.pdbx_PDB_helix_length 
HELX_P HELX_P1 1 ASN A 29  ? ASN A 34  ? ASN A 29  ASN A 34  5 ? 6  
HELX_P HELX_P2 2 LYS A 46  ? GLU A 51  ? LYS A 46  GLU A 51  5 ? 6  
HELX_P HELX_P3 3 SER A 145 ? HIS A 159 ? SER A 145 HIS A 159 1 ? 15 
HELX_P HELX_P4 4 LEU A 162 ? GLU A 164 ? LEU A 162 GLU A 164 5 ? 3  
# 
_struct_conf_type.id          HELX_P 
_struct_conf_type.criteria    ? 
_struct_conf_type.reference   ? 
# 
loop_
_struct_conn.id 
_struct_conn.conn_type_id 
_struct_conn.pdbx_leaving_atom_flag 
_struct_conn.pdbx_PDB_id 
_struct_conn.ptnr1_label_asym_id 
_struct_conn.ptnr1_label_comp_id 
_struct_conn.ptnr1_label_seq_id 
_struct_conn.ptnr1_label_atom_id 
_struct_conn.pdbx_ptnr1_label_alt_id 
_struct_conn.pdbx_ptnr1_PDB_ins_code 
_struct_conn.pdbx_ptnr1_standard_comp_id 
_struct_conn.ptnr1_symmetry 
_struct_conn.ptnr2_label_asym_id 
_struct_conn.ptnr2_label_comp_id 
_struct_conn.ptnr2_label_seq_id 
_struct_conn.ptnr2_label_atom_id 
_struct_conn.pdbx_ptnr2_label_alt_id 
_struct_conn.pdbx_ptnr2_PDB_ins_code 
_struct_conn.ptnr1_auth_asym_id 
_struct_conn.ptnr1_auth_comp_id 
_struct_conn.ptnr1_auth_seq_id 
_struct_conn.ptnr2_auth_asym_id 
_struct_conn.ptnr2_auth_comp_id 
_struct_conn.ptnr2_auth_seq_id 
_struct_conn.ptnr2_symmetry 
_struct_conn.pdbx_ptnr3_label_atom_id 
_struct_conn.pdbx_ptnr3_label_seq_id 
_struct_conn.pdbx_ptnr3_label_comp_id 
_struct_conn.pdbx_ptnr3_label_asym_id 
_struct_conn.pdbx_ptnr3_label_alt_id 
_struct_conn.pdbx_ptnr3_PDB_ins_code 
_struct_conn.details 
_struct_conn.pdbx_dist_value 
_struct_conn.pdbx_value_order 
_struct_conn.pdbx_role 
disulf1  disulf ? ? A CYS 82  SG  ? ? ? 1_555 A CYS 175 SG ? ? A CYS 82  A CYS 175 1_555 ? ? ? ? ? ? ? 2.030 ? ? 
metalc1  metalc ? ? A GLU 36  OE1 ? ? ? 1_555 C CD  .   CD ? ? A GLU 36  A CD  402 1_555 ? ? ? ? ? ? ? 2.688 ? ? 
metalc2  metalc ? ? A GLU 36  OE2 ? ? ? 1_555 C CD  .   CD ? ? A GLU 36  A CD  402 1_555 ? ? ? ? ? ? ? 2.489 ? ? 
metalc3  metalc ? ? A GLU 36  OE2 ? ? ? 1_555 F CD  .   CD ? ? A GLU 36  A CD  405 1_555 ? ? ? ? ? ? ? 2.313 ? ? 
metalc4  metalc ? ? A HIS 38  NE2 ? ? ? 1_555 F CD  .   CD ? ? A HIS 38  A CD  405 1_555 ? ? ? ? ? ? ? 2.206 ? ? 
metalc5  metalc ? ? A GLU 61  OE2 ? ? ? 1_555 E CD  .   CD ? ? A GLU 61  A CD  404 1_555 ? ? ? ? ? ? ? 2.457 ? ? 
metalc6  metalc ? ? A GLU 61  OE1 ? ? ? 1_555 E CD  .   CD ? ? A GLU 61  A CD  404 1_555 ? ? ? ? ? ? ? 2.386 ? ? 
metalc7  metalc ? ? A HIS 64  NE2 ? ? ? 1_555 G CD  .   CD ? ? A HIS 64  A CD  406 1_555 ? ? ? ? ? ? ? 2.343 ? ? 
metalc8  metalc ? ? A ASP 79  OD1 ? ? ? 1_555 D CD  .   CD ? ? A ASP 79  A CD  403 1_555 ? ? ? ? ? ? ? 2.286 ? ? 
metalc9  metalc ? ? A ASP 79  OD2 ? ? ? 1_555 D CD  .   CD ? ? A ASP 79  A CD  403 1_555 ? ? ? ? ? ? ? 2.895 ? ? 
metalc10 metalc ? ? A GLU 80  OE1 ? ? ? 3_544 B CD  .   CD ? ? A GLU 80  A CD  401 1_555 ? ? ? ? ? ? ? 2.465 ? ? 
metalc11 metalc ? ? A GLU 80  OE2 ? ? ? 3_544 B CD  .   CD ? ? A GLU 80  A CD  401 1_555 ? ? ? ? ? ? ? 2.428 ? ? 
metalc12 metalc ? ? A GLU 84  OE1 ? ? ? 1_555 E CD  .   CD ? ? A GLU 84  A CD  404 1_555 ? ? ? ? ? ? ? 2.594 ? ? 
metalc13 metalc ? ? A ASP 116 OD1 ? ? ? 1_555 H CD  .   CD ? ? A ASP 116 A CD  407 1_555 ? ? ? ? ? ? ? 3.113 ? ? 
metalc14 metalc ? ? A ASP 116 OD2 ? ? ? 1_555 H CD  .   CD ? ? A ASP 116 A CD  407 1_555 ? ? ? ? ? ? ? 2.373 ? ? 
metalc15 metalc ? ? A HIS 122 NE2 ? ? ? 1_555 B CD  .   CD ? ? A HIS 122 A CD  401 1_555 ? ? ? ? ? ? ? 2.368 ? ? 
metalc16 metalc ? ? A GLU 126 OE2 ? ? ? 4_555 D CD  .   CD ? ? A GLU 126 A CD  403 1_555 ? ? ? ? ? ? ? 2.079 ? ? 
metalc17 metalc ? ? A GLN 133 OE1 ? ? ? 1_555 B CD  .   CD ? ? A GLN 133 A CD  401 1_555 ? ? ? ? ? ? ? 2.217 ? ? 
metalc18 metalc ? ? A SER 146 OG  ? ? ? 5_555 G CD  .   CD ? ? A SER 146 A CD  406 1_555 ? ? ? ? ? ? ? 2.560 ? ? 
metalc19 metalc ? ? A GLU 157 OE1 ? ? ? 5_555 C CD  .   CD ? ? A GLU 157 A CD  402 1_555 ? ? ? ? ? ? ? 2.303 ? ? 
metalc20 metalc ? ? A GLU 157 OE2 ? ? ? 5_555 C CD  .   CD ? ? A GLU 157 A CD  402 1_555 ? ? ? ? ? ? ? 2.380 ? ? 
metalc21 metalc ? ? A HIS 159 ND1 ? ? ? 1_555 B CD  .   CD ? ? A HIS 159 A CD  401 1_555 ? ? ? ? ? ? ? 2.357 ? ? 
metalc22 metalc ? ? B CD  .   CD  ? ? ? 1_555 J HOH .   O  ? ? A CD  401 A HOH 551 1_555 ? ? ? ? ? ? ? 2.544 ? ? 
metalc23 metalc ? ? C CD  .   CD  ? ? ? 1_555 J HOH .   O  ? ? A CD  402 A HOH 508 1_555 ? ? ? ? ? ? ? 2.107 ? ? 
metalc24 metalc ? ? C CD  .   CD  ? ? ? 1_555 J HOH .   O  ? ? A CD  402 A HOH 509 1_555 ? ? ? ? ? ? ? 2.321 ? ? 
metalc25 metalc ? ? C CD  .   CD  ? ? ? 1_555 J HOH .   O  ? ? A CD  402 A HOH 557 5_555 ? ? ? ? ? ? ? 2.705 ? ? 
metalc26 metalc ? ? D CD  .   CD  ? ? ? 1_555 J HOH .   O  ? ? A CD  403 A HOH 502 1_555 ? ? ? ? ? ? ? 2.384 ? ? 
metalc27 metalc ? ? D CD  .   CD  ? ? ? 1_555 J HOH .   O  ? ? A CD  403 A HOH 566 4_555 ? ? ? ? ? ? ? 2.792 ? ? 
metalc28 metalc ? ? F CD  .   CD  ? ? ? 1_555 J HOH .   O  ? ? A CD  405 A HOH 522 1_555 ? ? ? ? ? ? ? 3.049 ? ? 
metalc29 metalc ? ? F CD  .   CD  ? ? ? 1_555 J HOH .   O  ? ? A CD  405 A HOH 557 5_555 ? ? ? ? ? ? ? 2.784 ? ? 
metalc30 metalc ? ? G CD  .   CD  ? ? ? 1_555 J HOH .   O  ? ? A CD  406 A HOH 540 5_555 ? ? ? ? ? ? ? 2.757 ? ? 
metalc31 metalc ? ? G CD  .   CD  ? ? ? 1_555 J HOH .   O  ? ? A CD  406 A HOH 549 1_555 ? ? ? ? ? ? ? 2.466 ? ? 
metalc32 metalc ? ? G CD  .   CD  ? ? ? 1_555 J HOH .   O  ? ? A CD  406 A HOH 567 1_555 ? ? ? ? ? ? ? 3.041 ? ? 
metalc33 metalc ? ? H CD  .   CD  ? ? ? 1_555 J HOH .   O  ? ? A CD  407 A HOH 596 1_555 ? ? ? ? ? ? ? 2.905 ? ? 
# 
loop_
_struct_conn_type.id 
_struct_conn_type.criteria 
_struct_conn_type.reference 
disulf ? ? 
metalc ? ? 
# 
loop_
_pdbx_struct_conn_angle.id 
_pdbx_struct_conn_angle.ptnr1_label_atom_id 
_pdbx_struct_conn_angle.ptnr1_label_alt_id 
_pdbx_struct_conn_angle.ptnr1_label_asym_id 
_pdbx_struct_conn_angle.ptnr1_label_comp_id 
_pdbx_struct_conn_angle.ptnr1_label_seq_id 
_pdbx_struct_conn_angle.ptnr1_auth_atom_id 
_pdbx_struct_conn_angle.ptnr1_auth_asym_id 
_pdbx_struct_conn_angle.ptnr1_auth_comp_id 
_pdbx_struct_conn_angle.ptnr1_auth_seq_id 
_pdbx_struct_conn_angle.ptnr1_PDB_ins_code 
_pdbx_struct_conn_angle.ptnr1_symmetry 
_pdbx_struct_conn_angle.ptnr2_label_atom_id 
_pdbx_struct_conn_angle.ptnr2_label_alt_id 
_pdbx_struct_conn_angle.ptnr2_label_asym_id 
_pdbx_struct_conn_angle.ptnr2_label_comp_id 
_pdbx_struct_conn_angle.ptnr2_label_seq_id 
_pdbx_struct_conn_angle.ptnr2_auth_atom_id 
_pdbx_struct_conn_angle.ptnr2_auth_asym_id 
_pdbx_struct_conn_angle.ptnr2_auth_comp_id 
_pdbx_struct_conn_angle.ptnr2_auth_seq_id 
_pdbx_struct_conn_angle.ptnr2_PDB_ins_code 
_pdbx_struct_conn_angle.ptnr2_symmetry 
_pdbx_struct_conn_angle.ptnr3_label_atom_id 
_pdbx_struct_conn_angle.ptnr3_label_alt_id 
_pdbx_struct_conn_angle.ptnr3_label_asym_id 
_pdbx_struct_conn_angle.ptnr3_label_comp_id 
_pdbx_struct_conn_angle.ptnr3_label_seq_id 
_pdbx_struct_conn_angle.ptnr3_auth_atom_id 
_pdbx_struct_conn_angle.ptnr3_auth_asym_id 
_pdbx_struct_conn_angle.ptnr3_auth_comp_id 
_pdbx_struct_conn_angle.ptnr3_auth_seq_id 
_pdbx_struct_conn_angle.ptnr3_PDB_ins_code 
_pdbx_struct_conn_angle.ptnr3_symmetry 
_pdbx_struct_conn_angle.value 
_pdbx_struct_conn_angle.value_esd 
1  OE1 ? A GLU 36  ? A GLU 36  ? 1_555 CD ? C CD . ? A CD 402 ? 1_555 OE2 ? A GLU 36  ? A GLU 36  ? 1_555 50.2  ? 
2  OE1 ? A GLU 36  ? A GLU 36  ? 1_555 CD ? C CD . ? A CD 402 ? 1_555 OE1 ? A GLU 157 ? A GLU 157 ? 5_555 81.3  ? 
3  OE2 ? A GLU 36  ? A GLU 36  ? 1_555 CD ? C CD . ? A CD 402 ? 1_555 OE1 ? A GLU 157 ? A GLU 157 ? 5_555 131.3 ? 
4  OE1 ? A GLU 36  ? A GLU 36  ? 1_555 CD ? C CD . ? A CD 402 ? 1_555 OE2 ? A GLU 157 ? A GLU 157 ? 5_555 137.2 ? 
5  OE2 ? A GLU 36  ? A GLU 36  ? 1_555 CD ? C CD . ? A CD 402 ? 1_555 OE2 ? A GLU 157 ? A GLU 157 ? 5_555 170.8 ? 
6  OE1 ? A GLU 157 ? A GLU 157 ? 5_555 CD ? C CD . ? A CD 402 ? 1_555 OE2 ? A GLU 157 ? A GLU 157 ? 5_555 56.0  ? 
7  OE1 ? A GLU 36  ? A GLU 36  ? 1_555 CD ? C CD . ? A CD 402 ? 1_555 O   ? J HOH .   ? A HOH 508 ? 1_555 82.1  ? 
8  OE2 ? A GLU 36  ? A GLU 36  ? 1_555 CD ? C CD . ? A CD 402 ? 1_555 O   ? J HOH .   ? A HOH 508 ? 1_555 77.6  ? 
9  OE1 ? A GLU 157 ? A GLU 157 ? 5_555 CD ? C CD . ? A CD 402 ? 1_555 O   ? J HOH .   ? A HOH 508 ? 1_555 94.5  ? 
10 OE2 ? A GLU 157 ? A GLU 157 ? 5_555 CD ? C CD . ? A CD 402 ? 1_555 O   ? J HOH .   ? A HOH 508 ? 1_555 97.1  ? 
11 OE1 ? A GLU 36  ? A GLU 36  ? 1_555 CD ? C CD . ? A CD 402 ? 1_555 O   ? J HOH .   ? A HOH 509 ? 1_555 85.4  ? 
12 OE2 ? A GLU 36  ? A GLU 36  ? 1_555 CD ? C CD . ? A CD 402 ? 1_555 O   ? J HOH .   ? A HOH 509 ? 1_555 97.7  ? 
13 OE1 ? A GLU 157 ? A GLU 157 ? 5_555 CD ? C CD . ? A CD 402 ? 1_555 O   ? J HOH .   ? A HOH 509 ? 1_555 79.1  ? 
14 OE2 ? A GLU 157 ? A GLU 157 ? 5_555 CD ? C CD . ? A CD 402 ? 1_555 O   ? J HOH .   ? A HOH 509 ? 1_555 89.0  ? 
15 O   ? J HOH .   ? A HOH 508 ? 1_555 CD ? C CD . ? A CD 402 ? 1_555 O   ? J HOH .   ? A HOH 509 ? 1_555 166.7 ? 
16 OE1 ? A GLU 36  ? A GLU 36  ? 1_555 CD ? C CD . ? A CD 402 ? 1_555 O   ? J HOH .   ? A HOH 557 ? 5_555 139.5 ? 
17 OE2 ? A GLU 36  ? A GLU 36  ? 1_555 CD ? C CD . ? A CD 402 ? 1_555 O   ? J HOH .   ? A HOH 557 ? 5_555 90.0  ? 
18 OE1 ? A GLU 157 ? A GLU 157 ? 5_555 CD ? C CD . ? A CD 402 ? 1_555 O   ? J HOH .   ? A HOH 557 ? 5_555 138.5 ? 
19 OE2 ? A GLU 157 ? A GLU 157 ? 5_555 CD ? C CD . ? A CD 402 ? 1_555 O   ? J HOH .   ? A HOH 557 ? 5_555 83.2  ? 
20 O   ? J HOH .   ? A HOH 508 ? 1_555 CD ? C CD . ? A CD 402 ? 1_555 O   ? J HOH .   ? A HOH 557 ? 5_555 98.0  ? 
21 O   ? J HOH .   ? A HOH 509 ? 1_555 CD ? C CD . ? A CD 402 ? 1_555 O   ? J HOH .   ? A HOH 557 ? 5_555 94.4  ? 
22 OE2 ? A GLU 36  ? A GLU 36  ? 1_555 CD ? F CD . ? A CD 405 ? 1_555 NE2 ? A HIS 38  ? A HIS 38  ? 1_555 91.8  ? 
23 OE2 ? A GLU 36  ? A GLU 36  ? 1_555 CD ? F CD . ? A CD 405 ? 1_555 O   ? J HOH .   ? A HOH 522 ? 1_555 87.1  ? 
24 NE2 ? A HIS 38  ? A HIS 38  ? 1_555 CD ? F CD . ? A CD 405 ? 1_555 O   ? J HOH .   ? A HOH 522 ? 1_555 153.7 ? 
25 OE2 ? A GLU 36  ? A GLU 36  ? 1_555 CD ? F CD . ? A CD 405 ? 1_555 O   ? J HOH .   ? A HOH 557 ? 5_555 91.8  ? 
26 NE2 ? A HIS 38  ? A HIS 38  ? 1_555 CD ? F CD . ? A CD 405 ? 1_555 O   ? J HOH .   ? A HOH 557 ? 5_555 111.4 ? 
27 O   ? J HOH .   ? A HOH 522 ? 1_555 CD ? F CD . ? A CD 405 ? 1_555 O   ? J HOH .   ? A HOH 557 ? 5_555 94.9  ? 
28 OE2 ? A GLU 61  ? A GLU 61  ? 1_555 CD ? E CD . ? A CD 404 ? 1_555 OE1 ? A GLU 61  ? A GLU 61  ? 1_555 54.1  ? 
29 OE2 ? A GLU 61  ? A GLU 61  ? 1_555 CD ? E CD . ? A CD 404 ? 1_555 OE1 ? A GLU 84  ? A GLU 84  ? 1_555 97.3  ? 
30 OE1 ? A GLU 61  ? A GLU 61  ? 1_555 CD ? E CD . ? A CD 404 ? 1_555 OE1 ? A GLU 84  ? A GLU 84  ? 1_555 97.0  ? 
31 NE2 ? A HIS 64  ? A HIS 64  ? 1_555 CD ? G CD . ? A CD 406 ? 1_555 OG  ? A SER 146 ? A SER 146 ? 5_555 80.9  ? 
32 NE2 ? A HIS 64  ? A HIS 64  ? 1_555 CD ? G CD . ? A CD 406 ? 1_555 O   ? J HOH .   ? A HOH 540 ? 5_555 161.9 ? 
33 OG  ? A SER 146 ? A SER 146 ? 5_555 CD ? G CD . ? A CD 406 ? 1_555 O   ? J HOH .   ? A HOH 540 ? 5_555 82.0  ? 
34 NE2 ? A HIS 64  ? A HIS 64  ? 1_555 CD ? G CD . ? A CD 406 ? 1_555 O   ? J HOH .   ? A HOH 549 ? 1_555 80.9  ? 
35 OG  ? A SER 146 ? A SER 146 ? 5_555 CD ? G CD . ? A CD 406 ? 1_555 O   ? J HOH .   ? A HOH 549 ? 1_555 114.3 ? 
36 O   ? J HOH .   ? A HOH 540 ? 5_555 CD ? G CD . ? A CD 406 ? 1_555 O   ? J HOH .   ? A HOH 549 ? 1_555 111.6 ? 
37 NE2 ? A HIS 64  ? A HIS 64  ? 1_555 CD ? G CD . ? A CD 406 ? 1_555 O   ? J HOH .   ? A HOH 567 ? 1_555 101.1 ? 
38 OG  ? A SER 146 ? A SER 146 ? 5_555 CD ? G CD . ? A CD 406 ? 1_555 O   ? J HOH .   ? A HOH 567 ? 1_555 168.7 ? 
39 O   ? J HOH .   ? A HOH 540 ? 5_555 CD ? G CD . ? A CD 406 ? 1_555 O   ? J HOH .   ? A HOH 567 ? 1_555 96.9  ? 
40 O   ? J HOH .   ? A HOH 549 ? 1_555 CD ? G CD . ? A CD 406 ? 1_555 O   ? J HOH .   ? A HOH 567 ? 1_555 55.5  ? 
41 OD1 ? A ASP 79  ? A ASP 79  ? 1_555 CD ? D CD . ? A CD 403 ? 1_555 OD2 ? A ASP 79  ? A ASP 79  ? 1_555 48.4  ? 
42 OD1 ? A ASP 79  ? A ASP 79  ? 1_555 CD ? D CD . ? A CD 403 ? 1_555 OE2 ? A GLU 126 ? A GLU 126 ? 4_555 114.4 ? 
43 OD2 ? A ASP 79  ? A ASP 79  ? 1_555 CD ? D CD . ? A CD 403 ? 1_555 OE2 ? A GLU 126 ? A GLU 126 ? 4_555 140.3 ? 
44 OD1 ? A ASP 79  ? A ASP 79  ? 1_555 CD ? D CD . ? A CD 403 ? 1_555 O   ? J HOH .   ? A HOH 502 ? 1_555 81.3  ? 
45 OD2 ? A ASP 79  ? A ASP 79  ? 1_555 CD ? D CD . ? A CD 403 ? 1_555 O   ? J HOH .   ? A HOH 502 ? 1_555 110.1 ? 
46 OE2 ? A GLU 126 ? A GLU 126 ? 4_555 CD ? D CD . ? A CD 403 ? 1_555 O   ? J HOH .   ? A HOH 502 ? 1_555 99.3  ? 
47 OD1 ? A ASP 79  ? A ASP 79  ? 1_555 CD ? D CD . ? A CD 403 ? 1_555 O   ? J HOH .   ? A HOH 566 ? 4_555 141.0 ? 
48 OD2 ? A ASP 79  ? A ASP 79  ? 1_555 CD ? D CD . ? A CD 403 ? 1_555 O   ? J HOH .   ? A HOH 566 ? 4_555 129.3 ? 
49 OE2 ? A GLU 126 ? A GLU 126 ? 4_555 CD ? D CD . ? A CD 403 ? 1_555 O   ? J HOH .   ? A HOH 566 ? 4_555 87.4  ? 
50 O   ? J HOH .   ? A HOH 502 ? 1_555 CD ? D CD . ? A CD 403 ? 1_555 O   ? J HOH .   ? A HOH 566 ? 4_555 62.7  ? 
51 OE1 ? A GLU 80  ? A GLU 80  ? 3_544 CD ? B CD . ? A CD 401 ? 1_555 OE2 ? A GLU 80  ? A GLU 80  ? 3_544 53.3  ? 
52 OE1 ? A GLU 80  ? A GLU 80  ? 3_544 CD ? B CD . ? A CD 401 ? 1_555 NE2 ? A HIS 122 ? A HIS 122 ? 1_555 91.4  ? 
53 OE2 ? A GLU 80  ? A GLU 80  ? 3_544 CD ? B CD . ? A CD 401 ? 1_555 NE2 ? A HIS 122 ? A HIS 122 ? 1_555 89.1  ? 
54 OE1 ? A GLU 80  ? A GLU 80  ? 3_544 CD ? B CD . ? A CD 401 ? 1_555 OE1 ? A GLN 133 ? A GLN 133 ? 1_555 151.1 ? 
55 OE2 ? A GLU 80  ? A GLU 80  ? 3_544 CD ? B CD . ? A CD 401 ? 1_555 OE1 ? A GLN 133 ? A GLN 133 ? 1_555 98.4  ? 
56 NE2 ? A HIS 122 ? A HIS 122 ? 1_555 CD ? B CD . ? A CD 401 ? 1_555 OE1 ? A GLN 133 ? A GLN 133 ? 1_555 94.6  ? 
57 OE1 ? A GLU 80  ? A GLU 80  ? 3_544 CD ? B CD . ? A CD 401 ? 1_555 ND1 ? A HIS 159 ? A HIS 159 ? 1_555 96.6  ? 
58 OE2 ? A GLU 80  ? A GLU 80  ? 3_544 CD ? B CD . ? A CD 401 ? 1_555 ND1 ? A HIS 159 ? A HIS 159 ? 1_555 149.9 ? 
59 NE2 ? A HIS 122 ? A HIS 122 ? 1_555 CD ? B CD . ? A CD 401 ? 1_555 ND1 ? A HIS 159 ? A HIS 159 ? 1_555 90.3  ? 
60 OE1 ? A GLN 133 ? A GLN 133 ? 1_555 CD ? B CD . ? A CD 401 ? 1_555 ND1 ? A HIS 159 ? A HIS 159 ? 1_555 111.6 ? 
61 OE1 ? A GLU 80  ? A GLU 80  ? 3_544 CD ? B CD . ? A CD 401 ? 1_555 O   ? J HOH .   ? A HOH 551 ? 1_555 89.1  ? 
62 OE2 ? A GLU 80  ? A GLU 80  ? 3_544 CD ? B CD . ? A CD 401 ? 1_555 O   ? J HOH .   ? A HOH 551 ? 1_555 90.4  ? 
63 NE2 ? A HIS 122 ? A HIS 122 ? 1_555 CD ? B CD . ? A CD 401 ? 1_555 O   ? J HOH .   ? A HOH 551 ? 1_555 179.0 ? 
64 OE1 ? A GLN 133 ? A GLN 133 ? 1_555 CD ? B CD . ? A CD 401 ? 1_555 O   ? J HOH .   ? A HOH 551 ? 1_555 84.6  ? 
65 ND1 ? A HIS 159 ? A HIS 159 ? 1_555 CD ? B CD . ? A CD 401 ? 1_555 O   ? J HOH .   ? A HOH 551 ? 1_555 90.5  ? 
66 OD1 ? A ASP 116 ? A ASP 116 ? 1_555 CD ? H CD . ? A CD 407 ? 1_555 OD2 ? A ASP 116 ? A ASP 116 ? 1_555 44.8  ? 
67 OD1 ? A ASP 116 ? A ASP 116 ? 1_555 CD ? H CD . ? A CD 407 ? 1_555 O   ? J HOH .   ? A HOH 596 ? 1_555 104.1 ? 
68 OD2 ? A ASP 116 ? A ASP 116 ? 1_555 CD ? H CD . ? A CD 407 ? 1_555 O   ? J HOH .   ? A HOH 596 ? 1_555 88.8  ? 
# 
_pdbx_modification_feature.ordinal                            1 
_pdbx_modification_feature.label_comp_id                      CYS 
_pdbx_modification_feature.label_asym_id                      A 
_pdbx_modification_feature.label_seq_id                       82 
_pdbx_modification_feature.label_alt_id                       ? 
_pdbx_modification_feature.modified_residue_label_comp_id     CYS 
_pdbx_modification_feature.modified_residue_label_asym_id     A 
_pdbx_modification_feature.modified_residue_label_seq_id      175 
_pdbx_modification_feature.modified_residue_label_alt_id      ? 
_pdbx_modification_feature.auth_comp_id                       CYS 
_pdbx_modification_feature.auth_asym_id                       A 
_pdbx_modification_feature.auth_seq_id                        82 
_pdbx_modification_feature.PDB_ins_code                       ? 
_pdbx_modification_feature.symmetry                           1_555 
_pdbx_modification_feature.modified_residue_auth_comp_id      CYS 
_pdbx_modification_feature.modified_residue_auth_asym_id      A 
_pdbx_modification_feature.modified_residue_auth_seq_id       175 
_pdbx_modification_feature.modified_residue_PDB_ins_code      ? 
_pdbx_modification_feature.modified_residue_symmetry          1_555 
_pdbx_modification_feature.comp_id_linking_atom               SG 
_pdbx_modification_feature.modified_residue_id_linking_atom   SG 
_pdbx_modification_feature.modified_residue_id                . 
_pdbx_modification_feature.ref_pcm_id                         . 
_pdbx_modification_feature.ref_comp_id                        . 
_pdbx_modification_feature.type                               None 
_pdbx_modification_feature.category                           'Disulfide bridge' 
# 
_struct_sheet.id               A 
_struct_sheet.type             ? 
_struct_sheet.number_strands   10 
_struct_sheet.details          ? 
# 
loop_
_struct_sheet_order.sheet_id 
_struct_sheet_order.range_id_1 
_struct_sheet_order.range_id_2 
_struct_sheet_order.offset 
_struct_sheet_order.sense 
A 1 2  ? anti-parallel 
A 2 3  ? anti-parallel 
A 3 4  ? anti-parallel 
A 4 5  ? anti-parallel 
A 5 6  ? anti-parallel 
A 6 7  ? anti-parallel 
A 7 8  ? anti-parallel 
A 8 9  ? anti-parallel 
A 9 10 ? anti-parallel 
# 
loop_
_struct_sheet_range.sheet_id 
_struct_sheet_range.id 
_struct_sheet_range.beg_label_comp_id 
_struct_sheet_range.beg_label_asym_id 
_struct_sheet_range.beg_label_seq_id 
_struct_sheet_range.pdbx_beg_PDB_ins_code 
_struct_sheet_range.end_label_comp_id 
_struct_sheet_range.end_label_asym_id 
_struct_sheet_range.end_label_seq_id 
_struct_sheet_range.pdbx_end_PDB_ins_code 
_struct_sheet_range.beg_auth_comp_id 
_struct_sheet_range.beg_auth_asym_id 
_struct_sheet_range.beg_auth_seq_id 
_struct_sheet_range.end_auth_comp_id 
_struct_sheet_range.end_auth_asym_id 
_struct_sheet_range.end_auth_seq_id 
A 1  GLY A 35  ? GLU A 36  ? GLY A 35  GLU A 36  
A 2  PHE A 59  ? VAL A 65  ? PHE A 59  VAL A 65  
A 3  SER A 69  ? ARG A 78  ? SER A 69  ARG A 78  
A 4  GLU A 81  ? LYS A 91  ? GLU A 81  LYS A 91  
A 5  TYR A 98  ? THR A 101 ? TYR A 98  THR A 101 
A 6  PHE A 105 ? THR A 113 ? PHE A 105 THR A 113 
A 7  PHE A 118 ? LYS A 127 ? PHE A 118 LYS A 127 
A 8  GLU A 130 ? GLY A 139 ? GLU A 130 GLY A 139 
A 9  HIS A 38  ? SER A 44  ? HIS A 38  SER A 44  
A 10 ILE A 166 ? ASP A 168 ? ILE A 166 ASP A 168 
# 
loop_
_pdbx_struct_sheet_hbond.sheet_id 
_pdbx_struct_sheet_hbond.range_id_1 
_pdbx_struct_sheet_hbond.range_id_2 
_pdbx_struct_sheet_hbond.range_1_label_atom_id 
_pdbx_struct_sheet_hbond.range_1_label_comp_id 
_pdbx_struct_sheet_hbond.range_1_label_asym_id 
_pdbx_struct_sheet_hbond.range_1_label_seq_id 
_pdbx_struct_sheet_hbond.range_1_PDB_ins_code 
_pdbx_struct_sheet_hbond.range_1_auth_atom_id 
_pdbx_struct_sheet_hbond.range_1_auth_comp_id 
_pdbx_struct_sheet_hbond.range_1_auth_asym_id 
_pdbx_struct_sheet_hbond.range_1_auth_seq_id 
_pdbx_struct_sheet_hbond.range_2_label_atom_id 
_pdbx_struct_sheet_hbond.range_2_label_comp_id 
_pdbx_struct_sheet_hbond.range_2_label_asym_id 
_pdbx_struct_sheet_hbond.range_2_label_seq_id 
_pdbx_struct_sheet_hbond.range_2_PDB_ins_code 
_pdbx_struct_sheet_hbond.range_2_auth_atom_id 
_pdbx_struct_sheet_hbond.range_2_auth_comp_id 
_pdbx_struct_sheet_hbond.range_2_auth_asym_id 
_pdbx_struct_sheet_hbond.range_2_auth_seq_id 
A 1 2  N GLY A 35  ? N GLY A 35  O ILE A 63  ? O ILE A 63  
A 2 3  O HIS A 64  ? O HIS A 64  N VAL A 71  ? N VAL A 71  
A 3 4  O ARG A 78  ? O ARG A 78  N GLU A 81  ? N GLU A 81  
A 4 5  O ASP A 90  ? O ASP A 90  N SER A 99  ? N SER A 99  
A 5 6  N VAL A 100 ? N VAL A 100 O ASN A 106 ? O ASN A 106 
A 6 7  O LYS A 112 ? O LYS A 112 N MET A 120 ? N MET A 120 
A 7 8  N LYS A 127 ? N LYS A 127 O GLU A 130 ? O GLU A 130 
A 8 9  N GLY A 139 ? N GLY A 139 O HIS A 38  ? O HIS A 38  
A 9 10 O LEU A 42  ? O LEU A 42  N ILE A 167 ? N ILE A 167 
# 
loop_
_struct_site.id 
_struct_site.pdbx_evidence_code 
_struct_site.pdbx_auth_asym_id 
_struct_site.pdbx_auth_comp_id 
_struct_site.pdbx_auth_seq_id 
_struct_site.pdbx_auth_ins_code 
_struct_site.pdbx_num_residues 
_struct_site.details 
AC1 Software A CD  401 ? 5 'BINDING SITE FOR RESIDUE CD A 401'  
AC2 Software A CD  402 ? 6 'BINDING SITE FOR RESIDUE CD A 402'  
AC3 Software A CD  403 ? 4 'BINDING SITE FOR RESIDUE CD A 403'  
AC4 Software A CD  404 ? 2 'BINDING SITE FOR RESIDUE CD A 404'  
AC5 Software A CD  405 ? 5 'BINDING SITE FOR RESIDUE CD A 405'  
AC6 Software A CD  406 ? 5 'BINDING SITE FOR RESIDUE CD A 406'  
AC7 Software A CD  407 ? 2 'BINDING SITE FOR RESIDUE CD A 407'  
AC8 Software A LTL 408 ? 5 'BINDING SITE FOR RESIDUE LTL A 408' 
# 
loop_
_struct_site_gen.id 
_struct_site_gen.site_id 
_struct_site_gen.pdbx_num_res 
_struct_site_gen.label_comp_id 
_struct_site_gen.label_asym_id 
_struct_site_gen.label_seq_id 
_struct_site_gen.pdbx_auth_ins_code 
_struct_site_gen.auth_comp_id 
_struct_site_gen.auth_asym_id 
_struct_site_gen.auth_seq_id 
_struct_site_gen.label_atom_id 
_struct_site_gen.label_alt_id 
_struct_site_gen.symmetry 
_struct_site_gen.details 
1  AC1 5 GLU A 80  ? GLU A 80  . ? 3_544 ? 
2  AC1 5 HIS A 122 ? HIS A 122 . ? 1_555 ? 
3  AC1 5 GLN A 133 ? GLN A 133 . ? 1_555 ? 
4  AC1 5 HIS A 159 ? HIS A 159 . ? 1_555 ? 
5  AC1 5 HOH J .   ? HOH A 551 . ? 1_555 ? 
6  AC2 6 GLU A 36  ? GLU A 36  . ? 1_555 ? 
7  AC2 6 GLU A 157 ? GLU A 157 . ? 5_555 ? 
8  AC2 6 CD  F .   ? CD  A 405 . ? 1_555 ? 
9  AC2 6 HOH J .   ? HOH A 508 . ? 1_555 ? 
10 AC2 6 HOH J .   ? HOH A 509 . ? 1_555 ? 
11 AC2 6 HOH J .   ? HOH A 557 . ? 5_555 ? 
12 AC3 4 ASP A 79  ? ASP A 79  . ? 1_555 ? 
13 AC3 4 GLU A 126 ? GLU A 126 . ? 4_555 ? 
14 AC3 4 HOH J .   ? HOH A 502 . ? 1_555 ? 
15 AC3 4 HOH J .   ? HOH A 566 . ? 4_555 ? 
16 AC4 2 GLU A 61  ? GLU A 61  . ? 1_555 ? 
17 AC4 2 GLU A 84  ? GLU A 84  . ? 1_555 ? 
18 AC5 5 GLU A 36  ? GLU A 36  . ? 1_555 ? 
19 AC5 5 HIS A 38  ? HIS A 38  . ? 1_555 ? 
20 AC5 5 CD  C .   ? CD  A 402 . ? 1_555 ? 
21 AC5 5 HOH J .   ? HOH A 522 . ? 1_555 ? 
22 AC5 5 HOH J .   ? HOH A 557 . ? 5_555 ? 
23 AC6 5 HIS A 64  ? HIS A 64  . ? 1_555 ? 
24 AC6 5 SER A 146 ? SER A 146 . ? 5_555 ? 
25 AC6 5 HOH J .   ? HOH A 540 . ? 5_555 ? 
26 AC6 5 HOH J .   ? HOH A 549 . ? 1_555 ? 
27 AC6 5 HOH J .   ? HOH A 567 . ? 1_555 ? 
28 AC7 2 ASP A 116 ? ASP A 116 . ? 1_555 ? 
29 AC7 2 HOH J .   ? HOH A 596 . ? 1_555 ? 
30 AC8 5 TYR A 102 ? TYR A 102 . ? 1_555 ? 
31 AC8 5 PHE A 108 ? PHE A 108 . ? 1_555 ? 
32 AC8 5 ALA A 121 ? ALA A 121 . ? 1_555 ? 
33 AC8 5 TYR A 138 ? TYR A 138 . ? 1_555 ? 
34 AC8 5 HOH J .   ? HOH A 501 . ? 1_555 ? 
# 
_pdbx_entry_details.entry_id                   1I05 
_pdbx_entry_details.compound_details           ? 
_pdbx_entry_details.source_details             ? 
_pdbx_entry_details.nonpolymer_details         ? 
_pdbx_entry_details.sequence_details           ? 
_pdbx_entry_details.has_ligand_of_interest     ? 
_pdbx_entry_details.has_protein_modification   Y 
# 
loop_
_pdbx_validate_torsion.id 
_pdbx_validate_torsion.PDB_model_num 
_pdbx_validate_torsion.auth_comp_id 
_pdbx_validate_torsion.auth_asym_id 
_pdbx_validate_torsion.auth_seq_id 
_pdbx_validate_torsion.PDB_ins_code 
_pdbx_validate_torsion.label_alt_id 
_pdbx_validate_torsion.phi 
_pdbx_validate_torsion.psi 
1 1 ASP A 52  ? ? -29.93  -44.58  
2 1 GLU A 80  ? ? 72.07   -6.52   
3 1 THR A 92  ? ? -101.36 -162.60 
4 1 TYR A 102 ? ? -161.96 109.89  
5 1 TYR A 115 ? ? 73.53   -50.32  
6 1 ASN A 117 ? ? -130.40 -51.81  
# 
loop_
_pdbx_unobs_or_zero_occ_residues.id 
_pdbx_unobs_or_zero_occ_residues.PDB_model_num 
_pdbx_unobs_or_zero_occ_residues.polymer_flag 
_pdbx_unobs_or_zero_occ_residues.occupancy_flag 
_pdbx_unobs_or_zero_occ_residues.auth_asym_id 
_pdbx_unobs_or_zero_occ_residues.auth_comp_id 
_pdbx_unobs_or_zero_occ_residues.auth_seq_id 
_pdbx_unobs_or_zero_occ_residues.PDB_ins_code 
_pdbx_unobs_or_zero_occ_residues.label_asym_id 
_pdbx_unobs_or_zero_occ_residues.label_comp_id 
_pdbx_unobs_or_zero_occ_residues.label_seq_id 
1  1 Y 1 A MET 1   ? A MET 1   
2  1 Y 1 A LYS 2   ? A LYS 2   
3  1 Y 1 A MET 3   ? A MET 3   
4  1 Y 1 A LEU 4   ? A LEU 4   
5  1 Y 1 A LEU 5   ? A LEU 5   
6  1 Y 1 A LEU 6   ? A LEU 6   
7  1 Y 1 A LEU 7   ? A LEU 7   
8  1 Y 1 A CYS 8   ? A CYS 8   
9  1 Y 1 A LEU 9   ? A LEU 9   
10 1 Y 1 A GLY 10  ? A GLY 10  
11 1 Y 1 A LEU 11  ? A LEU 11  
12 1 Y 1 A THR 12  ? A THR 12  
13 1 Y 1 A LEU 13  ? A LEU 13  
14 1 Y 1 A VAL 14  ? A VAL 14  
15 1 Y 1 A CYS 15  ? A CYS 15  
16 1 Y 1 A VAL 16  ? A VAL 16  
17 1 Y 1 A HIS 17  ? A HIS 17  
18 1 Y 1 A ALA 18  ? A ALA 18  
19 1 Y 1 A GLU 19  ? A GLU 19  
20 1 Y 1 A LEU 176 ? A LEU 176 
21 1 Y 1 A GLN 177 ? A GLN 177 
22 1 Y 1 A ALA 178 ? A ALA 178 
23 1 Y 1 A ARG 179 ? A ARG 179 
24 1 Y 1 A GLU 180 ? A GLU 180 
# 
loop_
_chem_comp_atom.comp_id 
_chem_comp_atom.atom_id 
_chem_comp_atom.type_symbol 
_chem_comp_atom.pdbx_aromatic_flag 
_chem_comp_atom.pdbx_stereo_config 
_chem_comp_atom.pdbx_ordinal 
ALA N    N  N N 1   
ALA CA   C  N S 2   
ALA C    C  N N 3   
ALA O    O  N N 4   
ALA CB   C  N N 5   
ALA OXT  O  N N 6   
ALA H    H  N N 7   
ALA H2   H  N N 8   
ALA HA   H  N N 9   
ALA HB1  H  N N 10  
ALA HB2  H  N N 11  
ALA HB3  H  N N 12  
ALA HXT  H  N N 13  
ARG N    N  N N 14  
ARG CA   C  N S 15  
ARG C    C  N N 16  
ARG O    O  N N 17  
ARG CB   C  N N 18  
ARG CG   C  N N 19  
ARG CD   C  N N 20  
ARG NE   N  N N 21  
ARG CZ   C  N N 22  
ARG NH1  N  N N 23  
ARG NH2  N  N N 24  
ARG OXT  O  N N 25  
ARG H    H  N N 26  
ARG H2   H  N N 27  
ARG HA   H  N N 28  
ARG HB2  H  N N 29  
ARG HB3  H  N N 30  
ARG HG2  H  N N 31  
ARG HG3  H  N N 32  
ARG HD2  H  N N 33  
ARG HD3  H  N N 34  
ARG HE   H  N N 35  
ARG HH11 H  N N 36  
ARG HH12 H  N N 37  
ARG HH21 H  N N 38  
ARG HH22 H  N N 39  
ARG HXT  H  N N 40  
ASN N    N  N N 41  
ASN CA   C  N S 42  
ASN C    C  N N 43  
ASN O    O  N N 44  
ASN CB   C  N N 45  
ASN CG   C  N N 46  
ASN OD1  O  N N 47  
ASN ND2  N  N N 48  
ASN OXT  O  N N 49  
ASN H    H  N N 50  
ASN H2   H  N N 51  
ASN HA   H  N N 52  
ASN HB2  H  N N 53  
ASN HB3  H  N N 54  
ASN HD21 H  N N 55  
ASN HD22 H  N N 56  
ASN HXT  H  N N 57  
ASP N    N  N N 58  
ASP CA   C  N S 59  
ASP C    C  N N 60  
ASP O    O  N N 61  
ASP CB   C  N N 62  
ASP CG   C  N N 63  
ASP OD1  O  N N 64  
ASP OD2  O  N N 65  
ASP OXT  O  N N 66  
ASP H    H  N N 67  
ASP H2   H  N N 68  
ASP HA   H  N N 69  
ASP HB2  H  N N 70  
ASP HB3  H  N N 71  
ASP HD2  H  N N 72  
ASP HXT  H  N N 73  
CD  CD   CD N N 74  
CYS N    N  N N 75  
CYS CA   C  N R 76  
CYS C    C  N N 77  
CYS O    O  N N 78  
CYS CB   C  N N 79  
CYS SG   S  N N 80  
CYS OXT  O  N N 81  
CYS H    H  N N 82  
CYS H2   H  N N 83  
CYS HA   H  N N 84  
CYS HB2  H  N N 85  
CYS HB3  H  N N 86  
CYS HG   H  N N 87  
CYS HXT  H  N N 88  
GLN N    N  N N 89  
GLN CA   C  N S 90  
GLN C    C  N N 91  
GLN O    O  N N 92  
GLN CB   C  N N 93  
GLN CG   C  N N 94  
GLN CD   C  N N 95  
GLN OE1  O  N N 96  
GLN NE2  N  N N 97  
GLN OXT  O  N N 98  
GLN H    H  N N 99  
GLN H2   H  N N 100 
GLN HA   H  N N 101 
GLN HB2  H  N N 102 
GLN HB3  H  N N 103 
GLN HG2  H  N N 104 
GLN HG3  H  N N 105 
GLN HE21 H  N N 106 
GLN HE22 H  N N 107 
GLN HXT  H  N N 108 
GLU N    N  N N 109 
GLU CA   C  N S 110 
GLU C    C  N N 111 
GLU O    O  N N 112 
GLU CB   C  N N 113 
GLU CG   C  N N 114 
GLU CD   C  N N 115 
GLU OE1  O  N N 116 
GLU OE2  O  N N 117 
GLU OXT  O  N N 118 
GLU H    H  N N 119 
GLU H2   H  N N 120 
GLU HA   H  N N 121 
GLU HB2  H  N N 122 
GLU HB3  H  N N 123 
GLU HG2  H  N N 124 
GLU HG3  H  N N 125 
GLU HE2  H  N N 126 
GLU HXT  H  N N 127 
GLY N    N  N N 128 
GLY CA   C  N N 129 
GLY C    C  N N 130 
GLY O    O  N N 131 
GLY OXT  O  N N 132 
GLY H    H  N N 133 
GLY H2   H  N N 134 
GLY HA2  H  N N 135 
GLY HA3  H  N N 136 
GLY HXT  H  N N 137 
HIS N    N  N N 138 
HIS CA   C  N S 139 
HIS C    C  N N 140 
HIS O    O  N N 141 
HIS CB   C  N N 142 
HIS CG   C  Y N 143 
HIS ND1  N  Y N 144 
HIS CD2  C  Y N 145 
HIS CE1  C  Y N 146 
HIS NE2  N  Y N 147 
HIS OXT  O  N N 148 
HIS H    H  N N 149 
HIS H2   H  N N 150 
HIS HA   H  N N 151 
HIS HB2  H  N N 152 
HIS HB3  H  N N 153 
HIS HD1  H  N N 154 
HIS HD2  H  N N 155 
HIS HE1  H  N N 156 
HIS HE2  H  N N 157 
HIS HXT  H  N N 158 
HOH O    O  N N 159 
HOH H1   H  N N 160 
HOH H2   H  N N 161 
ILE N    N  N N 162 
ILE CA   C  N S 163 
ILE C    C  N N 164 
ILE O    O  N N 165 
ILE CB   C  N S 166 
ILE CG1  C  N N 167 
ILE CG2  C  N N 168 
ILE CD1  C  N N 169 
ILE OXT  O  N N 170 
ILE H    H  N N 171 
ILE H2   H  N N 172 
ILE HA   H  N N 173 
ILE HB   H  N N 174 
ILE HG12 H  N N 175 
ILE HG13 H  N N 176 
ILE HG21 H  N N 177 
ILE HG22 H  N N 178 
ILE HG23 H  N N 179 
ILE HD11 H  N N 180 
ILE HD12 H  N N 181 
ILE HD13 H  N N 182 
ILE HXT  H  N N 183 
LEU N    N  N N 184 
LEU CA   C  N S 185 
LEU C    C  N N 186 
LEU O    O  N N 187 
LEU CB   C  N N 188 
LEU CG   C  N N 189 
LEU CD1  C  N N 190 
LEU CD2  C  N N 191 
LEU OXT  O  N N 192 
LEU H    H  N N 193 
LEU H2   H  N N 194 
LEU HA   H  N N 195 
LEU HB2  H  N N 196 
LEU HB3  H  N N 197 
LEU HG   H  N N 198 
LEU HD11 H  N N 199 
LEU HD12 H  N N 200 
LEU HD13 H  N N 201 
LEU HD21 H  N N 202 
LEU HD22 H  N N 203 
LEU HD23 H  N N 204 
LEU HXT  H  N N 205 
LTL C1   C  N N 206 
LTL C2   C  N N 207 
LTL C6   C  N N 208 
LTL C7   C  N N 209 
LTL C10  C  N N 210 
LTL C13  C  N N 211 
LTL C14  C  N N 212 
LTL O20  O  N N 213 
LTL O21  O  N N 214 
LTL C22  C  N N 215 
LTL HC11 H  N N 216 
LTL HC12 H  N N 217 
LTL HC13 H  N N 218 
LTL HC61 H  N N 219 
LTL HC62 H  N N 220 
LTL HC71 H  N N 221 
LTL HC72 H  N N 222 
LTL H131 H  N N 223 
LTL H132 H  N N 224 
LTL H141 H  N N 225 
LTL H142 H  N N 226 
LTL H143 H  N N 227 
LTL H21  H  N N 228 
LTL H221 H  N N 229 
LTL H222 H  N N 230 
LTL H223 H  N N 231 
LYS N    N  N N 232 
LYS CA   C  N S 233 
LYS C    C  N N 234 
LYS O    O  N N 235 
LYS CB   C  N N 236 
LYS CG   C  N N 237 
LYS CD   C  N N 238 
LYS CE   C  N N 239 
LYS NZ   N  N N 240 
LYS OXT  O  N N 241 
LYS H    H  N N 242 
LYS H2   H  N N 243 
LYS HA   H  N N 244 
LYS HB2  H  N N 245 
LYS HB3  H  N N 246 
LYS HG2  H  N N 247 
LYS HG3  H  N N 248 
LYS HD2  H  N N 249 
LYS HD3  H  N N 250 
LYS HE2  H  N N 251 
LYS HE3  H  N N 252 
LYS HZ1  H  N N 253 
LYS HZ2  H  N N 254 
LYS HZ3  H  N N 255 
LYS HXT  H  N N 256 
MET N    N  N N 257 
MET CA   C  N S 258 
MET C    C  N N 259 
MET O    O  N N 260 
MET CB   C  N N 261 
MET CG   C  N N 262 
MET SD   S  N N 263 
MET CE   C  N N 264 
MET OXT  O  N N 265 
MET H    H  N N 266 
MET H2   H  N N 267 
MET HA   H  N N 268 
MET HB2  H  N N 269 
MET HB3  H  N N 270 
MET HG2  H  N N 271 
MET HG3  H  N N 272 
MET HE1  H  N N 273 
MET HE2  H  N N 274 
MET HE3  H  N N 275 
MET HXT  H  N N 276 
PHE N    N  N N 277 
PHE CA   C  N S 278 
PHE C    C  N N 279 
PHE O    O  N N 280 
PHE CB   C  N N 281 
PHE CG   C  Y N 282 
PHE CD1  C  Y N 283 
PHE CD2  C  Y N 284 
PHE CE1  C  Y N 285 
PHE CE2  C  Y N 286 
PHE CZ   C  Y N 287 
PHE OXT  O  N N 288 
PHE H    H  N N 289 
PHE H2   H  N N 290 
PHE HA   H  N N 291 
PHE HB2  H  N N 292 
PHE HB3  H  N N 293 
PHE HD1  H  N N 294 
PHE HD2  H  N N 295 
PHE HE1  H  N N 296 
PHE HE2  H  N N 297 
PHE HZ   H  N N 298 
PHE HXT  H  N N 299 
PRO N    N  N N 300 
PRO CA   C  N S 301 
PRO C    C  N N 302 
PRO O    O  N N 303 
PRO CB   C  N N 304 
PRO CG   C  N N 305 
PRO CD   C  N N 306 
PRO OXT  O  N N 307 
PRO H    H  N N 308 
PRO HA   H  N N 309 
PRO HB2  H  N N 310 
PRO HB3  H  N N 311 
PRO HG2  H  N N 312 
PRO HG3  H  N N 313 
PRO HD2  H  N N 314 
PRO HD3  H  N N 315 
PRO HXT  H  N N 316 
SER N    N  N N 317 
SER CA   C  N S 318 
SER C    C  N N 319 
SER O    O  N N 320 
SER CB   C  N N 321 
SER OG   O  N N 322 
SER OXT  O  N N 323 
SER H    H  N N 324 
SER H2   H  N N 325 
SER HA   H  N N 326 
SER HB2  H  N N 327 
SER HB3  H  N N 328 
SER HG   H  N N 329 
SER HXT  H  N N 330 
THR N    N  N N 331 
THR CA   C  N S 332 
THR C    C  N N 333 
THR O    O  N N 334 
THR CB   C  N R 335 
THR OG1  O  N N 336 
THR CG2  C  N N 337 
THR OXT  O  N N 338 
THR H    H  N N 339 
THR H2   H  N N 340 
THR HA   H  N N 341 
THR HB   H  N N 342 
THR HG1  H  N N 343 
THR HG21 H  N N 344 
THR HG22 H  N N 345 
THR HG23 H  N N 346 
THR HXT  H  N N 347 
TRP N    N  N N 348 
TRP CA   C  N S 349 
TRP C    C  N N 350 
TRP O    O  N N 351 
TRP CB   C  N N 352 
TRP CG   C  Y N 353 
TRP CD1  C  Y N 354 
TRP CD2  C  Y N 355 
TRP NE1  N  Y N 356 
TRP CE2  C  Y N 357 
TRP CE3  C  Y N 358 
TRP CZ2  C  Y N 359 
TRP CZ3  C  Y N 360 
TRP CH2  C  Y N 361 
TRP OXT  O  N N 362 
TRP H    H  N N 363 
TRP H2   H  N N 364 
TRP HA   H  N N 365 
TRP HB2  H  N N 366 
TRP HB3  H  N N 367 
TRP HD1  H  N N 368 
TRP HE1  H  N N 369 
TRP HE3  H  N N 370 
TRP HZ2  H  N N 371 
TRP HZ3  H  N N 372 
TRP HH2  H  N N 373 
TRP HXT  H  N N 374 
TYR N    N  N N 375 
TYR CA   C  N S 376 
TYR C    C  N N 377 
TYR O    O  N N 378 
TYR CB   C  N N 379 
TYR CG   C  Y N 380 
TYR CD1  C  Y N 381 
TYR CD2  C  Y N 382 
TYR CE1  C  Y N 383 
TYR CE2  C  Y N 384 
TYR CZ   C  Y N 385 
TYR OH   O  N N 386 
TYR OXT  O  N N 387 
TYR H    H  N N 388 
TYR H2   H  N N 389 
TYR HA   H  N N 390 
TYR HB2  H  N N 391 
TYR HB3  H  N N 392 
TYR HD1  H  N N 393 
TYR HD2  H  N N 394 
TYR HE1  H  N N 395 
TYR HE2  H  N N 396 
TYR HH   H  N N 397 
TYR HXT  H  N N 398 
VAL N    N  N N 399 
VAL CA   C  N S 400 
VAL C    C  N N 401 
VAL O    O  N N 402 
VAL CB   C  N N 403 
VAL CG1  C  N N 404 
VAL CG2  C  N N 405 
VAL OXT  O  N N 406 
VAL H    H  N N 407 
VAL H2   H  N N 408 
VAL HA   H  N N 409 
VAL HB   H  N N 410 
VAL HG11 H  N N 411 
VAL HG12 H  N N 412 
VAL HG13 H  N N 413 
VAL HG21 H  N N 414 
VAL HG22 H  N N 415 
VAL HG23 H  N N 416 
VAL HXT  H  N N 417 
# 
loop_
_chem_comp_bond.comp_id 
_chem_comp_bond.atom_id_1 
_chem_comp_bond.atom_id_2 
_chem_comp_bond.value_order 
_chem_comp_bond.pdbx_aromatic_flag 
_chem_comp_bond.pdbx_stereo_config 
_chem_comp_bond.pdbx_ordinal 
ALA N   CA   sing N N 1   
ALA N   H    sing N N 2   
ALA N   H2   sing N N 3   
ALA CA  C    sing N N 4   
ALA CA  CB   sing N N 5   
ALA CA  HA   sing N N 6   
ALA C   O    doub N N 7   
ALA C   OXT  sing N N 8   
ALA CB  HB1  sing N N 9   
ALA CB  HB2  sing N N 10  
ALA CB  HB3  sing N N 11  
ALA OXT HXT  sing N N 12  
ARG N   CA   sing N N 13  
ARG N   H    sing N N 14  
ARG N   H2   sing N N 15  
ARG CA  C    sing N N 16  
ARG CA  CB   sing N N 17  
ARG CA  HA   sing N N 18  
ARG C   O    doub N N 19  
ARG C   OXT  sing N N 20  
ARG CB  CG   sing N N 21  
ARG CB  HB2  sing N N 22  
ARG CB  HB3  sing N N 23  
ARG CG  CD   sing N N 24  
ARG CG  HG2  sing N N 25  
ARG CG  HG3  sing N N 26  
ARG CD  NE   sing N N 27  
ARG CD  HD2  sing N N 28  
ARG CD  HD3  sing N N 29  
ARG NE  CZ   sing N N 30  
ARG NE  HE   sing N N 31  
ARG CZ  NH1  sing N N 32  
ARG CZ  NH2  doub N N 33  
ARG NH1 HH11 sing N N 34  
ARG NH1 HH12 sing N N 35  
ARG NH2 HH21 sing N N 36  
ARG NH2 HH22 sing N N 37  
ARG OXT HXT  sing N N 38  
ASN N   CA   sing N N 39  
ASN N   H    sing N N 40  
ASN N   H2   sing N N 41  
ASN CA  C    sing N N 42  
ASN CA  CB   sing N N 43  
ASN CA  HA   sing N N 44  
ASN C   O    doub N N 45  
ASN C   OXT  sing N N 46  
ASN CB  CG   sing N N 47  
ASN CB  HB2  sing N N 48  
ASN CB  HB3  sing N N 49  
ASN CG  OD1  doub N N 50  
ASN CG  ND2  sing N N 51  
ASN ND2 HD21 sing N N 52  
ASN ND2 HD22 sing N N 53  
ASN OXT HXT  sing N N 54  
ASP N   CA   sing N N 55  
ASP N   H    sing N N 56  
ASP N   H2   sing N N 57  
ASP CA  C    sing N N 58  
ASP CA  CB   sing N N 59  
ASP CA  HA   sing N N 60  
ASP C   O    doub N N 61  
ASP C   OXT  sing N N 62  
ASP CB  CG   sing N N 63  
ASP CB  HB2  sing N N 64  
ASP CB  HB3  sing N N 65  
ASP CG  OD1  doub N N 66  
ASP CG  OD2  sing N N 67  
ASP OD2 HD2  sing N N 68  
ASP OXT HXT  sing N N 69  
CYS N   CA   sing N N 70  
CYS N   H    sing N N 71  
CYS N   H2   sing N N 72  
CYS CA  C    sing N N 73  
CYS CA  CB   sing N N 74  
CYS CA  HA   sing N N 75  
CYS C   O    doub N N 76  
CYS C   OXT  sing N N 77  
CYS CB  SG   sing N N 78  
CYS CB  HB2  sing N N 79  
CYS CB  HB3  sing N N 80  
CYS SG  HG   sing N N 81  
CYS OXT HXT  sing N N 82  
GLN N   CA   sing N N 83  
GLN N   H    sing N N 84  
GLN N   H2   sing N N 85  
GLN CA  C    sing N N 86  
GLN CA  CB   sing N N 87  
GLN CA  HA   sing N N 88  
GLN C   O    doub N N 89  
GLN C   OXT  sing N N 90  
GLN CB  CG   sing N N 91  
GLN CB  HB2  sing N N 92  
GLN CB  HB3  sing N N 93  
GLN CG  CD   sing N N 94  
GLN CG  HG2  sing N N 95  
GLN CG  HG3  sing N N 96  
GLN CD  OE1  doub N N 97  
GLN CD  NE2  sing N N 98  
GLN NE2 HE21 sing N N 99  
GLN NE2 HE22 sing N N 100 
GLN OXT HXT  sing N N 101 
GLU N   CA   sing N N 102 
GLU N   H    sing N N 103 
GLU N   H2   sing N N 104 
GLU CA  C    sing N N 105 
GLU CA  CB   sing N N 106 
GLU CA  HA   sing N N 107 
GLU C   O    doub N N 108 
GLU C   OXT  sing N N 109 
GLU CB  CG   sing N N 110 
GLU CB  HB2  sing N N 111 
GLU CB  HB3  sing N N 112 
GLU CG  CD   sing N N 113 
GLU CG  HG2  sing N N 114 
GLU CG  HG3  sing N N 115 
GLU CD  OE1  doub N N 116 
GLU CD  OE2  sing N N 117 
GLU OE2 HE2  sing N N 118 
GLU OXT HXT  sing N N 119 
GLY N   CA   sing N N 120 
GLY N   H    sing N N 121 
GLY N   H2   sing N N 122 
GLY CA  C    sing N N 123 
GLY CA  HA2  sing N N 124 
GLY CA  HA3  sing N N 125 
GLY C   O    doub N N 126 
GLY C   OXT  sing N N 127 
GLY OXT HXT  sing N N 128 
HIS N   CA   sing N N 129 
HIS N   H    sing N N 130 
HIS N   H2   sing N N 131 
HIS CA  C    sing N N 132 
HIS CA  CB   sing N N 133 
HIS CA  HA   sing N N 134 
HIS C   O    doub N N 135 
HIS C   OXT  sing N N 136 
HIS CB  CG   sing N N 137 
HIS CB  HB2  sing N N 138 
HIS CB  HB3  sing N N 139 
HIS CG  ND1  sing Y N 140 
HIS CG  CD2  doub Y N 141 
HIS ND1 CE1  doub Y N 142 
HIS ND1 HD1  sing N N 143 
HIS CD2 NE2  sing Y N 144 
HIS CD2 HD2  sing N N 145 
HIS CE1 NE2  sing Y N 146 
HIS CE1 HE1  sing N N 147 
HIS NE2 HE2  sing N N 148 
HIS OXT HXT  sing N N 149 
HOH O   H1   sing N N 150 
HOH O   H2   sing N N 151 
ILE N   CA   sing N N 152 
ILE N   H    sing N N 153 
ILE N   H2   sing N N 154 
ILE CA  C    sing N N 155 
ILE CA  CB   sing N N 156 
ILE CA  HA   sing N N 157 
ILE C   O    doub N N 158 
ILE C   OXT  sing N N 159 
ILE CB  CG1  sing N N 160 
ILE CB  CG2  sing N N 161 
ILE CB  HB   sing N N 162 
ILE CG1 CD1  sing N N 163 
ILE CG1 HG12 sing N N 164 
ILE CG1 HG13 sing N N 165 
ILE CG2 HG21 sing N N 166 
ILE CG2 HG22 sing N N 167 
ILE CG2 HG23 sing N N 168 
ILE CD1 HD11 sing N N 169 
ILE CD1 HD12 sing N N 170 
ILE CD1 HD13 sing N N 171 
ILE OXT HXT  sing N N 172 
LEU N   CA   sing N N 173 
LEU N   H    sing N N 174 
LEU N   H2   sing N N 175 
LEU CA  C    sing N N 176 
LEU CA  CB   sing N N 177 
LEU CA  HA   sing N N 178 
LEU C   O    doub N N 179 
LEU C   OXT  sing N N 180 
LEU CB  CG   sing N N 181 
LEU CB  HB2  sing N N 182 
LEU CB  HB3  sing N N 183 
LEU CG  CD1  sing N N 184 
LEU CG  CD2  sing N N 185 
LEU CG  HG   sing N N 186 
LEU CD1 HD11 sing N N 187 
LEU CD1 HD12 sing N N 188 
LEU CD1 HD13 sing N N 189 
LEU CD2 HD21 sing N N 190 
LEU CD2 HD22 sing N N 191 
LEU CD2 HD23 sing N N 192 
LEU OXT HXT  sing N N 193 
LTL C1  C2   sing N N 194 
LTL C1  HC11 sing N N 195 
LTL C1  HC12 sing N N 196 
LTL C1  HC13 sing N N 197 
LTL C2  C6   sing N N 198 
LTL C2  O21  sing N N 199 
LTL C2  C22  sing N N 200 
LTL C6  C7   sing N N 201 
LTL C6  HC61 sing N N 202 
LTL C6  HC62 sing N N 203 
LTL C7  C10  sing N N 204 
LTL C7  HC71 sing N N 205 
LTL C7  HC72 sing N N 206 
LTL C10 C13  sing N N 207 
LTL C10 O20  doub N N 208 
LTL C13 C14  sing N N 209 
LTL C13 H131 sing N N 210 
LTL C13 H132 sing N N 211 
LTL C14 H141 sing N N 212 
LTL C14 H142 sing N N 213 
LTL C14 H143 sing N N 214 
LTL O21 H21  sing N N 215 
LTL C22 H221 sing N N 216 
LTL C22 H222 sing N N 217 
LTL C22 H223 sing N N 218 
LYS N   CA   sing N N 219 
LYS N   H    sing N N 220 
LYS N   H2   sing N N 221 
LYS CA  C    sing N N 222 
LYS CA  CB   sing N N 223 
LYS CA  HA   sing N N 224 
LYS C   O    doub N N 225 
LYS C   OXT  sing N N 226 
LYS CB  CG   sing N N 227 
LYS CB  HB2  sing N N 228 
LYS CB  HB3  sing N N 229 
LYS CG  CD   sing N N 230 
LYS CG  HG2  sing N N 231 
LYS CG  HG3  sing N N 232 
LYS CD  CE   sing N N 233 
LYS CD  HD2  sing N N 234 
LYS CD  HD3  sing N N 235 
LYS CE  NZ   sing N N 236 
LYS CE  HE2  sing N N 237 
LYS CE  HE3  sing N N 238 
LYS NZ  HZ1  sing N N 239 
LYS NZ  HZ2  sing N N 240 
LYS NZ  HZ3  sing N N 241 
LYS OXT HXT  sing N N 242 
MET N   CA   sing N N 243 
MET N   H    sing N N 244 
MET N   H2   sing N N 245 
MET CA  C    sing N N 246 
MET CA  CB   sing N N 247 
MET CA  HA   sing N N 248 
MET C   O    doub N N 249 
MET C   OXT  sing N N 250 
MET CB  CG   sing N N 251 
MET CB  HB2  sing N N 252 
MET CB  HB3  sing N N 253 
MET CG  SD   sing N N 254 
MET CG  HG2  sing N N 255 
MET CG  HG3  sing N N 256 
MET SD  CE   sing N N 257 
MET CE  HE1  sing N N 258 
MET CE  HE2  sing N N 259 
MET CE  HE3  sing N N 260 
MET OXT HXT  sing N N 261 
PHE N   CA   sing N N 262 
PHE N   H    sing N N 263 
PHE N   H2   sing N N 264 
PHE CA  C    sing N N 265 
PHE CA  CB   sing N N 266 
PHE CA  HA   sing N N 267 
PHE C   O    doub N N 268 
PHE C   OXT  sing N N 269 
PHE CB  CG   sing N N 270 
PHE CB  HB2  sing N N 271 
PHE CB  HB3  sing N N 272 
PHE CG  CD1  doub Y N 273 
PHE CG  CD2  sing Y N 274 
PHE CD1 CE1  sing Y N 275 
PHE CD1 HD1  sing N N 276 
PHE CD2 CE2  doub Y N 277 
PHE CD2 HD2  sing N N 278 
PHE CE1 CZ   doub Y N 279 
PHE CE1 HE1  sing N N 280 
PHE CE2 CZ   sing Y N 281 
PHE CE2 HE2  sing N N 282 
PHE CZ  HZ   sing N N 283 
PHE OXT HXT  sing N N 284 
PRO N   CA   sing N N 285 
PRO N   CD   sing N N 286 
PRO N   H    sing N N 287 
PRO CA  C    sing N N 288 
PRO CA  CB   sing N N 289 
PRO CA  HA   sing N N 290 
PRO C   O    doub N N 291 
PRO C   OXT  sing N N 292 
PRO CB  CG   sing N N 293 
PRO CB  HB2  sing N N 294 
PRO CB  HB3  sing N N 295 
PRO CG  CD   sing N N 296 
PRO CG  HG2  sing N N 297 
PRO CG  HG3  sing N N 298 
PRO CD  HD2  sing N N 299 
PRO CD  HD3  sing N N 300 
PRO OXT HXT  sing N N 301 
SER N   CA   sing N N 302 
SER N   H    sing N N 303 
SER N   H2   sing N N 304 
SER CA  C    sing N N 305 
SER CA  CB   sing N N 306 
SER CA  HA   sing N N 307 
SER C   O    doub N N 308 
SER C   OXT  sing N N 309 
SER CB  OG   sing N N 310 
SER CB  HB2  sing N N 311 
SER CB  HB3  sing N N 312 
SER OG  HG   sing N N 313 
SER OXT HXT  sing N N 314 
THR N   CA   sing N N 315 
THR N   H    sing N N 316 
THR N   H2   sing N N 317 
THR CA  C    sing N N 318 
THR CA  CB   sing N N 319 
THR CA  HA   sing N N 320 
THR C   O    doub N N 321 
THR C   OXT  sing N N 322 
THR CB  OG1  sing N N 323 
THR CB  CG2  sing N N 324 
THR CB  HB   sing N N 325 
THR OG1 HG1  sing N N 326 
THR CG2 HG21 sing N N 327 
THR CG2 HG22 sing N N 328 
THR CG2 HG23 sing N N 329 
THR OXT HXT  sing N N 330 
TRP N   CA   sing N N 331 
TRP N   H    sing N N 332 
TRP N   H2   sing N N 333 
TRP CA  C    sing N N 334 
TRP CA  CB   sing N N 335 
TRP CA  HA   sing N N 336 
TRP C   O    doub N N 337 
TRP C   OXT  sing N N 338 
TRP CB  CG   sing N N 339 
TRP CB  HB2  sing N N 340 
TRP CB  HB3  sing N N 341 
TRP CG  CD1  doub Y N 342 
TRP CG  CD2  sing Y N 343 
TRP CD1 NE1  sing Y N 344 
TRP CD1 HD1  sing N N 345 
TRP CD2 CE2  doub Y N 346 
TRP CD2 CE3  sing Y N 347 
TRP NE1 CE2  sing Y N 348 
TRP NE1 HE1  sing N N 349 
TRP CE2 CZ2  sing Y N 350 
TRP CE3 CZ3  doub Y N 351 
TRP CE3 HE3  sing N N 352 
TRP CZ2 CH2  doub Y N 353 
TRP CZ2 HZ2  sing N N 354 
TRP CZ3 CH2  sing Y N 355 
TRP CZ3 HZ3  sing N N 356 
TRP CH2 HH2  sing N N 357 
TRP OXT HXT  sing N N 358 
TYR N   CA   sing N N 359 
TYR N   H    sing N N 360 
TYR N   H2   sing N N 361 
TYR CA  C    sing N N 362 
TYR CA  CB   sing N N 363 
TYR CA  HA   sing N N 364 
TYR C   O    doub N N 365 
TYR C   OXT  sing N N 366 
TYR CB  CG   sing N N 367 
TYR CB  HB2  sing N N 368 
TYR CB  HB3  sing N N 369 
TYR CG  CD1  doub Y N 370 
TYR CG  CD2  sing Y N 371 
TYR CD1 CE1  sing Y N 372 
TYR CD1 HD1  sing N N 373 
TYR CD2 CE2  doub Y N 374 
TYR CD2 HD2  sing N N 375 
TYR CE1 CZ   doub Y N 376 
TYR CE1 HE1  sing N N 377 
TYR CE2 CZ   sing Y N 378 
TYR CE2 HE2  sing N N 379 
TYR CZ  OH   sing N N 380 
TYR OH  HH   sing N N 381 
TYR OXT HXT  sing N N 382 
VAL N   CA   sing N N 383 
VAL N   H    sing N N 384 
VAL N   H2   sing N N 385 
VAL CA  C    sing N N 386 
VAL CA  CB   sing N N 387 
VAL CA  HA   sing N N 388 
VAL C   O    doub N N 389 
VAL C   OXT  sing N N 390 
VAL CB  CG1  sing N N 391 
VAL CB  CG2  sing N N 392 
VAL CB  HB   sing N N 393 
VAL CG1 HG11 sing N N 394 
VAL CG1 HG12 sing N N 395 
VAL CG1 HG13 sing N N 396 
VAL CG2 HG21 sing N N 397 
VAL CG2 HG22 sing N N 398 
VAL CG2 HG23 sing N N 399 
VAL OXT HXT  sing N N 400 
# 
_pdbx_initial_refinement_model.id               1 
_pdbx_initial_refinement_model.entity_id_list   ? 
_pdbx_initial_refinement_model.type             'experimental model' 
_pdbx_initial_refinement_model.source_name      PDB 
_pdbx_initial_refinement_model.accession_code   1MUP 
_pdbx_initial_refinement_model.details          ? 
# 
_atom_sites.entry_id                    1I05 
_atom_sites.fract_transf_matrix[1][1]   0.01280563 
_atom_sites.fract_transf_matrix[1][2]   -0.00374390 
_atom_sites.fract_transf_matrix[1][3]   -0.01142643 
_atom_sites.fract_transf_matrix[2][1]   0.01070261 
_atom_sites.fract_transf_matrix[2][2]   -0.00405921 
_atom_sites.fract_transf_matrix[2][3]   0.01332446 
_atom_sites.fract_transf_matrix[3][1]   -0.00287308 
_atom_sites.fract_transf_matrix[3][2]   -0.00874212 
_atom_sites.fract_transf_matrix[3][3]   -0.00035549 
_atom_sites.fract_transf_vector[1]      0.357215 
_atom_sites.fract_transf_vector[2]      0.276417 
_atom_sites.fract_transf_vector[3]      0.296407 
# 
loop_
_atom_type.symbol 
C  
CD 
N  
O  
S  
# 
loop_
_atom_site.group_PDB 
_atom_site.id 
_atom_site.type_symbol 
_atom_site.label_atom_id 
_atom_site.label_alt_id 
_atom_site.label_comp_id 
_atom_site.label_asym_id 
_atom_site.label_entity_id 
_atom_site.label_seq_id 
_atom_site.pdbx_PDB_ins_code 
_atom_site.Cartn_x 
_atom_site.Cartn_y 
_atom_site.Cartn_z 
_atom_site.occupancy 
_atom_site.B_iso_or_equiv 
_atom_site.pdbx_formal_charge 
_atom_site.auth_seq_id 
_atom_site.auth_comp_id 
_atom_site.auth_asym_id 
_atom_site.auth_atom_id 
_atom_site.pdbx_PDB_model_num 
ATOM   1    N  N   . GLU A 1 20  ? -10.896 -0.443  14.512  1.00 35.97 ? 20  GLU A N   1 
ATOM   2    C  CA  . GLU A 1 20  ? -10.439 0.231   13.264  1.00 35.26 ? 20  GLU A CA  1 
ATOM   3    C  C   . GLU A 1 20  ? -9.915  1.628   13.559  1.00 35.00 ? 20  GLU A C   1 
ATOM   4    O  O   . GLU A 1 20  ? -10.496 2.367   14.355  1.00 34.77 ? 20  GLU A O   1 
ATOM   5    C  CB  . GLU A 1 20  ? -11.584 0.327   12.260  1.00 35.28 ? 20  GLU A CB  1 
ATOM   6    C  CG  . GLU A 1 20  ? -12.280 -0.989  11.990  1.00 35.74 ? 20  GLU A CG  1 
ATOM   7    C  CD  . GLU A 1 20  ? -13.100 -0.946  10.721  1.00 35.96 ? 20  GLU A CD  1 
ATOM   8    O  OE1 . GLU A 1 20  ? -13.468 0.170   10.296  1.00 35.37 ? 20  GLU A OE1 1 
ATOM   9    O  OE2 . GLU A 1 20  ? -13.382 -2.025  10.152  1.00 35.63 ? 20  GLU A OE2 1 
ATOM   10   N  N   . ALA A 1 21  ? -8.817  1.987   12.904  1.00 33.70 ? 21  ALA A N   1 
ATOM   11   C  CA  . ALA A 1 21  ? -8.204  3.290   13.102  1.00 32.03 ? 21  ALA A CA  1 
ATOM   12   C  C   . ALA A 1 21  ? -7.563  3.811   11.826  1.00 30.69 ? 21  ALA A C   1 
ATOM   13   O  O   . ALA A 1 21  ? -7.375  3.075   10.858  1.00 30.71 ? 21  ALA A O   1 
ATOM   14   C  CB  . ALA A 1 21  ? -7.159  3.206   14.209  1.00 31.58 ? 21  ALA A CB  1 
ATOM   15   N  N   . SER A 1 22  ? -7.233  5.094   11.842  1.00 29.66 ? 22  SER A N   1 
ATOM   16   C  CA  . SER A 1 22  ? -6.589  5.752   10.717  1.00 29.48 ? 22  SER A CA  1 
ATOM   17   C  C   . SER A 1 22  ? -5.264  6.307   11.235  1.00 29.07 ? 22  SER A C   1 
ATOM   18   O  O   . SER A 1 22  ? -5.197  6.787   12.368  1.00 28.49 ? 22  SER A O   1 
ATOM   19   C  CB  . SER A 1 22  ? -7.477  6.886   10.208  1.00 30.66 ? 22  SER A CB  1 
ATOM   20   O  OG  . SER A 1 22  ? -6.806  7.659   9.231   1.00 34.63 ? 22  SER A OG  1 
ATOM   21   N  N   . SER A 1 23  ? -4.211  6.237   10.423  1.00 27.71 ? 23  SER A N   1 
ATOM   22   C  CA  . SER A 1 23  ? -2.907  6.736   10.855  1.00 28.12 ? 23  SER A CA  1 
ATOM   23   C  C   . SER A 1 23  ? -2.962  8.220   11.211  1.00 28.91 ? 23  SER A C   1 
ATOM   24   O  O   . SER A 1 23  ? -2.155  8.702   12.005  1.00 28.10 ? 23  SER A O   1 
ATOM   25   C  CB  . SER A 1 23  ? -1.842  6.501   9.770   1.00 25.93 ? 23  SER A CB  1 
ATOM   26   O  OG  . SER A 1 23  ? -2.057  7.317   8.629   1.00 23.94 ? 23  SER A OG  1 
ATOM   27   N  N   . THR A 1 24  ? -3.926  8.933   10.637  1.00 30.87 ? 24  THR A N   1 
ATOM   28   C  CA  . THR A 1 24  ? -4.082  10.362  10.893  1.00 33.76 ? 24  THR A CA  1 
ATOM   29   C  C   . THR A 1 24  ? -4.912  10.677  12.139  1.00 36.10 ? 24  THR A C   1 
ATOM   30   O  O   . THR A 1 24  ? -4.961  11.825  12.578  1.00 36.81 ? 24  THR A O   1 
ATOM   31   C  CB  . THR A 1 24  ? -4.724  11.072  9.687   1.00 33.91 ? 24  THR A CB  1 
ATOM   32   O  OG1 . THR A 1 24  ? -5.975  10.448  9.377   1.00 35.35 ? 24  THR A OG1 1 
ATOM   33   C  CG2 . THR A 1 24  ? -3.810  10.994  8.474   1.00 33.81 ? 24  THR A CG2 1 
ATOM   34   N  N   . GLY A 1 25  ? -5.564  9.663   12.703  1.00 38.34 ? 25  GLY A N   1 
ATOM   35   C  CA  . GLY A 1 25  ? -6.368  9.870   13.895  1.00 42.30 ? 25  GLY A CA  1 
ATOM   36   C  C   . GLY A 1 25  ? -5.484  9.911   15.128  1.00 45.04 ? 25  GLY A C   1 
ATOM   37   O  O   . GLY A 1 25  ? -4.272  9.733   15.021  1.00 44.70 ? 25  GLY A O   1 
ATOM   38   N  N   . ARG A 1 26  ? -6.068  10.141  16.299  1.00 47.80 ? 26  ARG A N   1 
ATOM   39   C  CA  . ARG A 1 26  ? -5.267  10.198  17.520  1.00 50.49 ? 26  ARG A CA  1 
ATOM   40   C  C   . ARG A 1 26  ? -5.228  8.876   18.274  1.00 49.20 ? 26  ARG A C   1 
ATOM   41   O  O   . ARG A 1 26  ? -4.368  8.675   19.129  1.00 50.25 ? 26  ARG A O   1 
ATOM   42   C  CB  . ARG A 1 26  ? -5.774  11.297  18.459  1.00 55.18 ? 26  ARG A CB  1 
ATOM   43   C  CG  . ARG A 1 26  ? -7.213  11.130  18.925  1.00 60.82 ? 26  ARG A CG  1 
ATOM   44   C  CD  . ARG A 1 26  ? -8.185  11.759  17.944  1.00 66.16 ? 26  ARG A CD  1 
ATOM   45   N  NE  . ARG A 1 26  ? -7.949  13.193  17.785  1.00 70.59 ? 26  ARG A NE  1 
ATOM   46   C  CZ  . ARG A 1 26  ? -8.048  14.088  18.764  1.00 72.72 ? 26  ARG A CZ  1 
ATOM   47   N  NH1 . ARG A 1 26  ? -8.382  13.704  19.990  1.00 74.20 ? 26  ARG A NH1 1 
ATOM   48   N  NH2 . ARG A 1 26  ? -7.810  15.371  18.519  1.00 73.96 ? 26  ARG A NH2 1 
ATOM   49   N  N   . ASN A 1 27  ? -6.150  7.975   17.957  1.00 46.91 ? 27  ASN A N   1 
ATOM   50   C  CA  . ASN A 1 27  ? -6.202  6.679   18.624  1.00 44.37 ? 27  ASN A CA  1 
ATOM   51   C  C   . ASN A 1 27  ? -5.399  5.616   17.874  1.00 41.22 ? 27  ASN A C   1 
ATOM   52   O  O   . ASN A 1 27  ? -5.501  4.428   18.175  1.00 40.51 ? 27  ASN A O   1 
ATOM   53   C  CB  . ASN A 1 27  ? -7.656  6.221   18.759  1.00 45.90 ? 27  ASN A CB  1 
ATOM   54   C  CG  . ASN A 1 27  ? -8.339  6.051   17.416  1.00 47.65 ? 27  ASN A CG  1 
ATOM   55   O  OD1 . ASN A 1 27  ? -8.332  6.961   16.589  1.00 49.47 ? 27  ASN A OD1 1 
ATOM   56   N  ND2 . ASN A 1 27  ? -8.934  4.883   17.195  1.00 48.63 ? 27  ASN A ND2 1 
ATOM   57   N  N   . PHE A 1 28  ? -4.602  6.049   16.902  1.00 37.70 ? 28  PHE A N   1 
ATOM   58   C  CA  . PHE A 1 28  ? -3.788  5.133   16.106  1.00 33.96 ? 28  PHE A CA  1 
ATOM   59   C  C   . PHE A 1 28  ? -2.570  4.642   16.882  1.00 32.27 ? 28  PHE A C   1 
ATOM   60   O  O   . PHE A 1 28  ? -1.858  5.429   17.507  1.00 31.43 ? 28  PHE A O   1 
ATOM   61   C  CB  . PHE A 1 28  ? -3.329  5.821   14.814  1.00 31.98 ? 28  PHE A CB  1 
ATOM   62   C  CG  . PHE A 1 28  ? -2.612  4.904   13.853  1.00 29.98 ? 28  PHE A CG  1 
ATOM   63   C  CD1 . PHE A 1 28  ? -3.253  3.791   13.319  1.00 28.32 ? 28  PHE A CD1 1 
ATOM   64   C  CD2 . PHE A 1 28  ? -1.300  5.170   13.468  1.00 29.35 ? 28  PHE A CD2 1 
ATOM   65   C  CE1 . PHE A 1 28  ? -2.602  2.954   12.413  1.00 29.02 ? 28  PHE A CE1 1 
ATOM   66   C  CE2 . PHE A 1 28  ? -0.638  4.342   12.563  1.00 28.29 ? 28  PHE A CE2 1 
ATOM   67   C  CZ  . PHE A 1 28  ? -1.289  3.231   12.034  1.00 28.06 ? 28  PHE A CZ  1 
ATOM   68   N  N   . ASN A 1 29  ? -2.341  3.334   16.837  1.00 30.50 ? 29  ASN A N   1 
ATOM   69   C  CA  . ASN A 1 29  ? -1.209  2.716   17.524  1.00 30.69 ? 29  ASN A CA  1 
ATOM   70   C  C   . ASN A 1 29  ? -0.327  2.073   16.453  1.00 28.80 ? 29  ASN A C   1 
ATOM   71   O  O   . ASN A 1 29  ? -0.558  0.925   16.073  1.00 27.78 ? 29  ASN A O   1 
ATOM   72   C  CB  . ASN A 1 29  ? -1.709  1.640   18.499  1.00 31.90 ? 29  ASN A CB  1 
ATOM   73   C  CG  . ASN A 1 29  ? -0.600  1.089   19.390  1.00 35.12 ? 29  ASN A CG  1 
ATOM   74   O  OD1 . ASN A 1 29  ? 0.549   0.964   18.971  1.00 37.29 ? 29  ASN A OD1 1 
ATOM   75   N  ND2 . ASN A 1 29  ? -0.952  0.743   20.625  1.00 36.32 ? 29  ASN A ND2 1 
ATOM   76   N  N   . VAL A 1 30  ? 0.671   2.810   15.968  1.00 27.72 ? 30  VAL A N   1 
ATOM   77   C  CA  . VAL A 1 30  ? 1.563   2.305   14.920  1.00 28.31 ? 30  VAL A CA  1 
ATOM   78   C  C   . VAL A 1 30  ? 2.125   0.918   15.166  1.00 28.04 ? 30  VAL A C   1 
ATOM   79   O  O   . VAL A 1 30  ? 2.099   0.064   14.276  1.00 27.20 ? 30  VAL A O   1 
ATOM   80   C  CB  . VAL A 1 30  ? 2.794   3.213   14.677  1.00 27.96 ? 30  VAL A CB  1 
ATOM   81   C  CG1 . VAL A 1 30  ? 2.788   3.696   13.242  1.00 28.53 ? 30  VAL A CG1 1 
ATOM   82   C  CG2 . VAL A 1 30  ? 2.828   4.362   15.669  1.00 28.86 ? 30  VAL A CG2 1 
ATOM   83   N  N   . GLU A 1 31  ? 2.658   0.710   16.365  1.00 29.33 ? 31  GLU A N   1 
ATOM   84   C  CA  . GLU A 1 31  ? 3.260   -0.563  16.734  1.00 30.46 ? 31  GLU A CA  1 
ATOM   85   C  C   . GLU A 1 31  ? 2.429   -1.764  16.312  1.00 28.34 ? 31  GLU A C   1 
ATOM   86   O  O   . GLU A 1 31  ? 2.974   -2.826  16.008  1.00 26.57 ? 31  GLU A O   1 
ATOM   87   C  CB  . GLU A 1 31  ? 3.491   -0.609  18.246  1.00 35.37 ? 31  GLU A CB  1 
ATOM   88   C  CG  . GLU A 1 31  ? 4.483   0.421   18.745  1.00 43.02 ? 31  GLU A CG  1 
ATOM   89   C  CD  . GLU A 1 31  ? 4.646   0.382   20.253  1.00 47.92 ? 31  GLU A CD  1 
ATOM   90   O  OE1 . GLU A 1 31  ? 4.889   -0.721  20.794  1.00 49.51 ? 31  GLU A OE1 1 
ATOM   91   O  OE2 . GLU A 1 31  ? 4.537   1.451   20.895  1.00 50.32 ? 31  GLU A OE2 1 
ATOM   92   N  N   . LYS A 1 32  ? 1.111   -1.594  16.281  1.00 26.72 ? 32  LYS A N   1 
ATOM   93   C  CA  . LYS A 1 32  ? 0.221   -2.688  15.912  1.00 26.08 ? 32  LYS A CA  1 
ATOM   94   C  C   . LYS A 1 32  ? 0.192   -3.111  14.443  1.00 23.86 ? 32  LYS A C   1 
ATOM   95   O  O   . LYS A 1 32  ? -0.389  -4.143  14.127  1.00 24.39 ? 32  LYS A O   1 
ATOM   96   C  CB  . LYS A 1 32  ? -1.206  -2.392  16.387  1.00 28.82 ? 32  LYS A CB  1 
ATOM   97   C  CG  . LYS A 1 32  ? -1.417  -2.622  17.884  1.00 31.18 ? 32  LYS A CG  1 
ATOM   98   C  CD  . LYS A 1 32  ? -2.867  -2.407  18.272  1.00 35.05 ? 32  LYS A CD  1 
ATOM   99   C  CE  . LYS A 1 32  ? -3.112  -2.765  19.729  1.00 38.33 ? 32  LYS A CE  1 
ATOM   100  N  NZ  . LYS A 1 32  ? -2.892  -4.220  19.992  1.00 40.70 ? 32  LYS A NZ  1 
ATOM   101  N  N   . ILE A 1 33  ? 0.792   -2.341  13.536  1.00 22.19 ? 33  ILE A N   1 
ATOM   102  C  CA  . ILE A 1 33  ? 0.787   -2.763  12.130  1.00 21.10 ? 33  ILE A CA  1 
ATOM   103  C  C   . ILE A 1 33  ? 2.089   -3.482  11.804  1.00 21.52 ? 33  ILE A C   1 
ATOM   104  O  O   . ILE A 1 33  ? 2.366   -3.843  10.656  1.00 19.82 ? 33  ILE A O   1 
ATOM   105  C  CB  . ILE A 1 33  ? 0.600   -1.575  11.155  1.00 21.32 ? 33  ILE A CB  1 
ATOM   106  C  CG1 . ILE A 1 33  ? 1.788   -0.616  11.241  1.00 21.70 ? 33  ILE A CG1 1 
ATOM   107  C  CG2 . ILE A 1 33  ? -0.702  -0.857  11.468  1.00 21.22 ? 33  ILE A CG2 1 
ATOM   108  C  CD1 . ILE A 1 33  ? 1.754   0.490   10.193  1.00 20.61 ? 33  ILE A CD1 1 
ATOM   109  N  N   . ASN A 1 34  ? 2.887   -3.696  12.842  1.00 21.85 ? 34  ASN A N   1 
ATOM   110  C  CA  . ASN A 1 34  ? 4.162   -4.373  12.702  1.00 20.74 ? 34  ASN A CA  1 
ATOM   111  C  C   . ASN A 1 34  ? 3.922   -5.814  12.281  1.00 20.10 ? 34  ASN A C   1 
ATOM   112  O  O   . ASN A 1 34  ? 2.917   -6.424  12.652  1.00 18.74 ? 34  ASN A O   1 
ATOM   113  C  CB  . ASN A 1 34  ? 4.904   -4.363  14.039  1.00 24.07 ? 34  ASN A CB  1 
ATOM   114  C  CG  . ASN A 1 34  ? 6.362   -4.731  13.897  1.00 26.39 ? 34  ASN A CG  1 
ATOM   115  O  OD1 . ASN A 1 34  ? 7.187   -3.891  13.542  1.00 26.36 ? 34  ASN A OD1 1 
ATOM   116  N  ND2 . ASN A 1 34  ? 6.688   -5.994  14.160  1.00 26.97 ? 34  ASN A ND2 1 
ATOM   117  N  N   . GLY A 1 35  ? 4.836   -6.360  11.496  1.00 17.62 ? 35  GLY A N   1 
ATOM   118  C  CA  . GLY A 1 35  ? 4.687   -7.745  11.103  1.00 18.08 ? 35  GLY A CA  1 
ATOM   119  C  C   . GLY A 1 35  ? 4.338   -8.030  9.658   1.00 18.67 ? 35  GLY A C   1 
ATOM   120  O  O   . GLY A 1 35  ? 4.428   -7.171  8.779   1.00 18.07 ? 35  GLY A O   1 
ATOM   121  N  N   . GLU A 1 36  ? 3.929   -9.270  9.432   1.00 18.43 ? 36  GLU A N   1 
ATOM   122  C  CA  . GLU A 1 36  ? 3.582   -9.758  8.112   1.00 19.09 ? 36  GLU A CA  1 
ATOM   123  C  C   . GLU A 1 36  ? 2.310   -9.165  7.499   1.00 18.84 ? 36  GLU A C   1 
ATOM   124  O  O   . GLU A 1 36  ? 1.315   -8.938  8.190   1.00 17.51 ? 36  GLU A O   1 
ATOM   125  C  CB  . GLU A 1 36  ? 3.462   -11.282 8.168   1.00 20.44 ? 36  GLU A CB  1 
ATOM   126  C  CG  . GLU A 1 36  ? 2.784   -11.900 6.967   1.00 21.96 ? 36  GLU A CG  1 
ATOM   127  C  CD  . GLU A 1 36  ? 2.404   -13.341 7.212   1.00 23.88 ? 36  GLU A CD  1 
ATOM   128  O  OE1 . GLU A 1 36  ? 2.081   -13.681 8.375   1.00 24.67 ? 36  GLU A OE1 1 
ATOM   129  O  OE2 . GLU A 1 36  ? 2.413   -14.126 6.243   1.00 23.96 ? 36  GLU A OE2 1 
ATOM   130  N  N   . TRP A 1 37  ? 2.371   -8.918  6.192   1.00 19.26 ? 37  TRP A N   1 
ATOM   131  C  CA  . TRP A 1 37  ? 1.245   -8.389  5.416   1.00 20.11 ? 37  TRP A CA  1 
ATOM   132  C  C   . TRP A 1 37  ? 1.382   -8.949  4.007   1.00 20.96 ? 37  TRP A C   1 
ATOM   133  O  O   . TRP A 1 37  ? 2.424   -9.513  3.661   1.00 23.26 ? 37  TRP A O   1 
ATOM   134  C  CB  . TRP A 1 37  ? 1.264   -6.849  5.342   1.00 17.31 ? 37  TRP A CB  1 
ATOM   135  C  CG  . TRP A 1 37  ? 0.890   -6.149  6.607   1.00 18.68 ? 37  TRP A CG  1 
ATOM   136  C  CD1 . TRP A 1 37  ? 1.741   -5.627  7.538   1.00 19.03 ? 37  TRP A CD1 1 
ATOM   137  C  CD2 . TRP A 1 37  ? -0.436  -5.927  7.106   1.00 18.03 ? 37  TRP A CD2 1 
ATOM   138  N  NE1 . TRP A 1 37  ? 1.028   -5.096  8.585   1.00 18.58 ? 37  TRP A NE1 1 
ATOM   139  C  CE2 . TRP A 1 37  ? -0.309  -5.267  8.346   1.00 18.84 ? 37  TRP A CE2 1 
ATOM   140  C  CE3 . TRP A 1 37  ? -1.721  -6.225  6.624   1.00 17.17 ? 37  TRP A CE3 1 
ATOM   141  C  CZ2 . TRP A 1 37  ? -1.420  -4.899  9.118   1.00 19.15 ? 37  TRP A CZ2 1 
ATOM   142  C  CZ3 . TRP A 1 37  ? -2.828  -5.858  7.391   1.00 17.10 ? 37  TRP A CZ3 1 
ATOM   143  C  CH2 . TRP A 1 37  ? -2.669  -5.203  8.623   1.00 18.98 ? 37  TRP A CH2 1 
ATOM   144  N  N   . HIS A 1 38  ? 0.326   -8.812  3.208   1.00 20.46 ? 38  HIS A N   1 
ATOM   145  C  CA  . HIS A 1 38  ? 0.332   -9.270  1.818   1.00 19.63 ? 38  HIS A CA  1 
ATOM   146  C  C   . HIS A 1 38  ? -0.425  -8.256  0.972   1.00 18.55 ? 38  HIS A C   1 
ATOM   147  O  O   . HIS A 1 38  ? -1.352  -7.611  1.457   1.00 17.88 ? 38  HIS A O   1 
ATOM   148  C  CB  . HIS A 1 38  ? -0.375  -10.618 1.659   1.00 21.27 ? 38  HIS A CB  1 
ATOM   149  C  CG  . HIS A 1 38  ? 0.209   -11.712 2.488   1.00 22.51 ? 38  HIS A CG  1 
ATOM   150  N  ND1 . HIS A 1 38  ? 0.055   -11.771 3.856   1.00 25.20 ? 38  HIS A ND1 1 
ATOM   151  C  CD2 . HIS A 1 38  ? 0.941   -12.797 2.142   1.00 22.87 ? 38  HIS A CD2 1 
ATOM   152  C  CE1 . HIS A 1 38  ? 0.663   -12.848 4.318   1.00 22.90 ? 38  HIS A CE1 1 
ATOM   153  N  NE2 . HIS A 1 38  ? 1.207   -13.488 3.298   1.00 23.71 ? 38  HIS A NE2 1 
ATOM   154  N  N   . THR A 1 39  ? -0.025  -8.106  -0.286  1.00 17.35 ? 39  THR A N   1 
ATOM   155  C  CA  . THR A 1 39  ? -0.725  -7.194  -1.177  1.00 17.19 ? 39  THR A CA  1 
ATOM   156  C  C   . THR A 1 39  ? -1.944  -7.955  -1.678  1.00 17.84 ? 39  THR A C   1 
ATOM   157  O  O   . THR A 1 39  ? -1.819  -9.059  -2.213  1.00 18.07 ? 39  THR A O   1 
ATOM   158  C  CB  . THR A 1 39  ? 0.132   -6.790  -2.393  1.00 18.50 ? 39  THR A CB  1 
ATOM   159  O  OG1 . THR A 1 39  ? 1.267   -6.028  -1.957  1.00 17.58 ? 39  THR A OG1 1 
ATOM   160  C  CG2 . THR A 1 39  ? -0.691  -5.938  -3.354  1.00 17.80 ? 39  THR A CG2 1 
ATOM   161  N  N   . ILE A 1 40  ? -3.123  -7.381  -1.488  1.00 16.76 ? 40  ILE A N   1 
ATOM   162  C  CA  . ILE A 1 40  ? -4.342  -8.037  -1.939  1.00 18.09 ? 40  ILE A CA  1 
ATOM   163  C  C   . ILE A 1 40  ? -4.830  -7.361  -3.213  1.00 17.62 ? 40  ILE A C   1 
ATOM   164  O  O   . ILE A 1 40  ? -5.004  -8.007  -4.244  1.00 18.32 ? 40  ILE A O   1 
ATOM   165  C  CB  . ILE A 1 40  ? -5.453  -7.969  -0.867  1.00 18.12 ? 40  ILE A CB  1 
ATOM   166  C  CG1 . ILE A 1 40  ? -4.904  -8.434  0.489   1.00 19.23 ? 40  ILE A CG1 1 
ATOM   167  C  CG2 . ILE A 1 40  ? -6.631  -8.839  -1.288  1.00 18.60 ? 40  ILE A CG2 1 
ATOM   168  C  CD1 . ILE A 1 40  ? -4.220  -9.788  0.462   1.00 19.79 ? 40  ILE A CD1 1 
ATOM   169  N  N   . ILE A 1 41  ? -5.039  -6.051  -3.133  1.00 18.07 ? 41  ILE A N   1 
ATOM   170  C  CA  . ILE A 1 41  ? -5.493  -5.273  -4.276  1.00 18.92 ? 41  ILE A CA  1 
ATOM   171  C  C   . ILE A 1 41  ? -4.681  -3.980  -4.400  1.00 19.37 ? 41  ILE A C   1 
ATOM   172  O  O   . ILE A 1 41  ? -4.313  -3.371  -3.399  1.00 18.87 ? 41  ILE A O   1 
ATOM   173  C  CB  . ILE A 1 41  ? -6.982  -4.877  -4.140  1.00 19.57 ? 41  ILE A CB  1 
ATOM   174  C  CG1 . ILE A 1 41  ? -7.850  -6.113  -3.897  1.00 19.96 ? 41  ILE A CG1 1 
ATOM   175  C  CG2 . ILE A 1 41  ? -7.441  -4.155  -5.403  1.00 19.28 ? 41  ILE A CG2 1 
ATOM   176  C  CD1 . ILE A 1 41  ? -9.331  -5.792  -3.727  1.00 21.70 ? 41  ILE A CD1 1 
ATOM   177  N  N   . LEU A 1 42  ? -4.401  -3.578  -5.634  1.00 19.07 ? 42  LEU A N   1 
ATOM   178  C  CA  . LEU A 1 42  ? -3.684  -2.332  -5.911  1.00 19.24 ? 42  LEU A CA  1 
ATOM   179  C  C   . LEU A 1 42  ? -4.555  -1.534  -6.884  1.00 19.41 ? 42  LEU A C   1 
ATOM   180  O  O   . LEU A 1 42  ? -5.197  -2.109  -7.758  1.00 18.94 ? 42  LEU A O   1 
ATOM   181  C  CB  . LEU A 1 42  ? -2.324  -2.604  -6.564  1.00 19.79 ? 42  LEU A CB  1 
ATOM   182  C  CG  . LEU A 1 42  ? -1.213  -3.181  -5.686  1.00 20.64 ? 42  LEU A CG  1 
ATOM   183  C  CD1 . LEU A 1 42  ? 0.071   -3.289  -6.500  1.00 22.00 ? 42  LEU A CD1 1 
ATOM   184  C  CD2 . LEU A 1 42  ? -0.999  -2.277  -4.471  1.00 20.83 ? 42  LEU A CD2 1 
ATOM   185  N  N   . ALA A 1 43  ? -4.576  -0.217  -6.724  1.00 18.63 ? 43  ALA A N   1 
ATOM   186  C  CA  . ALA A 1 43  ? -5.361  0.652   -7.592  1.00 19.30 ? 43  ALA A CA  1 
ATOM   187  C  C   . ALA A 1 43  ? -4.610  1.959   -7.801  1.00 20.64 ? 43  ALA A C   1 
ATOM   188  O  O   . ALA A 1 43  ? -3.907  2.436   -6.908  1.00 20.69 ? 43  ALA A O   1 
ATOM   189  C  CB  . ALA A 1 43  ? -6.732  0.929   -6.960  1.00 18.82 ? 43  ALA A CB  1 
ATOM   190  N  N   . SER A 1 44  ? -4.768  2.545   -8.981  1.00 22.04 ? 44  SER A N   1 
ATOM   191  C  CA  . SER A 1 44  ? -4.100  3.797   -9.297  1.00 23.26 ? 44  SER A CA  1 
ATOM   192  C  C   . SER A 1 44  ? -4.801  4.523   -10.438 1.00 24.06 ? 44  SER A C   1 
ATOM   193  O  O   . SER A 1 44  ? -5.397  3.885   -11.306 1.00 23.73 ? 44  SER A O   1 
ATOM   194  C  CB  . SER A 1 44  ? -2.650  3.519   -9.691  1.00 22.57 ? 44  SER A CB  1 
ATOM   195  O  OG  . SER A 1 44  ? -2.022  4.700   -10.156 1.00 21.77 ? 44  SER A OG  1 
ATOM   196  N  N   . ASP A 1 45  ? -4.742  5.851   -10.443 1.00 25.06 ? 45  ASP A N   1 
ATOM   197  C  CA  . ASP A 1 45  ? -5.361  6.588   -11.537 1.00 27.17 ? 45  ASP A CA  1 
ATOM   198  C  C   . ASP A 1 45  ? -4.430  6.526   -12.748 1.00 27.66 ? 45  ASP A C   1 
ATOM   199  O  O   . ASP A 1 45  ? -4.752  7.026   -13.822 1.00 28.37 ? 45  ASP A O   1 
ATOM   200  C  CB  . ASP A 1 45  ? -5.671  8.044   -11.141 1.00 27.63 ? 45  ASP A CB  1 
ATOM   201  C  CG  . ASP A 1 45  ? -4.486  8.762   -10.522 1.00 28.49 ? 45  ASP A CG  1 
ATOM   202  O  OD1 . ASP A 1 45  ? -3.367  8.215   -10.521 1.00 28.41 ? 45  ASP A OD1 1 
ATOM   203  O  OD2 . ASP A 1 45  ? -4.681  9.893   -10.033 1.00 31.17 ? 45  ASP A OD2 1 
ATOM   204  N  N   . LYS A 1 46  ? -3.280  5.881   -12.558 1.00 27.54 ? 46  LYS A N   1 
ATOM   205  C  CA  . LYS A 1 46  ? -2.273  5.697   -13.603 1.00 28.86 ? 46  LYS A CA  1 
ATOM   206  C  C   . LYS A 1 46  ? -2.040  4.185   -13.659 1.00 28.07 ? 46  LYS A C   1 
ATOM   207  O  O   . LYS A 1 46  ? -1.068  3.668   -13.102 1.00 27.34 ? 46  LYS A O   1 
ATOM   208  C  CB  . LYS A 1 46  ? -0.978  6.423   -13.215 1.00 32.51 ? 46  LYS A CB  1 
ATOM   209  C  CG  . LYS A 1 46  ? -0.242  7.067   -14.382 1.00 36.06 ? 46  LYS A CG  1 
ATOM   210  C  CD  . LYS A 1 46  ? -1.082  8.161   -15.034 1.00 39.12 ? 46  LYS A CD  1 
ATOM   211  C  CE  . LYS A 1 46  ? -1.054  9.462   -14.239 1.00 40.85 ? 46  LYS A CE  1 
ATOM   212  N  NZ  . LYS A 1 46  ? 0.297   10.095  -14.276 1.00 42.55 ? 46  LYS A NZ  1 
ATOM   213  N  N   . ARG A 1 47  ? -2.943  3.483   -14.338 1.00 27.21 ? 47  ARG A N   1 
ATOM   214  C  CA  . ARG A 1 47  ? -2.907  2.024   -14.426 1.00 27.43 ? 47  ARG A CA  1 
ATOM   215  C  C   . ARG A 1 47  ? -1.593  1.354   -14.817 1.00 27.03 ? 47  ARG A C   1 
ATOM   216  O  O   . ARG A 1 47  ? -1.269  0.288   -14.295 1.00 25.06 ? 47  ARG A O   1 
ATOM   217  C  CB  . ARG A 1 47  ? -4.025  1.535   -15.354 1.00 27.97 ? 47  ARG A CB  1 
ATOM   218  C  CG  . ARG A 1 47  ? -4.429  0.080   -15.135 1.00 30.09 ? 47  ARG A CG  1 
ATOM   219  C  CD  . ARG A 1 47  ? -5.679  -0.267  -15.939 1.00 32.89 ? 47  ARG A CD  1 
ATOM   220  N  NE  . ARG A 1 47  ? -6.325  -1.495  -15.481 1.00 34.49 ? 47  ARG A NE  1 
ATOM   221  C  CZ  . ARG A 1 47  ? -5.829  -2.719  -15.634 1.00 36.41 ? 47  ARG A CZ  1 
ATOM   222  N  NH1 . ARG A 1 47  ? -4.663  -2.903  -16.242 1.00 36.81 ? 47  ARG A NH1 1 
ATOM   223  N  NH2 . ARG A 1 47  ? -6.509  -3.766  -15.181 1.00 36.99 ? 47  ARG A NH2 1 
ATOM   224  N  N   . GLU A 1 48  ? -0.837  1.962   -15.725 1.00 27.80 ? 48  GLU A N   1 
ATOM   225  C  CA  . GLU A 1 48  ? 0.424   1.367   -16.154 1.00 29.30 ? 48  GLU A CA  1 
ATOM   226  C  C   . GLU A 1 48  ? 1.404   1.165   -14.999 1.00 27.62 ? 48  GLU A C   1 
ATOM   227  O  O   . GLU A 1 48  ? 2.235   0.259   -15.035 1.00 27.67 ? 48  GLU A O   1 
ATOM   228  C  CB  . GLU A 1 48  ? 1.086   2.223   -17.243 1.00 32.03 ? 48  GLU A CB  1 
ATOM   229  C  CG  . GLU A 1 48  ? 1.403   3.644   -16.814 1.00 37.76 ? 48  GLU A CG  1 
ATOM   230  C  CD  . GLU A 1 48  ? 0.371   4.645   -17.297 1.00 41.47 ? 48  GLU A CD  1 
ATOM   231  O  OE1 . GLU A 1 48  ? -0.840  4.427   -17.066 1.00 40.82 ? 48  GLU A OE1 1 
ATOM   232  O  OE2 . GLU A 1 48  ? 0.779   5.658   -17.908 1.00 44.74 ? 48  GLU A OE2 1 
ATOM   233  N  N   . LYS A 1 49  ? 1.303   2.004   -13.972 1.00 26.65 ? 49  LYS A N   1 
ATOM   234  C  CA  . LYS A 1 49  ? 2.194   1.908   -12.816 1.00 25.54 ? 49  LYS A CA  1 
ATOM   235  C  C   . LYS A 1 49  ? 2.031   0.605   -12.033 1.00 24.52 ? 49  LYS A C   1 
ATOM   236  O  O   . LYS A 1 49  ? 2.969   0.160   -11.373 1.00 24.29 ? 49  LYS A O   1 
ATOM   237  C  CB  . LYS A 1 49  ? 1.964   3.085   -11.864 1.00 26.27 ? 49  LYS A CB  1 
ATOM   238  C  CG  . LYS A 1 49  ? 2.266   4.455   -12.449 1.00 29.66 ? 49  LYS A CG  1 
ATOM   239  C  CD  . LYS A 1 49  ? 3.746   4.625   -12.731 1.00 31.83 ? 49  LYS A CD  1 
ATOM   240  C  CE  . LYS A 1 49  ? 4.041   6.012   -13.278 1.00 33.79 ? 49  LYS A CE  1 
ATOM   241  N  NZ  . LYS A 1 49  ? 5.504   6.225   -13.471 1.00 35.72 ? 49  LYS A NZ  1 
ATOM   242  N  N   . ILE A 1 50  ? 0.852   -0.007  -12.102 1.00 23.80 ? 50  ILE A N   1 
ATOM   243  C  CA  . ILE A 1 50  ? 0.617   -1.242  -11.353 1.00 24.40 ? 50  ILE A CA  1 
ATOM   244  C  C   . ILE A 1 50  ? 0.362   -2.463  -12.221 1.00 25.09 ? 50  ILE A C   1 
ATOM   245  O  O   . ILE A 1 50  ? -0.038  -3.517  -11.729 1.00 23.44 ? 50  ILE A O   1 
ATOM   246  C  CB  . ILE A 1 50  ? -0.556  -1.083  -10.357 1.00 22.03 ? 50  ILE A CB  1 
ATOM   247  C  CG1 . ILE A 1 50  ? -1.836  -0.685  -11.098 1.00 22.80 ? 50  ILE A CG1 1 
ATOM   248  C  CG2 . ILE A 1 50  ? -0.194  -0.043  -9.308  1.00 21.91 ? 50  ILE A CG2 1 
ATOM   249  C  CD1 . ILE A 1 50  ? -3.048  -0.496  -10.179 1.00 20.76 ? 50  ILE A CD1 1 
ATOM   250  N  N   . GLU A 1 51  ? 0.601   -2.315  -13.517 1.00 27.17 ? 51  GLU A N   1 
ATOM   251  C  CA  . GLU A 1 51  ? 0.426   -3.421  -14.439 1.00 29.54 ? 51  GLU A CA  1 
ATOM   252  C  C   . GLU A 1 51  ? 1.663   -4.318  -14.391 1.00 31.19 ? 51  GLU A C   1 
ATOM   253  O  O   . GLU A 1 51  ? 2.667   -3.969  -13.764 1.00 28.64 ? 51  GLU A O   1 
ATOM   254  C  CB  . GLU A 1 51  ? 0.177   -2.886  -15.854 1.00 30.41 ? 51  GLU A CB  1 
ATOM   255  C  CG  . GLU A 1 51  ? -1.305  -2.707  -16.170 1.00 31.91 ? 51  GLU A CG  1 
ATOM   256  C  CD  . GLU A 1 51  ? -1.556  -1.918  -17.443 1.00 34.06 ? 51  GLU A CD  1 
ATOM   257  O  OE1 . GLU A 1 51  ? -0.657  -1.869  -18.310 1.00 35.87 ? 51  GLU A OE1 1 
ATOM   258  O  OE2 . GLU A 1 51  ? -2.661  -1.354  -17.579 1.00 34.24 ? 51  GLU A OE2 1 
ATOM   259  N  N   . ASP A 1 52  ? 1.571   -5.473  -15.042 1.00 33.81 ? 52  ASP A N   1 
ATOM   260  C  CA  . ASP A 1 52  ? 2.644   -6.465  -15.087 1.00 36.38 ? 52  ASP A CA  1 
ATOM   261  C  C   . ASP A 1 52  ? 4.088   -5.970  -14.999 1.00 37.02 ? 52  ASP A C   1 
ATOM   262  O  O   . ASP A 1 52  ? 4.893   -6.551  -14.273 1.00 37.84 ? 52  ASP A O   1 
ATOM   263  C  CB  . ASP A 1 52  ? 2.491   -7.332  -16.338 1.00 40.36 ? 52  ASP A CB  1 
ATOM   264  C  CG  . ASP A 1 52  ? 1.299   -8.269  -16.254 1.00 44.31 ? 52  ASP A CG  1 
ATOM   265  O  OD1 . ASP A 1 52  ? 0.164   -7.780  -16.066 1.00 46.92 ? 52  ASP A OD1 1 
ATOM   266  O  OD2 . ASP A 1 52  ? 1.497   -9.498  -16.376 1.00 46.75 ? 52  ASP A OD2 1 
ATOM   267  N  N   . ASN A 1 53  ? 4.430   -4.914  -15.729 1.00 36.39 ? 53  ASN A N   1 
ATOM   268  C  CA  . ASN A 1 53  ? 5.803   -4.410  -15.696 1.00 36.76 ? 53  ASN A CA  1 
ATOM   269  C  C   . ASN A 1 53  ? 5.942   -3.050  -15.009 1.00 36.24 ? 53  ASN A C   1 
ATOM   270  O  O   . ASN A 1 53  ? 6.915   -2.331  -15.241 1.00 37.03 ? 53  ASN A O   1 
ATOM   271  C  CB  . ASN A 1 53  ? 6.361   -4.335  -17.117 1.00 38.27 ? 53  ASN A CB  1 
ATOM   272  N  N   . GLY A 1 54  ? 4.977   -2.706  -14.162 1.00 33.65 ? 54  GLY A N   1 
ATOM   273  C  CA  . GLY A 1 54  ? 5.023   -1.429  -13.476 1.00 31.52 ? 54  GLY A CA  1 
ATOM   274  C  C   . GLY A 1 54  ? 5.927   -1.410  -12.256 1.00 29.93 ? 54  GLY A C   1 
ATOM   275  O  O   . GLY A 1 54  ? 6.069   -2.417  -11.559 1.00 28.81 ? 54  GLY A O   1 
ATOM   276  N  N   . ASN A 1 55  ? 6.536   -0.256  -11.996 1.00 27.69 ? 55  ASN A N   1 
ATOM   277  C  CA  . ASN A 1 55  ? 7.425   -0.103  -10.848 1.00 26.70 ? 55  ASN A CA  1 
ATOM   278  C  C   . ASN A 1 55  ? 6.679   -0.139  -9.527  1.00 24.82 ? 55  ASN A C   1 
ATOM   279  O  O   . ASN A 1 55  ? 7.279   -0.362  -8.476  1.00 24.51 ? 55  ASN A O   1 
ATOM   280  C  CB  . ASN A 1 55  ? 8.189   1.219   -10.916 1.00 30.09 ? 55  ASN A CB  1 
ATOM   281  C  CG  . ASN A 1 55  ? 9.174   1.262   -12.052 1.00 33.82 ? 55  ASN A CG  1 
ATOM   282  O  OD1 . ASN A 1 55  ? 9.824   0.263   -12.360 1.00 37.36 ? 55  ASN A OD1 1 
ATOM   283  N  ND2 . ASN A 1 55  ? 9.307   2.426   -12.676 1.00 36.66 ? 55  ASN A ND2 1 
ATOM   284  N  N   . PHE A 1 56  ? 5.373   0.082   -9.567  1.00 22.44 ? 56  PHE A N   1 
ATOM   285  C  CA  . PHE A 1 56  ? 4.617   0.092   -8.330  1.00 21.40 ? 56  PHE A CA  1 
ATOM   286  C  C   . PHE A 1 56  ? 3.796   -1.151  -8.036  1.00 20.51 ? 56  PHE A C   1 
ATOM   287  O  O   . PHE A 1 56  ? 3.020   -1.177  -7.077  1.00 20.66 ? 56  PHE A O   1 
ATOM   288  C  CB  . PHE A 1 56  ? 3.765   1.358   -8.265  1.00 20.44 ? 56  PHE A CB  1 
ATOM   289  C  CG  . PHE A 1 56  ? 4.584   2.605   -8.110  1.00 21.34 ? 56  PHE A CG  1 
ATOM   290  C  CD1 . PHE A 1 56  ? 5.303   3.118   -9.187  1.00 21.23 ? 56  PHE A CD1 1 
ATOM   291  C  CD2 . PHE A 1 56  ? 4.696   3.229   -6.872  1.00 21.64 ? 56  PHE A CD2 1 
ATOM   292  C  CE1 . PHE A 1 56  ? 6.125   4.234   -9.032  1.00 22.24 ? 56  PHE A CE1 1 
ATOM   293  C  CE2 . PHE A 1 56  ? 5.517   4.346   -6.708  1.00 23.24 ? 56  PHE A CE2 1 
ATOM   294  C  CZ  . PHE A 1 56  ? 6.232   4.848   -7.790  1.00 22.87 ? 56  PHE A CZ  1 
ATOM   295  N  N   . ARG A 1 57  ? 3.974   -2.182  -8.854  1.00 20.01 ? 57  ARG A N   1 
ATOM   296  C  CA  . ARG A 1 57  ? 3.283   -3.444  -8.624  1.00 21.40 ? 57  ARG A CA  1 
ATOM   297  C  C   . ARG A 1 57  ? 4.182   -4.139  -7.609  1.00 21.58 ? 57  ARG A C   1 
ATOM   298  O  O   . ARG A 1 57  ? 4.991   -5.001  -7.958  1.00 22.01 ? 57  ARG A O   1 
ATOM   299  C  CB  . ARG A 1 57  ? 3.192   -4.277  -9.911  1.00 23.26 ? 57  ARG A CB  1 
ATOM   300  C  CG  . ARG A 1 57  ? 2.660   -5.692  -9.670  1.00 25.12 ? 57  ARG A CG  1 
ATOM   301  C  CD  . ARG A 1 57  ? 2.301   -6.444  -10.947 1.00 27.50 ? 57  ARG A CD  1 
ATOM   302  N  NE  . ARG A 1 57  ? 1.034   -5.980  -11.507 1.00 31.11 ? 57  ARG A NE  1 
ATOM   303  C  CZ  . ARG A 1 57  ? 0.093   -6.777  -12.007 1.00 29.19 ? 57  ARG A CZ  1 
ATOM   304  N  NH1 . ARG A 1 57  ? 0.262   -8.095  -12.025 1.00 28.95 ? 57  ARG A NH1 1 
ATOM   305  N  NH2 . ARG A 1 57  ? -1.026  -6.253  -12.485 1.00 28.10 ? 57  ARG A NH2 1 
ATOM   306  N  N   . LEU A 1 58  ? 4.051   -3.735  -6.351  1.00 20.43 ? 58  LEU A N   1 
ATOM   307  C  CA  . LEU A 1 58  ? 4.878   -4.288  -5.285  1.00 21.20 ? 58  LEU A CA  1 
ATOM   308  C  C   . LEU A 1 58  ? 4.093   -5.150  -4.306  1.00 20.88 ? 58  LEU A C   1 
ATOM   309  O  O   . LEU A 1 58  ? 2.994   -4.789  -3.870  1.00 20.39 ? 58  LEU A O   1 
ATOM   310  C  CB  . LEU A 1 58  ? 5.569   -3.146  -4.527  1.00 21.03 ? 58  LEU A CB  1 
ATOM   311  C  CG  . LEU A 1 58  ? 6.356   -2.187  -5.429  1.00 20.90 ? 58  LEU A CG  1 
ATOM   312  C  CD1 . LEU A 1 58  ? 6.757   -0.937  -4.662  1.00 21.10 ? 58  LEU A CD1 1 
ATOM   313  C  CD2 . LEU A 1 58  ? 7.579   -2.907  -5.979  1.00 22.17 ? 58  LEU A CD2 1 
ATOM   314  N  N   . PHE A 1 59  ? 4.668   -6.297  -3.968  1.00 20.10 ? 59  PHE A N   1 
ATOM   315  C  CA  . PHE A 1 59  ? 4.041   -7.208  -3.035  1.00 19.09 ? 59  PHE A CA  1 
ATOM   316  C  C   . PHE A 1 59  ? 4.692   -7.064  -1.666  1.00 19.15 ? 59  PHE A C   1 
ATOM   317  O  O   . PHE A 1 59  ? 5.818   -7.511  -1.440  1.00 16.13 ? 59  PHE A O   1 
ATOM   318  C  CB  . PHE A 1 59  ? 4.150   -8.644  -3.548  1.00 20.47 ? 59  PHE A CB  1 
ATOM   319  C  CG  . PHE A 1 59  ? 3.500   -8.849  -4.886  1.00 21.51 ? 59  PHE A CG  1 
ATOM   320  C  CD1 . PHE A 1 59  ? 4.194   -8.572  -6.065  1.00 21.69 ? 59  PHE A CD1 1 
ATOM   321  C  CD2 . PHE A 1 59  ? 2.176   -9.262  -4.972  1.00 22.62 ? 59  PHE A CD2 1 
ATOM   322  C  CE1 . PHE A 1 59  ? 3.573   -8.700  -7.312  1.00 21.83 ? 59  PHE A CE1 1 
ATOM   323  C  CE2 . PHE A 1 59  ? 1.545   -9.391  -6.215  1.00 24.12 ? 59  PHE A CE2 1 
ATOM   324  C  CZ  . PHE A 1 59  ? 2.250   -9.108  -7.385  1.00 23.30 ? 59  PHE A CZ  1 
ATOM   325  N  N   . LEU A 1 60  ? 3.968   -6.403  -0.769  1.00 18.96 ? 60  LEU A N   1 
ATOM   326  C  CA  . LEU A 1 60  ? 4.429   -6.167  0.591   1.00 19.84 ? 60  LEU A CA  1 
ATOM   327  C  C   . LEU A 1 60  ? 4.534   -7.498  1.327   1.00 20.61 ? 60  LEU A C   1 
ATOM   328  O  O   . LEU A 1 60  ? 3.687   -8.386  1.160   1.00 21.67 ? 60  LEU A O   1 
ATOM   329  C  CB  . LEU A 1 60  ? 3.442   -5.245  1.311   1.00 19.22 ? 60  LEU A CB  1 
ATOM   330  C  CG  . LEU A 1 60  ? 3.739   -4.797  2.742   1.00 19.39 ? 60  LEU A CG  1 
ATOM   331  C  CD1 . LEU A 1 60  ? 5.028   -3.999  2.782   1.00 18.83 ? 60  LEU A CD1 1 
ATOM   332  C  CD2 . LEU A 1 60  ? 2.577   -3.959  3.245   1.00 18.55 ? 60  LEU A CD2 1 
ATOM   333  N  N   . GLU A 1 61  ? 5.582   -7.639  2.128   1.00 19.57 ? 61  GLU A N   1 
ATOM   334  C  CA  . GLU A 1 61  ? 5.794   -8.858  2.894   1.00 20.77 ? 61  GLU A CA  1 
ATOM   335  C  C   . GLU A 1 61  ? 5.875   -8.585  4.386   1.00 20.53 ? 61  GLU A C   1 
ATOM   336  O  O   . GLU A 1 61  ? 5.440   -9.401  5.199   1.00 18.83 ? 61  GLU A O   1 
ATOM   337  C  CB  . GLU A 1 61  ? 7.096   -9.537  2.471   1.00 22.72 ? 61  GLU A CB  1 
ATOM   338  C  CG  . GLU A 1 61  ? 7.067   -10.202 1.114   1.00 29.26 ? 61  GLU A CG  1 
ATOM   339  C  CD  . GLU A 1 61  ? 8.397   -10.833 0.769   1.00 32.03 ? 61  GLU A CD  1 
ATOM   340  O  OE1 . GLU A 1 61  ? 9.131   -11.202 1.714   1.00 34.74 ? 61  GLU A OE1 1 
ATOM   341  O  OE2 . GLU A 1 61  ? 8.704   -10.974 -0.437  1.00 35.23 ? 61  GLU A OE2 1 
ATOM   342  N  N   . GLN A 1 62  ? 6.430   -7.434  4.748   1.00 19.93 ? 62  GLN A N   1 
ATOM   343  C  CA  . GLN A 1 62  ? 6.606   -7.130  6.155   1.00 21.76 ? 62  GLN A CA  1 
ATOM   344  C  C   . GLN A 1 62  ? 6.807   -5.653  6.426   1.00 20.20 ? 62  GLN A C   1 
ATOM   345  O  O   . GLN A 1 62  ? 7.370   -4.927  5.607   1.00 20.52 ? 62  GLN A O   1 
ATOM   346  C  CB  . GLN A 1 62  ? 7.824   -7.910  6.674   1.00 24.25 ? 62  GLN A CB  1 
ATOM   347  C  CG  . GLN A 1 62  ? 8.152   -7.725  8.138   1.00 30.87 ? 62  GLN A CG  1 
ATOM   348  C  CD  . GLN A 1 62  ? 9.554   -8.215  8.476   1.00 33.46 ? 62  GLN A CD  1 
ATOM   349  O  OE1 . GLN A 1 62  ? 9.922   -9.349  8.158   1.00 35.58 ? 62  GLN A OE1 1 
ATOM   350  N  NE2 . GLN A 1 62  ? 10.344  -7.357  9.118   1.00 34.45 ? 62  GLN A NE2 1 
ATOM   351  N  N   . ILE A 1 63  ? 6.331   -5.218  7.585   1.00 18.90 ? 63  ILE A N   1 
ATOM   352  C  CA  . ILE A 1 63  ? 6.498   -3.849  8.028   1.00 20.04 ? 63  ILE A CA  1 
ATOM   353  C  C   . ILE A 1 63  ? 7.155   -3.915  9.402   1.00 21.04 ? 63  ILE A C   1 
ATOM   354  O  O   . ILE A 1 63  ? 6.692   -4.641  10.281  1.00 21.48 ? 63  ILE A O   1 
ATOM   355  C  CB  . ILE A 1 63  ? 5.155   -3.104  8.180   1.00 19.49 ? 63  ILE A CB  1 
ATOM   356  C  CG1 . ILE A 1 63  ? 4.492   -2.908  6.816   1.00 18.43 ? 63  ILE A CG1 1 
ATOM   357  C  CG2 . ILE A 1 63  ? 5.396   -1.743  8.833   1.00 20.19 ? 63  ILE A CG2 1 
ATOM   358  C  CD1 . ILE A 1 63  ? 3.157   -2.185  6.899   1.00 18.80 ? 63  ILE A CD1 1 
ATOM   359  N  N   . HIS A 1 64  ? 8.246   -3.180  9.579   1.00 21.43 ? 64  HIS A N   1 
ATOM   360  C  CA  . HIS A 1 64  ? 8.930   -3.148  10.868  1.00 22.60 ? 64  HIS A CA  1 
ATOM   361  C  C   . HIS A 1 64  ? 8.827   -1.708  11.355  1.00 21.76 ? 64  HIS A C   1 
ATOM   362  O  O   . HIS A 1 64  ? 9.381   -0.796  10.745  1.00 23.29 ? 64  HIS A O   1 
ATOM   363  C  CB  . HIS A 1 64  ? 10.397  -3.576  10.713  1.00 24.51 ? 64  HIS A CB  1 
ATOM   364  C  CG  . HIS A 1 64  ? 11.104  -3.795  12.016  1.00 28.00 ? 64  HIS A CG  1 
ATOM   365  N  ND1 . HIS A 1 64  ? 12.290  -4.493  12.112  1.00 31.36 ? 64  HIS A ND1 1 
ATOM   366  C  CD2 . HIS A 1 64  ? 10.796  -3.408  13.278  1.00 28.68 ? 64  HIS A CD2 1 
ATOM   367  C  CE1 . HIS A 1 64  ? 12.679  -4.528  13.373  1.00 30.14 ? 64  HIS A CE1 1 
ATOM   368  N  NE2 . HIS A 1 64  ? 11.790  -3.875  14.101  1.00 30.38 ? 64  HIS A NE2 1 
ATOM   369  N  N   . VAL A 1 65  ? 8.092   -1.509  12.445  1.00 22.45 ? 65  VAL A N   1 
ATOM   370  C  CA  . VAL A 1 65  ? 7.872   -0.181  13.004  1.00 22.69 ? 65  VAL A CA  1 
ATOM   371  C  C   . VAL A 1 65  ? 9.007   0.360   13.871  1.00 24.07 ? 65  VAL A C   1 
ATOM   372  O  O   . VAL A 1 65  ? 9.386   -0.250  14.869  1.00 23.92 ? 65  VAL A O   1 
ATOM   373  C  CB  . VAL A 1 65  ? 6.576   -0.157  13.835  1.00 23.03 ? 65  VAL A CB  1 
ATOM   374  C  CG1 . VAL A 1 65  ? 6.386   1.214   14.479  1.00 24.00 ? 65  VAL A CG1 1 
ATOM   375  C  CG2 . VAL A 1 65  ? 5.394   -0.498  12.949  1.00 23.05 ? 65  VAL A CG2 1 
ATOM   376  N  N   . LEU A 1 66  ? 9.532   1.518   13.483  1.00 23.81 ? 66  LEU A N   1 
ATOM   377  C  CA  . LEU A 1 66  ? 10.607  2.169   14.227  1.00 24.98 ? 66  LEU A CA  1 
ATOM   378  C  C   . LEU A 1 66  ? 10.055  3.463   14.818  1.00 25.92 ? 66  LEU A C   1 
ATOM   379  O  O   . LEU A 1 66  ? 8.966   3.903   14.449  1.00 24.63 ? 66  LEU A O   1 
ATOM   380  C  CB  . LEU A 1 66  ? 11.792  2.483   13.308  1.00 23.92 ? 66  LEU A CB  1 
ATOM   381  C  CG  . LEU A 1 66  ? 12.370  1.315   12.508  1.00 25.84 ? 66  LEU A CG  1 
ATOM   382  C  CD1 . LEU A 1 66  ? 13.629  1.769   11.788  1.00 25.38 ? 66  LEU A CD1 1 
ATOM   383  C  CD2 . LEU A 1 66  ? 12.684  0.150   13.437  1.00 26.88 ? 66  LEU A CD2 1 
ATOM   384  N  N   . GLU A 1 67  ? 10.814  4.073   15.725  1.00 27.12 ? 67  GLU A N   1 
ATOM   385  C  CA  . GLU A 1 67  ? 10.386  5.306   16.375  1.00 27.43 ? 67  GLU A CA  1 
ATOM   386  C  C   . GLU A 1 67  ? 9.908   6.388   15.407  1.00 27.98 ? 67  GLU A C   1 
ATOM   387  O  O   . GLU A 1 67  ? 8.839   6.962   15.606  1.00 29.60 ? 67  GLU A O   1 
ATOM   388  C  CB  . GLU A 1 67  ? 11.514  5.852   17.266  1.00 27.83 ? 67  GLU A CB  1 
ATOM   389  N  N   . ASN A 1 68  ? 10.683  6.678   14.367  1.00 26.87 ? 68  ASN A N   1 
ATOM   390  C  CA  . ASN A 1 68  ? 10.283  7.714   13.412  1.00 27.56 ? 68  ASN A CA  1 
ATOM   391  C  C   . ASN A 1 68  ? 10.285  7.234   11.969  1.00 26.60 ? 68  ASN A C   1 
ATOM   392  O  O   . ASN A 1 68  ? 10.243  8.039   11.038  1.00 27.06 ? 68  ASN A O   1 
ATOM   393  C  CB  . ASN A 1 68  ? 11.207  8.929   13.520  1.00 29.77 ? 68  ASN A CB  1 
ATOM   394  C  CG  . ASN A 1 68  ? 11.223  9.525   14.907  1.00 32.39 ? 68  ASN A CG  1 
ATOM   395  O  OD1 . ASN A 1 68  ? 10.195  9.979   15.413  1.00 33.74 ? 68  ASN A OD1 1 
ATOM   396  N  ND2 . ASN A 1 68  ? 12.394  9.525   15.535  1.00 34.17 ? 68  ASN A ND2 1 
ATOM   397  N  N   . SER A 1 69  ? 10.321  5.923   11.780  1.00 25.54 ? 69  SER A N   1 
ATOM   398  C  CA  . SER A 1 69  ? 10.351  5.379   10.430  1.00 24.89 ? 69  SER A CA  1 
ATOM   399  C  C   . SER A 1 69  ? 9.594   4.073   10.333  1.00 22.61 ? 69  SER A C   1 
ATOM   400  O  O   . SER A 1 69  ? 9.128   3.526   11.331  1.00 23.21 ? 69  SER A O   1 
ATOM   401  C  CB  . SER A 1 69  ? 11.802  5.135   9.993   1.00 24.32 ? 69  SER A CB  1 
ATOM   402  O  OG  . SER A 1 69  ? 12.561  6.333   10.016  1.00 31.59 ? 69  SER A OG  1 
ATOM   403  N  N   . LEU A 1 70  ? 9.487   3.583   9.108   1.00 20.95 ? 70  LEU A N   1 
ATOM   404  C  CA  . LEU A 1 70  ? 8.835   2.316   8.829   1.00 21.52 ? 70  LEU A CA  1 
ATOM   405  C  C   . LEU A 1 70  ? 9.737   1.575   7.847   1.00 19.70 ? 70  LEU A C   1 
ATOM   406  O  O   . LEU A 1 70  ? 10.098  2.120   6.803   1.00 18.75 ? 70  LEU A O   1 
ATOM   407  C  CB  . LEU A 1 70  ? 7.464   2.550   8.177   1.00 21.84 ? 70  LEU A CB  1 
ATOM   408  C  CG  . LEU A 1 70  ? 6.154   2.286   8.927   1.00 24.56 ? 70  LEU A CG  1 
ATOM   409  C  CD1 . LEU A 1 70  ? 6.179   2.869   10.318  1.00 24.24 ? 70  LEU A CD1 1 
ATOM   410  C  CD2 . LEU A 1 70  ? 5.008   2.882   8.109   1.00 25.22 ? 70  LEU A CD2 1 
ATOM   411  N  N   . VAL A 1 71  ? 10.131  0.356   8.189   1.00 18.98 ? 71  VAL A N   1 
ATOM   412  C  CA  . VAL A 1 71  ? 10.937  -0.438  7.270   1.00 20.04 ? 71  VAL A CA  1 
ATOM   413  C  C   . VAL A 1 71  ? 9.927   -1.275  6.483   1.00 20.39 ? 71  VAL A C   1 
ATOM   414  O  O   . VAL A 1 71  ? 9.117   -1.993  7.066   1.00 20.58 ? 71  VAL A O   1 
ATOM   415  C  CB  . VAL A 1 71  ? 11.925  -1.371  8.014   1.00 20.07 ? 71  VAL A CB  1 
ATOM   416  C  CG1 . VAL A 1 71  ? 12.422  -2.460  7.076   1.00 22.55 ? 71  VAL A CG1 1 
ATOM   417  C  CG2 . VAL A 1 71  ? 13.104  -0.567  8.532   1.00 21.04 ? 71  VAL A CG2 1 
ATOM   418  N  N   . LEU A 1 72  ? 9.969   -1.161  5.160   1.00 20.77 ? 72  LEU A N   1 
ATOM   419  C  CA  . LEU A 1 72  ? 9.048   -1.891  4.297   1.00 20.75 ? 72  LEU A CA  1 
ATOM   420  C  C   . LEU A 1 72  ? 9.799   -2.912  3.460   1.00 20.98 ? 72  LEU A C   1 
ATOM   421  O  O   . LEU A 1 72  ? 10.764  -2.571  2.780   1.00 20.98 ? 72  LEU A O   1 
ATOM   422  C  CB  . LEU A 1 72  ? 8.335   -0.919  3.358   1.00 21.67 ? 72  LEU A CB  1 
ATOM   423  C  CG  . LEU A 1 72  ? 7.676   0.304   3.992   1.00 23.72 ? 72  LEU A CG  1 
ATOM   424  C  CD1 . LEU A 1 72  ? 7.290   1.279   2.894   1.00 23.43 ? 72  LEU A CD1 1 
ATOM   425  C  CD2 . LEU A 1 72  ? 6.470   -0.122  4.815   1.00 23.05 ? 72  LEU A CD2 1 
ATOM   426  N  N   . LYS A 1 73  ? 9.355   -4.162  3.500   1.00 20.55 ? 73  LYS A N   1 
ATOM   427  C  CA  . LYS A 1 73  ? 10.004  -5.204  2.719   1.00 21.08 ? 73  LYS A CA  1 
ATOM   428  C  C   . LYS A 1 73  ? 9.020   -5.755  1.698   1.00 21.34 ? 73  LYS A C   1 
ATOM   429  O  O   . LYS A 1 73  ? 7.902   -6.132  2.043   1.00 19.69 ? 73  LYS A O   1 
ATOM   430  C  CB  . LYS A 1 73  ? 10.515  -6.316  3.639   1.00 23.54 ? 73  LYS A CB  1 
ATOM   431  C  CG  . LYS A 1 73  ? 11.649  -5.849  4.554   1.00 28.74 ? 73  LYS A CG  1 
ATOM   432  C  CD  . LYS A 1 73  ? 12.207  -6.970  5.417   1.00 31.89 ? 73  LYS A CD  1 
ATOM   433  C  CE  . LYS A 1 73  ? 13.441  -6.500  6.184   1.00 33.78 ? 73  LYS A CE  1 
ATOM   434  N  NZ  . LYS A 1 73  ? 14.016  -7.563  7.057   1.00 34.37 ? 73  LYS A NZ  1 
ATOM   435  N  N   . PHE A 1 74  ? 9.440   -5.782  0.438   1.00 18.80 ? 74  PHE A N   1 
ATOM   436  C  CA  . PHE A 1 74  ? 8.591   -6.272  -0.638  1.00 20.18 ? 74  PHE A CA  1 
ATOM   437  C  C   . PHE A 1 74  ? 9.376   -7.222  -1.517  1.00 19.76 ? 74  PHE A C   1 
ATOM   438  O  O   . PHE A 1 74  ? 10.545  -7.524  -1.282  1.00 19.36 ? 74  PHE A O   1 
ATOM   439  C  CB  . PHE A 1 74  ? 8.149   -5.161  -1.614  1.00 19.42 ? 74  PHE A CB  1 
ATOM   440  C  CG  . PHE A 1 74  ? 7.666   -3.883  -0.982  1.00 20.47 ? 74  PHE A CG  1 
ATOM   441  C  CD1 . PHE A 1 74  ? 8.571   -2.937  -0.507  1.00 20.43 ? 74  PHE A CD1 1 
ATOM   442  C  CD2 . PHE A 1 74  ? 6.308   -3.575  -0.972  1.00 19.03 ? 74  PHE A CD2 1 
ATOM   443  C  CE1 . PHE A 1 74  ? 8.129   -1.696  -0.039  1.00 19.81 ? 74  PHE A CE1 1 
ATOM   444  C  CE2 . PHE A 1 74  ? 5.854   -2.338  -0.503  1.00 21.07 ? 74  PHE A CE2 1 
ATOM   445  C  CZ  . PHE A 1 74  ? 6.769   -1.396  -0.039  1.00 20.28 ? 74  PHE A CZ  1 
ATOM   446  N  N   . HIS A 1 75  ? 8.695   -7.677  -2.557  1.00 20.33 ? 75  HIS A N   1 
ATOM   447  C  CA  . HIS A 1 75  ? 9.317   -8.478  -3.579  1.00 20.40 ? 75  HIS A CA  1 
ATOM   448  C  C   . HIS A 1 75  ? 8.634   -8.016  -4.851  1.00 20.61 ? 75  HIS A C   1 
ATOM   449  O  O   . HIS A 1 75  ? 7.495   -7.536  -4.821  1.00 19.12 ? 75  HIS A O   1 
ATOM   450  C  CB  . HIS A 1 75  ? 9.169   -9.993  -3.327  1.00 22.17 ? 75  HIS A CB  1 
ATOM   451  C  CG  . HIS A 1 75  ? 7.802   -10.549 -3.578  1.00 23.20 ? 75  HIS A CG  1 
ATOM   452  N  ND1 . HIS A 1 75  ? 7.044   -11.125 -2.580  1.00 24.44 ? 75  HIS A ND1 1 
ATOM   453  C  CD2 . HIS A 1 75  ? 7.085   -10.682 -4.719  1.00 24.28 ? 75  HIS A CD2 1 
ATOM   454  C  CE1 . HIS A 1 75  ? 5.919   -11.589 -3.096  1.00 24.13 ? 75  HIS A CE1 1 
ATOM   455  N  NE2 . HIS A 1 75  ? 5.920   -11.333 -4.392  1.00 25.95 ? 75  HIS A NE2 1 
ATOM   456  N  N   . THR A 1 76  ? 9.362   -8.070  -5.956  1.00 22.80 ? 76  THR A N   1 
ATOM   457  C  CA  . THR A 1 76  ? 8.809   -7.698  -7.247  1.00 22.92 ? 76  THR A CA  1 
ATOM   458  C  C   . THR A 1 76  ? 8.711   -9.028  -7.960  1.00 23.38 ? 76  THR A C   1 
ATOM   459  O  O   . THR A 1 76  ? 9.322   -10.008 -7.524  1.00 21.29 ? 76  THR A O   1 
ATOM   460  C  CB  . THR A 1 76  ? 9.755   -6.782  -8.040  1.00 24.58 ? 76  THR A CB  1 
ATOM   461  O  OG1 . THR A 1 76  ? 11.038  -7.407  -8.149  1.00 26.18 ? 76  THR A OG1 1 
ATOM   462  C  CG2 . THR A 1 76  ? 9.905   -5.442  -7.348  1.00 25.58 ? 76  THR A CG2 1 
ATOM   463  N  N   . VAL A 1 77  ? 7.941   -9.072  -9.039  1.00 23.89 ? 77  VAL A N   1 
ATOM   464  C  CA  . VAL A 1 77  ? 7.783   -10.305 -9.793  1.00 27.84 ? 77  VAL A CA  1 
ATOM   465  C  C   . VAL A 1 77  ? 7.951   -10.071 -11.288 1.00 28.58 ? 77  VAL A C   1 
ATOM   466  O  O   . VAL A 1 77  ? 7.437   -9.099  -11.838 1.00 29.04 ? 77  VAL A O   1 
ATOM   467  C  CB  . VAL A 1 77  ? 6.390   -10.936 -9.565  1.00 28.49 ? 77  VAL A CB  1 
ATOM   468  C  CG1 . VAL A 1 77  ? 6.309   -12.283 -10.276 1.00 30.34 ? 77  VAL A CG1 1 
ATOM   469  C  CG2 . VAL A 1 77  ? 6.130   -11.107 -8.081  1.00 29.74 ? 77  VAL A CG2 1 
ATOM   470  N  N   . ARG A 1 78  ? 8.692   -10.966 -11.926 1.00 28.71 ? 78  ARG A N   1 
ATOM   471  C  CA  . ARG A 1 78  ? 8.921   -10.922 -13.363 1.00 30.49 ? 78  ARG A CA  1 
ATOM   472  C  C   . ARG A 1 78  ? 8.727   -12.362 -13.825 1.00 31.28 ? 78  ARG A C   1 
ATOM   473  O  O   . ARG A 1 78  ? 9.552   -13.230 -13.532 1.00 30.08 ? 78  ARG A O   1 
ATOM   474  C  CB  . ARG A 1 78  ? 10.337  -10.450 -13.667 1.00 31.23 ? 78  ARG A CB  1 
ATOM   475  N  N   . ASP A 1 79  ? 7.623   -12.615 -14.524 1.00 32.10 ? 79  ASP A N   1 
ATOM   476  C  CA  . ASP A 1 79  ? 7.313   -13.955 -15.010 1.00 33.71 ? 79  ASP A CA  1 
ATOM   477  C  C   . ASP A 1 79  ? 7.521   -15.003 -13.920 1.00 32.81 ? 79  ASP A C   1 
ATOM   478  O  O   . ASP A 1 79  ? 8.263   -15.971 -14.092 1.00 32.90 ? 79  ASP A O   1 
ATOM   479  C  CB  . ASP A 1 79  ? 8.167   -14.286 -16.238 1.00 37.46 ? 79  ASP A CB  1 
ATOM   480  C  CG  . ASP A 1 79  ? 7.923   -13.325 -17.385 1.00 39.42 ? 79  ASP A CG  1 
ATOM   481  O  OD1 . ASP A 1 79  ? 6.749   -12.968 -17.621 1.00 40.95 ? 79  ASP A OD1 1 
ATOM   482  O  OD2 . ASP A 1 79  ? 8.900   -12.930 -18.055 1.00 43.30 ? 79  ASP A OD2 1 
ATOM   483  N  N   . GLU A 1 80  ? 6.857   -14.772 -12.793 1.00 31.18 ? 80  GLU A N   1 
ATOM   484  C  CA  . GLU A 1 80  ? 6.891   -15.642 -11.627 1.00 30.21 ? 80  GLU A CA  1 
ATOM   485  C  C   . GLU A 1 80  ? 8.175   -15.664 -10.806 1.00 31.54 ? 80  GLU A C   1 
ATOM   486  O  O   . GLU A 1 80  ? 8.214   -16.279 -9.740  1.00 31.87 ? 80  GLU A O   1 
ATOM   487  C  CB  . GLU A 1 80  ? 6.480   -17.065 -12.024 1.00 27.68 ? 80  GLU A CB  1 
ATOM   488  C  CG  . GLU A 1 80  ? 5.020   -17.127 -12.453 1.00 24.71 ? 80  GLU A CG  1 
ATOM   489  C  CD  . GLU A 1 80  ? 4.493   -18.535 -12.625 1.00 25.27 ? 80  GLU A CD  1 
ATOM   490  O  OE1 . GLU A 1 80  ? 5.045   -19.458 -11.996 1.00 22.60 ? 80  GLU A OE1 1 
ATOM   491  O  OE2 . GLU A 1 80  ? 3.507   -18.711 -13.373 1.00 20.65 ? 80  GLU A OE2 1 
ATOM   492  N  N   . GLU A 1 81  ? 9.223   -14.995 -11.275 1.00 32.16 ? 81  GLU A N   1 
ATOM   493  C  CA  . GLU A 1 81  ? 10.459  -14.966 -10.499 1.00 33.41 ? 81  GLU A CA  1 
ATOM   494  C  C   . GLU A 1 81  ? 10.386  -13.780 -9.536  1.00 32.48 ? 81  GLU A C   1 
ATOM   495  O  O   . GLU A 1 81  ? 10.126  -12.646 -9.948  1.00 30.55 ? 81  GLU A O   1 
ATOM   496  C  CB  . GLU A 1 81  ? 11.688  -14.817 -11.399 1.00 36.46 ? 81  GLU A CB  1 
ATOM   497  C  CG  . GLU A 1 81  ? 12.994  -14.996 -10.633 1.00 41.69 ? 81  GLU A CG  1 
ATOM   498  C  CD  . GLU A 1 81  ? 14.225  -14.674 -11.456 1.00 45.32 ? 81  GLU A CD  1 
ATOM   499  O  OE1 . GLU A 1 81  ? 14.413  -15.298 -12.522 1.00 47.49 ? 81  GLU A OE1 1 
ATOM   500  O  OE2 . GLU A 1 81  ? 15.008  -13.795 -11.029 1.00 47.58 ? 81  GLU A OE2 1 
ATOM   501  N  N   . CYS A 1 82  ? 10.618  -14.050 -8.258  1.00 30.50 ? 82  CYS A N   1 
ATOM   502  C  CA  . CYS A 1 82  ? 10.559  -13.018 -7.233  1.00 31.39 ? 82  CYS A CA  1 
ATOM   503  C  C   . CYS A 1 82  ? 11.912  -12.450 -6.831  1.00 30.97 ? 82  CYS A C   1 
ATOM   504  O  O   . CYS A 1 82  ? 12.902  -13.174 -6.754  1.00 31.15 ? 82  CYS A O   1 
ATOM   505  C  CB  . CYS A 1 82  ? 9.864   -13.570 -5.996  1.00 31.01 ? 82  CYS A CB  1 
ATOM   506  S  SG  . CYS A 1 82  ? 8.087   -13.904 -6.221  1.00 31.95 ? 82  CYS A SG  1 
ATOM   507  N  N   . SER A 1 83  ? 11.935  -11.147 -6.563  1.00 31.52 ? 83  SER A N   1 
ATOM   508  C  CA  . SER A 1 83  ? 13.149  -10.451 -6.144  1.00 31.68 ? 83  SER A CA  1 
ATOM   509  C  C   . SER A 1 83  ? 12.874  -9.577  -4.924  1.00 31.14 ? 83  SER A C   1 
ATOM   510  O  O   . SER A 1 83  ? 11.922  -8.800  -4.908  1.00 31.13 ? 83  SER A O   1 
ATOM   511  C  CB  . SER A 1 83  ? 13.683  -9.586  -7.284  1.00 31.76 ? 83  SER A CB  1 
ATOM   512  O  OG  . SER A 1 83  ? 14.164  -10.401 -8.339  1.00 34.67 ? 83  SER A OG  1 
ATOM   513  N  N   . GLU A 1 84  ? 13.722  -9.708  -3.908  1.00 30.86 ? 84  GLU A N   1 
ATOM   514  C  CA  . GLU A 1 84  ? 13.577  -8.953  -2.668  1.00 30.83 ? 84  GLU A CA  1 
ATOM   515  C  C   . GLU A 1 84  ? 13.873  -7.467  -2.854  1.00 28.69 ? 84  GLU A C   1 
ATOM   516  O  O   . GLU A 1 84  ? 14.796  -7.089  -3.576  1.00 28.07 ? 84  GLU A O   1 
ATOM   517  C  CB  . GLU A 1 84  ? 14.508  -9.533  -1.604  1.00 34.25 ? 84  GLU A CB  1 
ATOM   518  C  CG  . GLU A 1 84  ? 14.240  -9.032  -0.196  1.00 40.91 ? 84  GLU A CG  1 
ATOM   519  C  CD  . GLU A 1 84  ? 12.845  -9.389  0.285   1.00 44.56 ? 84  GLU A CD  1 
ATOM   520  O  OE1 . GLU A 1 84  ? 12.436  -10.560 0.103   1.00 46.18 ? 84  GLU A OE1 1 
ATOM   521  O  OE2 . GLU A 1 84  ? 12.164  -8.501  0.849   1.00 45.65 ? 84  GLU A OE2 1 
ATOM   522  N  N   . LEU A 1 85  ? 13.080  -6.630  -2.192  1.00 26.79 ? 85  LEU A N   1 
ATOM   523  C  CA  . LEU A 1 85  ? 13.237  -5.182  -2.267  1.00 26.28 ? 85  LEU A CA  1 
ATOM   524  C  C   . LEU A 1 85  ? 12.913  -4.612  -0.884  1.00 25.67 ? 85  LEU A C   1 
ATOM   525  O  O   . LEU A 1 85  ? 11.915  -5.000  -0.264  1.00 24.57 ? 85  LEU A O   1 
ATOM   526  C  CB  . LEU A 1 85  ? 12.258  -4.605  -3.296  1.00 27.14 ? 85  LEU A CB  1 
ATOM   527  C  CG  . LEU A 1 85  ? 12.646  -3.399  -4.163  1.00 29.95 ? 85  LEU A CG  1 
ATOM   528  C  CD1 . LEU A 1 85  ? 11.370  -2.802  -4.750  1.00 30.00 ? 85  LEU A CD1 1 
ATOM   529  C  CD2 . LEU A 1 85  ? 13.387  -2.347  -3.356  1.00 30.11 ? 85  LEU A CD2 1 
ATOM   530  N  N   . SER A 1 86  ? 13.747  -3.702  -0.396  1.00 23.07 ? 86  SER A N   1 
ATOM   531  C  CA  . SER A 1 86  ? 13.499  -3.093  0.908   1.00 24.31 ? 86  SER A CA  1 
ATOM   532  C  C   . SER A 1 86  ? 13.669  -1.585  0.822   1.00 24.49 ? 86  SER A C   1 
ATOM   533  O  O   . SER A 1 86  ? 14.392  -1.077  -0.035  1.00 24.96 ? 86  SER A O   1 
ATOM   534  C  CB  . SER A 1 86  ? 14.448  -3.663  1.976   1.00 23.41 ? 86  SER A CB  1 
ATOM   535  O  OG  . SER A 1 86  ? 15.797  -3.282  1.733   1.00 26.93 ? 86  SER A OG  1 
ATOM   536  N  N   . MET A 1 87  ? 12.979  -0.869  1.698   1.00 24.36 ? 87  MET A N   1 
ATOM   537  C  CA  . MET A 1 87  ? 13.074  0.581   1.734   1.00 24.10 ? 87  MET A CA  1 
ATOM   538  C  C   . MET A 1 87  ? 12.591  1.084   3.081   1.00 23.84 ? 87  MET A C   1 
ATOM   539  O  O   . MET A 1 87  ? 11.892  0.377   3.806   1.00 23.66 ? 87  MET A O   1 
ATOM   540  C  CB  . MET A 1 87  ? 12.268  1.219   0.598   1.00 25.47 ? 87  MET A CB  1 
ATOM   541  C  CG  . MET A 1 87  ? 10.810  0.815   0.516   1.00 26.19 ? 87  MET A CG  1 
ATOM   542  S  SD  . MET A 1 87  ? 9.975   1.664   -0.863  1.00 28.64 ? 87  MET A SD  1 
ATOM   543  C  CE  . MET A 1 87  ? 10.471  0.657   -2.234  1.00 25.22 ? 87  MET A CE  1 
ATOM   544  N  N   . VAL A 1 88  ? 12.979  2.305   3.419   1.00 23.47 ? 88  VAL A N   1 
ATOM   545  C  CA  . VAL A 1 88  ? 12.596  2.889   4.689   1.00 23.55 ? 88  VAL A CA  1 
ATOM   546  C  C   . VAL A 1 88  ? 11.836  4.177   4.450   1.00 22.13 ? 88  VAL A C   1 
ATOM   547  O  O   . VAL A 1 88  ? 12.301  5.049   3.725   1.00 22.18 ? 88  VAL A O   1 
ATOM   548  C  CB  . VAL A 1 88  ? 13.843  3.192   5.552   1.00 24.25 ? 88  VAL A CB  1 
ATOM   549  C  CG1 . VAL A 1 88  ? 13.426  3.745   6.905   1.00 25.48 ? 88  VAL A CG1 1 
ATOM   550  C  CG2 . VAL A 1 88  ? 14.667  1.930   5.725   1.00 25.49 ? 88  VAL A CG2 1 
ATOM   551  N  N   . ALA A 1 89  ? 10.662  4.281   5.059   1.00 21.89 ? 89  ALA A N   1 
ATOM   552  C  CA  . ALA A 1 89  ? 9.832   5.468   4.932   1.00 21.20 ? 89  ALA A CA  1 
ATOM   553  C  C   . ALA A 1 89  ? 9.965   6.257   6.233   1.00 22.36 ? 89  ALA A C   1 
ATOM   554  O  O   . ALA A 1 89  ? 9.902   5.684   7.313   1.00 22.43 ? 89  ALA A O   1 
ATOM   555  C  CB  . ALA A 1 89  ? 8.377   5.065   4.702   1.00 20.80 ? 89  ALA A CB  1 
ATOM   556  N  N   . ASP A 1 90  ? 10.153  7.568   6.129   1.00 24.51 ? 90  ASP A N   1 
ATOM   557  C  CA  . ASP A 1 90  ? 10.309  8.408   7.313   1.00 26.56 ? 90  ASP A CA  1 
ATOM   558  C  C   . ASP A 1 90  ? 9.062   9.246   7.581   1.00 27.82 ? 90  ASP A C   1 
ATOM   559  O  O   . ASP A 1 90  ? 8.313   9.578   6.663   1.00 28.24 ? 90  ASP A O   1 
ATOM   560  C  CB  . ASP A 1 90  ? 11.517  9.341   7.145   1.00 27.20 ? 90  ASP A CB  1 
ATOM   561  C  CG  . ASP A 1 90  ? 12.825  8.587   6.989   1.00 28.84 ? 90  ASP A CG  1 
ATOM   562  O  OD1 . ASP A 1 90  ? 13.199  7.835   7.909   1.00 29.79 ? 90  ASP A OD1 1 
ATOM   563  O  OD2 . ASP A 1 90  ? 13.481  8.749   5.944   1.00 31.02 ? 90  ASP A OD2 1 
ATOM   564  N  N   . LYS A 1 91  ? 8.837   9.583   8.845   1.00 28.90 ? 91  LYS A N   1 
ATOM   565  C  CA  . LYS A 1 91  ? 7.688   10.400  9.201   1.00 30.01 ? 91  LYS A CA  1 
ATOM   566  C  C   . LYS A 1 91  ? 7.887   11.787  8.613   1.00 30.35 ? 91  LYS A C   1 
ATOM   567  O  O   . LYS A 1 91  ? 9.019   12.256  8.482   1.00 30.19 ? 91  LYS A O   1 
ATOM   568  C  CB  . LYS A 1 91  ? 7.561   10.533  10.719  1.00 31.93 ? 91  LYS A CB  1 
ATOM   569  C  CG  . LYS A 1 91  ? 7.177   9.271   11.465  1.00 34.27 ? 91  LYS A CG  1 
ATOM   570  C  CD  . LYS A 1 91  ? 6.938   9.605   12.934  1.00 36.83 ? 91  LYS A CD  1 
ATOM   571  C  CE  . LYS A 1 91  ? 6.518   8.394   13.741  1.00 38.14 ? 91  LYS A CE  1 
ATOM   572  N  NZ  . LYS A 1 91  ? 6.296   8.764   15.173  1.00 39.97 ? 91  LYS A NZ  1 
ATOM   573  N  N   . THR A 1 92  ? 6.791   12.441  8.248   1.00 30.34 ? 92  THR A N   1 
ATOM   574  C  CA  . THR A 1 92  ? 6.876   13.792  7.716   1.00 30.81 ? 92  THR A CA  1 
ATOM   575  C  C   . THR A 1 92  ? 6.487   14.720  8.860   1.00 31.39 ? 92  THR A C   1 
ATOM   576  O  O   . THR A 1 92  ? 6.491   14.309  10.021  1.00 29.66 ? 92  THR A O   1 
ATOM   577  C  CB  . THR A 1 92  ? 5.911   14.004  6.536   1.00 31.46 ? 92  THR A CB  1 
ATOM   578  O  OG1 . THR A 1 92  ? 4.561   13.843  6.986   1.00 32.27 ? 92  THR A OG1 1 
ATOM   579  C  CG2 . THR A 1 92  ? 6.201   13.000  5.426   1.00 30.68 ? 92  THR A CG2 1 
ATOM   580  N  N   . GLU A 1 93  ? 6.146   15.962  8.544   1.00 32.38 ? 93  GLU A N   1 
ATOM   581  C  CA  . GLU A 1 93  ? 5.753   16.908  9.579   1.00 33.83 ? 93  GLU A CA  1 
ATOM   582  C  C   . GLU A 1 93  ? 4.289   16.687  9.957   1.00 34.10 ? 93  GLU A C   1 
ATOM   583  O  O   . GLU A 1 93  ? 3.828   17.161  10.994  1.00 34.84 ? 93  GLU A O   1 
ATOM   584  C  CB  . GLU A 1 93  ? 5.963   18.341  9.086   1.00 34.14 ? 93  GLU A CB  1 
ATOM   585  N  N   . LYS A 1 94  ? 3.570   15.951  9.115   1.00 33.54 ? 94  LYS A N   1 
ATOM   586  C  CA  . LYS A 1 94  ? 2.155   15.674  9.352   1.00 33.01 ? 94  LYS A CA  1 
ATOM   587  C  C   . LYS A 1 94  ? 1.926   14.325  10.026  1.00 32.72 ? 94  LYS A C   1 
ATOM   588  O  O   . LYS A 1 94  ? 2.438   13.297  9.581   1.00 31.92 ? 94  LYS A O   1 
ATOM   589  C  CB  . LYS A 1 94  ? 1.392   15.736  8.037   1.00 32.82 ? 94  LYS A CB  1 
ATOM   590  N  N   . ALA A 1 95  ? 1.133   14.338  11.091  1.00 32.07 ? 95  ALA A N   1 
ATOM   591  C  CA  . ALA A 1 95  ? 0.823   13.131  11.849  1.00 32.85 ? 95  ALA A CA  1 
ATOM   592  C  C   . ALA A 1 95  ? 0.229   12.007  11.003  1.00 32.23 ? 95  ALA A C   1 
ATOM   593  O  O   . ALA A 1 95  ? -0.708  12.223  10.236  1.00 32.44 ? 95  ALA A O   1 
ATOM   594  C  CB  . ALA A 1 95  ? -0.133  13.474  12.989  1.00 32.34 ? 95  ALA A CB  1 
ATOM   595  N  N   . GLY A 1 96  ? 0.783   10.806  11.153  1.00 30.69 ? 96  GLY A N   1 
ATOM   596  C  CA  . GLY A 1 96  ? 0.283   9.654   10.421  1.00 28.63 ? 96  GLY A CA  1 
ATOM   597  C  C   . GLY A 1 96  ? 0.702   9.557   8.967   1.00 27.28 ? 96  GLY A C   1 
ATOM   598  O  O   . GLY A 1 96  ? 0.224   8.686   8.235   1.00 25.52 ? 96  GLY A O   1 
ATOM   599  N  N   . GLU A 1 97  ? 1.595   10.447  8.544   1.00 25.94 ? 97  GLU A N   1 
ATOM   600  C  CA  . GLU A 1 97  ? 2.077   10.455  7.170   1.00 24.90 ? 97  GLU A CA  1 
ATOM   601  C  C   . GLU A 1 97  ? 3.568   10.133  7.067   1.00 24.46 ? 97  GLU A C   1 
ATOM   602  O  O   . GLU A 1 97  ? 4.377   10.595  7.878   1.00 23.93 ? 97  GLU A O   1 
ATOM   603  C  CB  . GLU A 1 97  ? 1.803   11.818  6.537   1.00 26.15 ? 97  GLU A CB  1 
ATOM   604  C  CG  . GLU A 1 97  ? 2.499   12.047  5.209   1.00 27.57 ? 97  GLU A CG  1 
ATOM   605  C  CD  . GLU A 1 97  ? 2.158   13.397  4.621   1.00 29.29 ? 97  GLU A CD  1 
ATOM   606  O  OE1 . GLU A 1 97  ? 1.186   13.483  3.841   1.00 31.53 ? 97  GLU A OE1 1 
ATOM   607  O  OE2 . GLU A 1 97  ? 2.855   14.380  4.953   1.00 31.99 ? 97  GLU A OE2 1 
ATOM   608  N  N   . TYR A 1 98  ? 3.926   9.337   6.067   1.00 22.56 ? 98  TYR A N   1 
ATOM   609  C  CA  . TYR A 1 98  ? 5.316   8.965   5.850   1.00 23.20 ? 98  TYR A CA  1 
ATOM   610  C  C   . TYR A 1 98  ? 5.747   9.316   4.442   1.00 22.70 ? 98  TYR A C   1 
ATOM   611  O  O   . TYR A 1 98  ? 4.913   9.544   3.568   1.00 22.72 ? 98  TYR A O   1 
ATOM   612  C  CB  . TYR A 1 98  ? 5.521   7.468   6.080   1.00 23.80 ? 98  TYR A CB  1 
ATOM   613  C  CG  . TYR A 1 98  ? 5.273   7.031   7.503   1.00 24.98 ? 98  TYR A CG  1 
ATOM   614  C  CD1 . TYR A 1 98  ? 3.978   6.867   7.984   1.00 25.17 ? 98  TYR A CD1 1 
ATOM   615  C  CD2 . TYR A 1 98  ? 6.338   6.802   8.374   1.00 26.19 ? 98  TYR A CD2 1 
ATOM   616  C  CE1 . TYR A 1 98  ? 3.746   6.484   9.300   1.00 27.11 ? 98  TYR A CE1 1 
ATOM   617  C  CE2 . TYR A 1 98  ? 6.121   6.420   9.693   1.00 26.10 ? 98  TYR A CE2 1 
ATOM   618  C  CZ  . TYR A 1 98  ? 4.821   6.262   10.148  1.00 27.66 ? 98  TYR A CZ  1 
ATOM   619  O  OH  . TYR A 1 98  ? 4.596   5.883   11.454  1.00 28.37 ? 98  TYR A OH  1 
ATOM   620  N  N   . SER A 1 99  ? 7.057   9.361   4.221   1.00 21.86 ? 99  SER A N   1 
ATOM   621  C  CA  . SER A 1 99  ? 7.580   9.690   2.904   1.00 22.01 ? 99  SER A CA  1 
ATOM   622  C  C   . SER A 1 99  ? 8.700   8.728   2.556   1.00 21.02 ? 99  SER A C   1 
ATOM   623  O  O   . SER A 1 99  ? 9.388   8.215   3.435   1.00 20.90 ? 99  SER A O   1 
ATOM   624  C  CB  . SER A 1 99  ? 8.118   11.122  2.883   1.00 22.13 ? 99  SER A CB  1 
ATOM   625  O  OG  . SER A 1 99  ? 9.317   11.215  3.638   1.00 23.05 ? 99  SER A OG  1 
ATOM   626  N  N   . VAL A 1 100 ? 8.873   8.476   1.269   1.00 21.21 ? 100 VAL A N   1 
ATOM   627  C  CA  . VAL A 1 100 ? 9.928   7.583   0.825   1.00 23.76 ? 100 VAL A CA  1 
ATOM   628  C  C   . VAL A 1 100 ? 10.299  7.896   -0.614  1.00 23.06 ? 100 VAL A C   1 
ATOM   629  O  O   . VAL A 1 100 ? 9.436   8.200   -1.437  1.00 22.05 ? 100 VAL A O   1 
ATOM   630  C  CB  . VAL A 1 100 ? 9.494   6.101   0.940   1.00 24.79 ? 100 VAL A CB  1 
ATOM   631  C  CG1 . VAL A 1 100 ? 8.239   5.858   0.122   1.00 26.26 ? 100 VAL A CG1 1 
ATOM   632  C  CG2 . VAL A 1 100 ? 10.621  5.192   0.479   1.00 26.42 ? 100 VAL A CG2 1 
ATOM   633  N  N   . THR A 1 101 ? 11.590  7.846   -0.913  1.00 23.03 ? 101 THR A N   1 
ATOM   634  C  CA  . THR A 1 101 ? 12.038  8.112   -2.270  1.00 23.92 ? 101 THR A CA  1 
ATOM   635  C  C   . THR A 1 101 ? 12.102  6.808   -3.041  1.00 22.75 ? 101 THR A C   1 
ATOM   636  O  O   . THR A 1 101 ? 12.843  5.896   -2.682  1.00 24.50 ? 101 THR A O   1 
ATOM   637  C  CB  . THR A 1 101 ? 13.423  8.778   -2.303  1.00 24.04 ? 101 THR A CB  1 
ATOM   638  O  OG1 . THR A 1 101 ? 13.337  10.080  -1.713  1.00 24.84 ? 101 THR A OG1 1 
ATOM   639  C  CG2 . THR A 1 101 ? 13.902  8.920   -3.742  1.00 25.37 ? 101 THR A CG2 1 
ATOM   640  N  N   . TYR A 1 102 ? 11.306  6.728   -4.097  1.00 22.96 ? 102 TYR A N   1 
ATOM   641  C  CA  . TYR A 1 102 ? 11.248  5.548   -4.945  1.00 23.36 ? 102 TYR A CA  1 
ATOM   642  C  C   . TYR A 1 102 ? 10.606  5.992   -6.249  1.00 24.52 ? 102 TYR A C   1 
ATOM   643  O  O   . TYR A 1 102 ? 9.409   6.295   -6.286  1.00 23.29 ? 102 TYR A O   1 
ATOM   644  C  CB  . TYR A 1 102 ? 10.399  4.456   -4.282  1.00 24.43 ? 102 TYR A CB  1 
ATOM   645  C  CG  . TYR A 1 102 ? 10.232  3.217   -5.130  1.00 24.63 ? 102 TYR A CG  1 
ATOM   646  C  CD1 . TYR A 1 102 ? 11.293  2.331   -5.325  1.00 24.32 ? 102 TYR A CD1 1 
ATOM   647  C  CD2 . TYR A 1 102 ? 9.030   2.960   -5.791  1.00 24.14 ? 102 TYR A CD2 1 
ATOM   648  C  CE1 . TYR A 1 102 ? 11.163  1.224   -6.162  1.00 23.49 ? 102 TYR A CE1 1 
ATOM   649  C  CE2 . TYR A 1 102 ? 8.891   1.854   -6.629  1.00 24.40 ? 102 TYR A CE2 1 
ATOM   650  C  CZ  . TYR A 1 102 ? 9.964   0.992   -6.811  1.00 23.28 ? 102 TYR A CZ  1 
ATOM   651  O  OH  . TYR A 1 102 ? 9.841   -0.088  -7.658  1.00 22.45 ? 102 TYR A OH  1 
ATOM   652  N  N   . ASP A 1 103 ? 11.404  6.034   -7.313  1.00 25.55 ? 103 ASP A N   1 
ATOM   653  C  CA  . ASP A 1 103 ? 10.924  6.472   -8.620  1.00 27.44 ? 103 ASP A CA  1 
ATOM   654  C  C   . ASP A 1 103 ? 10.111  7.752   -8.408  1.00 27.47 ? 103 ASP A C   1 
ATOM   655  O  O   . ASP A 1 103 ? 8.946   7.846   -8.794  1.00 27.76 ? 103 ASP A O   1 
ATOM   656  C  CB  . ASP A 1 103 ? 10.066  5.372   -9.256  1.00 30.15 ? 103 ASP A CB  1 
ATOM   657  C  CG  . ASP A 1 103 ? 9.742   5.648   -10.713 1.00 32.82 ? 103 ASP A CG  1 
ATOM   658  O  OD1 . ASP A 1 103 ? 10.454  6.459   -11.342 1.00 34.73 ? 103 ASP A OD1 1 
ATOM   659  O  OD2 . ASP A 1 103 ? 8.783   5.041   -11.234 1.00 34.18 ? 103 ASP A OD2 1 
ATOM   660  N  N   . GLY A 1 104 ? 10.747  8.733   -7.776  1.00 27.45 ? 104 GLY A N   1 
ATOM   661  C  CA  . GLY A 1 104 ? 10.087  9.992   -7.483  1.00 26.34 ? 104 GLY A CA  1 
ATOM   662  C  C   . GLY A 1 104 ? 9.935   10.125  -5.978  1.00 25.75 ? 104 GLY A C   1 
ATOM   663  O  O   . GLY A 1 104 ? 10.480  9.315   -5.230  1.00 26.23 ? 104 GLY A O   1 
ATOM   664  N  N   . PHE A 1 105 ? 9.202   11.138  -5.526  1.00 24.42 ? 105 PHE A N   1 
ATOM   665  C  CA  . PHE A 1 105 ? 8.998   11.346  -4.095  1.00 24.61 ? 105 PHE A CA  1 
ATOM   666  C  C   . PHE A 1 105 ? 7.596   10.864  -3.722  1.00 23.69 ? 105 PHE A C   1 
ATOM   667  O  O   . PHE A 1 105 ? 6.618   11.221  -4.380  1.00 23.61 ? 105 PHE A O   1 
ATOM   668  C  CB  . PHE A 1 105 ? 9.158   12.832  -3.751  1.00 23.91 ? 105 PHE A CB  1 
ATOM   669  C  CG  . PHE A 1 105 ? 9.010   13.135  -2.290  1.00 26.54 ? 105 PHE A CG  1 
ATOM   670  C  CD1 . PHE A 1 105 ? 9.939   12.656  -1.368  1.00 26.92 ? 105 PHE A CD1 1 
ATOM   671  C  CD2 . PHE A 1 105 ? 7.936   13.889  -1.830  1.00 27.02 ? 105 PHE A CD2 1 
ATOM   672  C  CE1 . PHE A 1 105 ? 9.800   12.925  -0.012  1.00 26.35 ? 105 PHE A CE1 1 
ATOM   673  C  CE2 . PHE A 1 105 ? 7.788   14.163  -0.472  1.00 27.99 ? 105 PHE A CE2 1 
ATOM   674  C  CZ  . PHE A 1 105 ? 8.723   13.680  0.438   1.00 27.86 ? 105 PHE A CZ  1 
ATOM   675  N  N   . ASN A 1 106 ? 7.500   10.057  -2.669  1.00 23.11 ? 106 ASN A N   1 
ATOM   676  C  CA  . ASN A 1 106 ? 6.209   9.516   -2.246  1.00 22.05 ? 106 ASN A CA  1 
ATOM   677  C  C   . ASN A 1 106 ? 5.848   9.848   -0.812  1.00 21.90 ? 106 ASN A C   1 
ATOM   678  O  O   . ASN A 1 106 ? 6.692   9.803   0.077   1.00 21.77 ? 106 ASN A O   1 
ATOM   679  C  CB  . ASN A 1 106 ? 6.198   7.987   -2.348  1.00 20.08 ? 106 ASN A CB  1 
ATOM   680  C  CG  . ASN A 1 106 ? 6.624   7.481   -3.705  1.00 21.44 ? 106 ASN A CG  1 
ATOM   681  O  OD1 . ASN A 1 106 ? 5.836   7.459   -4.650  1.00 19.24 ? 106 ASN A OD1 1 
ATOM   682  N  ND2 . ASN A 1 106 ? 7.888   7.072   -3.811  1.00 20.18 ? 106 ASN A ND2 1 
ATOM   683  N  N   . THR A 1 107 ? 4.579   10.171  -0.597  1.00 22.05 ? 107 THR A N   1 
ATOM   684  C  CA  . THR A 1 107 ? 4.075   10.411  0.743   1.00 22.22 ? 107 THR A CA  1 
ATOM   685  C  C   . THR A 1 107 ? 2.870   9.483   0.856   1.00 20.90 ? 107 THR A C   1 
ATOM   686  O  O   . THR A 1 107 ? 2.143   9.285   -0.117  1.00 18.62 ? 107 THR A O   1 
ATOM   687  C  CB  . THR A 1 107 ? 3.610   11.861  0.952   1.00 22.78 ? 107 THR A CB  1 
ATOM   688  O  OG1 . THR A 1 107 ? 2.613   12.186  -0.021  1.00 24.87 ? 107 THR A OG1 1 
ATOM   689  C  CG2 . THR A 1 107 ? 4.784   12.817  0.831   1.00 24.35 ? 107 THR A CG2 1 
ATOM   690  N  N   . PHE A 1 108 ? 2.675   8.877   2.020   1.00 19.20 ? 108 PHE A N   1 
ATOM   691  C  CA  . PHE A 1 108 ? 1.525   8.014   2.179   1.00 18.96 ? 108 PHE A CA  1 
ATOM   692  C  C   . PHE A 1 108 ? 0.965   8.036   3.584   1.00 18.73 ? 108 PHE A C   1 
ATOM   693  O  O   . PHE A 1 108 ? 1.653   8.397   4.544   1.00 18.27 ? 108 PHE A O   1 
ATOM   694  C  CB  . PHE A 1 108 ? 1.834   6.570   1.750   1.00 19.75 ? 108 PHE A CB  1 
ATOM   695  C  CG  . PHE A 1 108 ? 2.806   5.846   2.644   1.00 21.27 ? 108 PHE A CG  1 
ATOM   696  C  CD1 . PHE A 1 108 ? 4.165   5.814   2.339   1.00 20.64 ? 108 PHE A CD1 1 
ATOM   697  C  CD2 . PHE A 1 108 ? 2.354   5.155   3.764   1.00 21.05 ? 108 PHE A CD2 1 
ATOM   698  C  CE1 . PHE A 1 108 ? 5.062   5.096   3.133   1.00 20.19 ? 108 PHE A CE1 1 
ATOM   699  C  CE2 . PHE A 1 108 ? 3.241   4.436   4.564   1.00 23.75 ? 108 PHE A CE2 1 
ATOM   700  C  CZ  . PHE A 1 108 ? 4.603   4.406   4.243   1.00 22.88 ? 108 PHE A CZ  1 
ATOM   701  N  N   . THR A 1 109 ? -0.306  7.674   3.677   1.00 18.44 ? 109 THR A N   1 
ATOM   702  C  CA  . THR A 1 109 ? -1.024  7.602   4.937   1.00 19.82 ? 109 THR A CA  1 
ATOM   703  C  C   . THR A 1 109 ? -1.784  6.279   4.932   1.00 20.40 ? 109 THR A C   1 
ATOM   704  O  O   . THR A 1 109 ? -1.828  5.584   3.911   1.00 17.98 ? 109 THR A O   1 
ATOM   705  C  CB  . THR A 1 109 ? -2.042  8.750   5.070   1.00 21.22 ? 109 THR A CB  1 
ATOM   706  O  OG1 . THR A 1 109 ? -2.965  8.699   3.972   1.00 20.76 ? 109 THR A OG1 1 
ATOM   707  C  CG2 . THR A 1 109 ? -1.327  10.100  5.069   1.00 19.84 ? 109 THR A CG2 1 
ATOM   708  N  N   . ILE A 1 110 ? -2.366  5.934   6.075   1.00 19.08 ? 110 ILE A N   1 
ATOM   709  C  CA  . ILE A 1 110 ? -3.136  4.705   6.206   1.00 19.98 ? 110 ILE A CA  1 
ATOM   710  C  C   . ILE A 1 110 ? -4.544  5.132   6.598   1.00 21.11 ? 110 ILE A C   1 
ATOM   711  O  O   . ILE A 1 110 ? -4.859  5.263   7.783   1.00 20.84 ? 110 ILE A O   1 
ATOM   712  C  CB  . ILE A 1 110 ? -2.531  3.783   7.295   1.00 22.04 ? 110 ILE A CB  1 
ATOM   713  C  CG1 . ILE A 1 110 ? -1.116  3.368   6.878   1.00 21.81 ? 110 ILE A CG1 1 
ATOM   714  C  CG2 . ILE A 1 110 ? -3.410  2.549   7.497   1.00 20.89 ? 110 ILE A CG2 1 
ATOM   715  C  CD1 . ILE A 1 110 ? -0.345  2.611   7.945   1.00 24.45 ? 110 ILE A CD1 1 
ATOM   716  N  N   . PRO A 1 111 ? -5.408  5.384   5.599   1.00 20.42 ? 111 PRO A N   1 
ATOM   717  C  CA  . PRO A 1 111 ? -6.778  5.806   5.899   1.00 21.53 ? 111 PRO A CA  1 
ATOM   718  C  C   . PRO A 1 111 ? -7.567  4.843   6.775   1.00 22.26 ? 111 PRO A C   1 
ATOM   719  O  O   . PRO A 1 111 ? -8.460  5.267   7.502   1.00 22.13 ? 111 PRO A O   1 
ATOM   720  C  CB  . PRO A 1 111 ? -7.403  6.000   4.513   1.00 22.05 ? 111 PRO A CB  1 
ATOM   721  C  CG  . PRO A 1 111 ? -6.550  5.140   3.599   1.00 21.43 ? 111 PRO A CG  1 
ATOM   722  C  CD  . PRO A 1 111 ? -5.165  5.350   4.146   1.00 19.37 ? 111 PRO A CD  1 
ATOM   723  N  N   . LYS A 1 112 ? -7.238  3.556   6.729   1.00 22.26 ? 112 LYS A N   1 
ATOM   724  C  CA  . LYS A 1 112 ? -7.972  2.608   7.546   1.00 22.62 ? 112 LYS A CA  1 
ATOM   725  C  C   . LYS A 1 112 ? -7.327  1.240   7.708   1.00 21.51 ? 112 LYS A C   1 
ATOM   726  O  O   . LYS A 1 112 ? -6.808  0.654   6.760   1.00 19.03 ? 112 LYS A O   1 
ATOM   727  C  CB  . LYS A 1 112 ? -9.387  2.426   6.990   1.00 25.68 ? 112 LYS A CB  1 
ATOM   728  C  CG  . LYS A 1 112 ? -10.354 1.777   7.967   1.00 31.92 ? 112 LYS A CG  1 
ATOM   729  C  CD  . LYS A 1 112 ? -10.509 2.621   9.231   1.00 35.86 ? 112 LYS A CD  1 
ATOM   730  C  CE  . LYS A 1 112 ? -11.039 4.018   8.916   1.00 37.58 ? 112 LYS A CE  1 
ATOM   731  N  NZ  . LYS A 1 112 ? -11.027 4.896   10.124  1.00 40.03 ? 112 LYS A NZ  1 
ATOM   732  N  N   . THR A 1 113 ? -7.376  0.736   8.934   1.00 20.31 ? 113 THR A N   1 
ATOM   733  C  CA  . THR A 1 113 ? -6.833  -0.570  9.241   1.00 19.14 ? 113 THR A CA  1 
ATOM   734  C  C   . THR A 1 113 ? -7.456  -1.067  10.534  1.00 18.85 ? 113 THR A C   1 
ATOM   735  O  O   . THR A 1 113 ? -7.899  -0.269  11.363  1.00 19.27 ? 113 THR A O   1 
ATOM   736  C  CB  . THR A 1 113 ? -5.294  -0.527  9.393   1.00 17.85 ? 113 THR A CB  1 
ATOM   737  O  OG1 . THR A 1 113 ? -4.802  -1.860  9.564   1.00 18.36 ? 113 THR A OG1 1 
ATOM   738  C  CG2 . THR A 1 113 ? -4.886  0.313   10.596  1.00 18.32 ? 113 THR A CG2 1 
ATOM   739  N  N   . ASP A 1 114 ? -7.528  -2.380  10.694  1.00 19.23 ? 114 ASP A N   1 
ATOM   740  C  CA  . ASP A 1 114 ? -8.073  -2.932  11.919  1.00 20.94 ? 114 ASP A CA  1 
ATOM   741  C  C   . ASP A 1 114 ? -6.955  -3.686  12.638  1.00 20.77 ? 114 ASP A C   1 
ATOM   742  O  O   . ASP A 1 114 ? -7.201  -4.385  13.616  1.00 21.79 ? 114 ASP A O   1 
ATOM   743  C  CB  . ASP A 1 114 ? -9.268  -3.848  11.624  1.00 21.72 ? 114 ASP A CB  1 
ATOM   744  C  CG  . ASP A 1 114 ? -8.859  -5.177  11.036  1.00 23.14 ? 114 ASP A CG  1 
ATOM   745  O  OD1 . ASP A 1 114 ? -7.750  -5.277  10.475  1.00 25.18 ? 114 ASP A OD1 1 
ATOM   746  O  OD2 . ASP A 1 114 ? -9.661  -6.126  11.120  1.00 24.40 ? 114 ASP A OD2 1 
ATOM   747  N  N   . TYR A 1 115 ? -5.729  -3.534  12.127  1.00 20.41 ? 115 TYR A N   1 
ATOM   748  C  CA  . TYR A 1 115 ? -4.522  -4.143  12.700  1.00 20.84 ? 115 TYR A CA  1 
ATOM   749  C  C   . TYR A 1 115 ? -4.342  -5.645  12.506  1.00 20.91 ? 115 TYR A C   1 
ATOM   750  O  O   . TYR A 1 115 ? -3.279  -6.100  12.080  1.00 19.59 ? 115 TYR A O   1 
ATOM   751  C  CB  . TYR A 1 115 ? -4.440  -3.853  14.211  1.00 21.64 ? 115 TYR A CB  1 
ATOM   752  C  CG  . TYR A 1 115 ? -4.484  -2.392  14.590  1.00 22.19 ? 115 TYR A CG  1 
ATOM   753  C  CD1 . TYR A 1 115 ? -3.532  -1.497  14.106  1.00 22.85 ? 115 TYR A CD1 1 
ATOM   754  C  CD2 . TYR A 1 115 ? -5.463  -1.906  15.463  1.00 23.07 ? 115 TYR A CD2 1 
ATOM   755  C  CE1 . TYR A 1 115 ? -3.546  -0.157  14.481  1.00 23.81 ? 115 TYR A CE1 1 
ATOM   756  C  CE2 . TYR A 1 115 ? -5.486  -0.561  15.846  1.00 22.90 ? 115 TYR A CE2 1 
ATOM   757  C  CZ  . TYR A 1 115 ? -4.522  0.303   15.350  1.00 24.36 ? 115 TYR A CZ  1 
ATOM   758  O  OH  . TYR A 1 115 ? -4.520  1.631   15.713  1.00 25.04 ? 115 TYR A OH  1 
ATOM   759  N  N   . ASP A 1 116 ? -5.378  -6.415  12.831  1.00 21.87 ? 116 ASP A N   1 
ATOM   760  C  CA  . ASP A 1 116 ? -5.300  -7.870  12.741  1.00 21.27 ? 116 ASP A CA  1 
ATOM   761  C  C   . ASP A 1 116 ? -5.753  -8.524  11.455  1.00 21.67 ? 116 ASP A C   1 
ATOM   762  O  O   . ASP A 1 116 ? -5.525  -9.714  11.270  1.00 20.40 ? 116 ASP A O   1 
ATOM   763  C  CB  . ASP A 1 116 ? -6.090  -8.510  13.880  1.00 24.00 ? 116 ASP A CB  1 
ATOM   764  C  CG  . ASP A 1 116 ? -5.673  -8.002  15.227  1.00 25.42 ? 116 ASP A CG  1 
ATOM   765  O  OD1 . ASP A 1 116 ? -4.456  -7.818  15.438  1.00 27.21 ? 116 ASP A OD1 1 
ATOM   766  O  OD2 . ASP A 1 116 ? -6.565  -7.798  16.073  1.00 28.48 ? 116 ASP A OD2 1 
ATOM   767  N  N   . ASN A 1 117 ? -6.396  -7.777  10.567  1.00 20.20 ? 117 ASN A N   1 
ATOM   768  C  CA  . ASN A 1 117 ? -6.858  -8.392  9.329   1.00 20.15 ? 117 ASN A CA  1 
ATOM   769  C  C   . ASN A 1 117 ? -6.502  -7.663  8.049   1.00 18.39 ? 117 ASN A C   1 
ATOM   770  O  O   . ASN A 1 117 ? -5.961  -8.265  7.126   1.00 18.26 ? 117 ASN A O   1 
ATOM   771  C  CB  . ASN A 1 117 ? -8.379  -8.582  9.369   1.00 21.36 ? 117 ASN A CB  1 
ATOM   772  C  CG  . ASN A 1 117 ? -8.813  -9.603  10.404  1.00 24.12 ? 117 ASN A CG  1 
ATOM   773  O  OD1 . ASN A 1 117 ? -8.618  -10.806 10.221  1.00 27.48 ? 117 ASN A OD1 1 
ATOM   774  N  ND2 . ASN A 1 117 ? -9.396  -9.129  11.502  1.00 24.76 ? 117 ASN A ND2 1 
ATOM   775  N  N   . PHE A 1 118 ? -6.810  -6.373  7.987   1.00 18.01 ? 118 PHE A N   1 
ATOM   776  C  CA  . PHE A 1 118 ? -6.555  -5.622  6.771   1.00 19.32 ? 118 PHE A CA  1 
ATOM   777  C  C   . PHE A 1 118 ? -5.930  -4.254  7.011   1.00 18.67 ? 118 PHE A C   1 
ATOM   778  O  O   . PHE A 1 118 ? -5.912  -3.741  8.127   1.00 18.82 ? 118 PHE A O   1 
ATOM   779  C  CB  . PHE A 1 118 ? -7.872  -5.457  5.995   1.00 19.40 ? 118 PHE A CB  1 
ATOM   780  C  CG  . PHE A 1 118 ? -8.835  -4.491  6.635   1.00 20.89 ? 118 PHE A CG  1 
ATOM   781  C  CD1 . PHE A 1 118 ? -8.776  -3.132  6.337   1.00 22.26 ? 118 PHE A CD1 1 
ATOM   782  C  CD2 . PHE A 1 118 ? -9.766  -4.931  7.572   1.00 22.75 ? 118 PHE A CD2 1 
ATOM   783  C  CE1 . PHE A 1 118 ? -9.626  -2.222  6.965   1.00 21.87 ? 118 PHE A CE1 1 
ATOM   784  C  CE2 . PHE A 1 118 ? -10.623 -4.034  8.208   1.00 22.62 ? 118 PHE A CE2 1 
ATOM   785  C  CZ  . PHE A 1 118 ? -10.553 -2.676  7.906   1.00 24.06 ? 118 PHE A CZ  1 
ATOM   786  N  N   . LEU A 1 119 ? -5.419  -3.673  5.935   1.00 18.25 ? 119 LEU A N   1 
ATOM   787  C  CA  . LEU A 1 119 ? -4.806  -2.359  5.984   1.00 17.70 ? 119 LEU A CA  1 
ATOM   788  C  C   . LEU A 1 119 ? -4.993  -1.703  4.620   1.00 16.73 ? 119 LEU A C   1 
ATOM   789  O  O   . LEU A 1 119 ? -4.774  -2.322  3.577   1.00 16.17 ? 119 LEU A O   1 
ATOM   790  C  CB  . LEU A 1 119 ? -3.318  -2.481  6.328   1.00 18.39 ? 119 LEU A CB  1 
ATOM   791  C  CG  . LEU A 1 119 ? -2.564  -1.172  6.588   1.00 22.66 ? 119 LEU A CG  1 
ATOM   792  C  CD1 . LEU A 1 119 ? -1.323  -1.450  7.427   1.00 22.32 ? 119 LEU A CD1 1 
ATOM   793  C  CD2 . LEU A 1 119 ? -2.183  -0.521  5.258   1.00 23.68 ? 119 LEU A CD2 1 
ATOM   794  N  N   . MET A 1 120 ? -5.432  -0.454  4.632   1.00 15.52 ? 120 MET A N   1 
ATOM   795  C  CA  . MET A 1 120 ? -5.635  0.272   3.395   1.00 16.71 ? 120 MET A CA  1 
ATOM   796  C  C   . MET A 1 120 ? -4.651  1.431   3.382   1.00 17.29 ? 120 MET A C   1 
ATOM   797  O  O   . MET A 1 120 ? -4.551  2.181   4.352   1.00 18.64 ? 120 MET A O   1 
ATOM   798  C  CB  . MET A 1 120 ? -7.075  0.781   3.313   1.00 16.50 ? 120 MET A CB  1 
ATOM   799  C  CG  . MET A 1 120 ? -8.115  -0.329  3.334   1.00 18.11 ? 120 MET A CG  1 
ATOM   800  S  SD  . MET A 1 120 ? -9.778  0.315   3.113   1.00 21.17 ? 120 MET A SD  1 
ATOM   801  C  CE  . MET A 1 120 ? -10.757 -1.213  3.129   1.00 20.61 ? 120 MET A CE  1 
ATOM   802  N  N   . ALA A 1 121 ? -3.910  1.558   2.288   1.00 16.38 ? 121 ALA A N   1 
ATOM   803  C  CA  . ALA A 1 121 ? -2.927  2.620   2.167   1.00 17.00 ? 121 ALA A CA  1 
ATOM   804  C  C   . ALA A 1 121 ? -3.252  3.565   1.014   1.00 16.45 ? 121 ALA A C   1 
ATOM   805  O  O   . ALA A 1 121 ? -3.870  3.173   0.025   1.00 17.12 ? 121 ALA A O   1 
ATOM   806  C  CB  . ALA A 1 121 ? -1.532  2.014   1.975   1.00 17.21 ? 121 ALA A CB  1 
ATOM   807  N  N   . HIS A 1 122 ? -2.833  4.816   1.155   1.00 16.53 ? 122 HIS A N   1 
ATOM   808  C  CA  . HIS A 1 122 ? -3.059  5.827   0.129   1.00 17.29 ? 122 HIS A CA  1 
ATOM   809  C  C   . HIS A 1 122 ? -1.749  6.570   -0.074  1.00 17.50 ? 122 HIS A C   1 
ATOM   810  O  O   . HIS A 1 122 ? -1.194  7.144   0.863   1.00 18.52 ? 122 HIS A O   1 
ATOM   811  C  CB  . HIS A 1 122 ? -4.165  6.787   0.563   1.00 17.90 ? 122 HIS A CB  1 
ATOM   812  C  CG  . HIS A 1 122 ? -4.353  7.946   -0.367  1.00 20.40 ? 122 HIS A CG  1 
ATOM   813  N  ND1 . HIS A 1 122 ? -3.600  9.097   -0.284  1.00 19.99 ? 122 HIS A ND1 1 
ATOM   814  C  CD2 . HIS A 1 122 ? -5.190  8.118   -1.417  1.00 19.42 ? 122 HIS A CD2 1 
ATOM   815  C  CE1 . HIS A 1 122 ? -3.965  9.929   -1.243  1.00 20.63 ? 122 HIS A CE1 1 
ATOM   816  N  NE2 . HIS A 1 122 ? -4.928  9.359   -1.946  1.00 19.60 ? 122 HIS A NE2 1 
ATOM   817  N  N   . LEU A 1 123 ? -1.256  6.554   -1.303  1.00 17.71 ? 123 LEU A N   1 
ATOM   818  C  CA  . LEU A 1 123 ? 0.016   7.181   -1.606  1.00 17.56 ? 123 LEU A CA  1 
ATOM   819  C  C   . LEU A 1 123 ? -0.035  8.150   -2.776  1.00 18.34 ? 123 LEU A C   1 
ATOM   820  O  O   . LEU A 1 123 ? -0.782  7.951   -3.731  1.00 17.45 ? 123 LEU A O   1 
ATOM   821  C  CB  . LEU A 1 123 ? 1.058   6.082   -1.872  1.00 17.61 ? 123 LEU A CB  1 
ATOM   822  C  CG  . LEU A 1 123 ? 2.444   6.418   -2.441  1.00 18.86 ? 123 LEU A CG  1 
ATOM   823  C  CD1 . LEU A 1 123 ? 3.435   5.317   -2.076  1.00 20.46 ? 123 LEU A CD1 1 
ATOM   824  C  CD2 . LEU A 1 123 ? 2.359   6.566   -3.952  1.00 19.00 ? 123 LEU A CD2 1 
ATOM   825  N  N   . ILE A 1 124 ? 0.762   9.210   -2.676  1.00 18.60 ? 124 ILE A N   1 
ATOM   826  C  CA  . ILE A 1 124 ? 0.857   10.210  -3.731  1.00 19.21 ? 124 ILE A CA  1 
ATOM   827  C  C   . ILE A 1 124 ? 2.303   10.271  -4.207  1.00 20.48 ? 124 ILE A C   1 
ATOM   828  O  O   . ILE A 1 124 ? 3.226   10.499  -3.419  1.00 20.18 ? 124 ILE A O   1 
ATOM   829  C  CB  . ILE A 1 124 ? 0.460   11.610  -3.241  1.00 19.67 ? 124 ILE A CB  1 
ATOM   830  C  CG1 . ILE A 1 124 ? -0.997  11.617  -2.779  1.00 20.13 ? 124 ILE A CG1 1 
ATOM   831  C  CG2 . ILE A 1 124 ? 0.636   12.614  -4.371  1.00 19.51 ? 124 ILE A CG2 1 
ATOM   832  C  CD1 . ILE A 1 124 ? -1.418  12.936  -2.151  1.00 22.14 ? 124 ILE A CD1 1 
ATOM   833  N  N   . ASN A 1 125 ? 2.500   10.054  -5.497  1.00 21.80 ? 125 ASN A N   1 
ATOM   834  C  CA  . ASN A 1 125 ? 3.837   10.098  -6.062  1.00 23.72 ? 125 ASN A CA  1 
ATOM   835  C  C   . ASN A 1 125 ? 4.006   11.354  -6.903  1.00 25.42 ? 125 ASN A C   1 
ATOM   836  O  O   . ASN A 1 125 ? 3.138   11.703  -7.699  1.00 23.26 ? 125 ASN A O   1 
ATOM   837  C  CB  . ASN A 1 125 ? 4.091   8.852   -6.916  1.00 22.51 ? 125 ASN A CB  1 
ATOM   838  C  CG  . ASN A 1 125 ? 5.379   8.947   -7.725  1.00 24.53 ? 125 ASN A CG  1 
ATOM   839  O  OD1 . ASN A 1 125 ? 5.445   9.659   -8.727  1.00 22.71 ? 125 ASN A OD1 1 
ATOM   840  N  ND2 . ASN A 1 125 ? 6.410   8.234   -7.286  1.00 23.11 ? 125 ASN A ND2 1 
ATOM   841  N  N   . GLU A 1 126 ? 5.121   12.043  -6.703  1.00 27.37 ? 126 GLU A N   1 
ATOM   842  C  CA  . GLU A 1 126 ? 5.411   13.245  -7.468  1.00 31.61 ? 126 GLU A CA  1 
ATOM   843  C  C   . GLU A 1 126 ? 6.754   13.038  -8.149  1.00 32.31 ? 126 GLU A C   1 
ATOM   844  O  O   . GLU A 1 126 ? 7.762   12.757  -7.495  1.00 31.70 ? 126 GLU A O   1 
ATOM   845  C  CB  . GLU A 1 126 ? 5.470   14.469  -6.555  1.00 34.49 ? 126 GLU A CB  1 
ATOM   846  C  CG  . GLU A 1 126 ? 4.191   14.719  -5.777  1.00 41.07 ? 126 GLU A CG  1 
ATOM   847  C  CD  . GLU A 1 126 ? 4.245   16.002  -4.980  1.00 43.47 ? 126 GLU A CD  1 
ATOM   848  O  OE1 . GLU A 1 126 ? 4.183   17.088  -5.592  1.00 46.18 ? 126 GLU A OE1 1 
ATOM   849  O  OE2 . GLU A 1 126 ? 4.360   15.924  -3.740  1.00 45.99 ? 126 GLU A OE2 1 
ATOM   850  N  N   . LYS A 1 127 ? 6.761   13.156  -9.470  1.00 34.51 ? 127 LYS A N   1 
ATOM   851  C  CA  . LYS A 1 127 ? 7.984   12.978  -10.229 1.00 36.80 ? 127 LYS A CA  1 
ATOM   852  C  C   . LYS A 1 127 ? 8.001   13.941  -11.407 1.00 38.88 ? 127 LYS A C   1 
ATOM   853  O  O   . LYS A 1 127 ? 7.134   13.888  -12.281 1.00 38.46 ? 127 LYS A O   1 
ATOM   854  C  CB  . LYS A 1 127 ? 8.078   11.536  -10.726 1.00 38.08 ? 127 LYS A CB  1 
ATOM   855  C  CG  . LYS A 1 127 ? 9.363   11.209  -11.463 1.00 40.40 ? 127 LYS A CG  1 
ATOM   856  C  CD  . LYS A 1 127 ? 9.307   9.805   -12.035 1.00 43.25 ? 127 LYS A CD  1 
ATOM   857  C  CE  . LYS A 1 127 ? 10.549  9.479   -12.848 1.00 43.80 ? 127 LYS A CE  1 
ATOM   858  N  NZ  . LYS A 1 127 ? 10.461  8.113   -13.436 1.00 45.44 ? 127 LYS A NZ  1 
ATOM   859  N  N   . ASP A 1 128 ? 8.994   14.827  -11.408 1.00 40.76 ? 128 ASP A N   1 
ATOM   860  C  CA  . ASP A 1 128 ? 9.167   15.820  -12.461 1.00 42.02 ? 128 ASP A CA  1 
ATOM   861  C  C   . ASP A 1 128 ? 7.875   16.554  -12.803 1.00 41.66 ? 128 ASP A C   1 
ATOM   862  O  O   . ASP A 1 128 ? 7.430   16.544  -13.949 1.00 42.04 ? 128 ASP A O   1 
ATOM   863  C  CB  . ASP A 1 128 ? 9.735   15.156  -13.717 1.00 44.57 ? 128 ASP A CB  1 
ATOM   864  C  CG  . ASP A 1 128 ? 11.051  14.445  -13.453 1.00 47.53 ? 128 ASP A CG  1 
ATOM   865  O  OD1 . ASP A 1 128 ? 11.955  15.071  -12.855 1.00 48.78 ? 128 ASP A OD1 1 
ATOM   866  O  OD2 . ASP A 1 128 ? 11.185  13.264  -13.844 1.00 48.96 ? 128 ASP A OD2 1 
ATOM   867  N  N   . GLY A 1 129 ? 7.278   17.186  -11.797 1.00 40.90 ? 129 GLY A N   1 
ATOM   868  C  CA  . GLY A 1 129 ? 6.049   17.932  -12.006 1.00 40.23 ? 129 GLY A CA  1 
ATOM   869  C  C   . GLY A 1 129 ? 4.816   17.096  -12.291 1.00 39.79 ? 129 GLY A C   1 
ATOM   870  O  O   . GLY A 1 129 ? 3.724   17.638  -12.461 1.00 39.28 ? 129 GLY A O   1 
ATOM   871  N  N   . GLU A 1 130 ? 4.983   15.780  -12.344 1.00 39.91 ? 130 GLU A N   1 
ATOM   872  C  CA  . GLU A 1 130 ? 3.869   14.875  -12.616 1.00 39.70 ? 130 GLU A CA  1 
ATOM   873  C  C   . GLU A 1 130 ? 3.445   14.173  -11.320 1.00 37.09 ? 130 GLU A C   1 
ATOM   874  O  O   . GLU A 1 130 ? 4.285   13.862  -10.477 1.00 35.32 ? 130 GLU A O   1 
ATOM   875  C  CB  . GLU A 1 130 ? 4.291   13.833  -13.654 1.00 43.48 ? 130 GLU A CB  1 
ATOM   876  C  CG  . GLU A 1 130 ? 3.159   13.304  -14.510 1.00 49.83 ? 130 GLU A CG  1 
ATOM   877  C  CD  . GLU A 1 130 ? 2.578   14.371  -15.416 1.00 53.07 ? 130 GLU A CD  1 
ATOM   878  O  OE1 . GLU A 1 130 ? 3.340   14.948  -16.221 1.00 54.66 ? 130 GLU A OE1 1 
ATOM   879  O  OE2 . GLU A 1 130 ? 1.361   14.637  -15.324 1.00 55.88 ? 130 GLU A OE2 1 
ATOM   880  N  N   . THR A 1 131 ? 2.148   13.926  -11.162 1.00 34.16 ? 131 THR A N   1 
ATOM   881  C  CA  . THR A 1 131 ? 1.650   13.262  -9.960  1.00 32.33 ? 131 THR A CA  1 
ATOM   882  C  C   . THR A 1 131 ? 0.646   12.161  -10.279 1.00 30.53 ? 131 THR A C   1 
ATOM   883  O  O   . THR A 1 131 ? -0.059  12.217  -11.289 1.00 29.29 ? 131 THR A O   1 
ATOM   884  C  CB  . THR A 1 131 ? 0.960   14.261  -8.992  1.00 32.92 ? 131 THR A CB  1 
ATOM   885  O  OG1 . THR A 1 131 ? 1.907   15.244  -8.548  1.00 35.99 ? 131 THR A OG1 1 
ATOM   886  C  CG2 . THR A 1 131 ? 0.409   13.531  -7.776  1.00 33.61 ? 131 THR A CG2 1 
ATOM   887  N  N   . PHE A 1 132 ? 0.602   11.150  -9.417  1.00 28.18 ? 132 PHE A N   1 
ATOM   888  C  CA  . PHE A 1 132 ? -0.346  10.052  -9.561  1.00 26.72 ? 132 PHE A CA  1 
ATOM   889  C  C   . PHE A 1 132 ? -0.538  9.450   -8.173  1.00 25.97 ? 132 PHE A C   1 
ATOM   890  O  O   . PHE A 1 132 ? 0.376   9.476   -7.342  1.00 25.35 ? 132 PHE A O   1 
ATOM   891  C  CB  . PHE A 1 132 ? 0.145   9.006   -10.591 1.00 25.74 ? 132 PHE A CB  1 
ATOM   892  C  CG  . PHE A 1 132 ? 1.152   8.004   -10.059 1.00 26.83 ? 132 PHE A CG  1 
ATOM   893  C  CD1 . PHE A 1 132 ? 0.751   6.957   -9.227  1.00 26.83 ? 132 PHE A CD1 1 
ATOM   894  C  CD2 . PHE A 1 132 ? 2.493   8.088   -10.423 1.00 26.17 ? 132 PHE A CD2 1 
ATOM   895  C  CE1 . PHE A 1 132 ? 1.675   6.008   -8.763  1.00 26.56 ? 132 PHE A CE1 1 
ATOM   896  C  CE2 . PHE A 1 132 ? 3.427   7.147   -9.966  1.00 26.81 ? 132 PHE A CE2 1 
ATOM   897  C  CZ  . PHE A 1 132 ? 3.014   6.105   -9.134  1.00 27.03 ? 132 PHE A CZ  1 
ATOM   898  N  N   . GLN A 1 133 ? -1.731  8.938   -7.910  1.00 25.14 ? 133 GLN A N   1 
ATOM   899  C  CA  . GLN A 1 133 ? -2.013  8.349   -6.614  1.00 23.57 ? 133 GLN A CA  1 
ATOM   900  C  C   . GLN A 1 133 ? -2.176  6.839   -6.706  1.00 23.14 ? 133 GLN A C   1 
ATOM   901  O  O   . GLN A 1 133 ? -2.609  6.298   -7.724  1.00 22.32 ? 133 GLN A O   1 
ATOM   902  C  CB  . GLN A 1 133 ? -3.274  8.974   -6.016  1.00 25.81 ? 133 GLN A CB  1 
ATOM   903  C  CG  . GLN A 1 133 ? -4.516  8.780   -6.859  1.00 28.51 ? 133 GLN A CG  1 
ATOM   904  C  CD  . GLN A 1 133 ? -5.725  9.483   -6.281  1.00 28.20 ? 133 GLN A CD  1 
ATOM   905  O  OE1 . GLN A 1 133 ? -6.074  9.294   -5.115  1.00 27.49 ? 133 GLN A OE1 1 
ATOM   906  N  NE2 . GLN A 1 133 ? -6.376  10.297  -7.098  1.00 29.99 ? 133 GLN A NE2 1 
ATOM   907  N  N   . LEU A 1 134 ? -1.809  6.161   -5.629  1.00 21.35 ? 134 LEU A N   1 
ATOM   908  C  CA  . LEU A 1 134 ? -1.923  4.721   -5.569  1.00 19.73 ? 134 LEU A CA  1 
ATOM   909  C  C   . LEU A 1 134 ? -2.559  4.355   -4.237  1.00 19.07 ? 134 LEU A C   1 
ATOM   910  O  O   . LEU A 1 134 ? -2.281  4.973   -3.207  1.00 17.63 ? 134 LEU A O   1 
ATOM   911  C  CB  . LEU A 1 134 ? -0.536  4.080   -5.705  1.00 21.69 ? 134 LEU A CB  1 
ATOM   912  C  CG  . LEU A 1 134 ? -0.450  2.554   -5.608  1.00 23.00 ? 134 LEU A CG  1 
ATOM   913  C  CD1 . LEU A 1 134 ? 0.751   2.050   -6.380  1.00 25.56 ? 134 LEU A CD1 1 
ATOM   914  C  CD2 . LEU A 1 134 ? -0.362  2.142   -4.151  1.00 24.36 ? 134 LEU A CD2 1 
ATOM   915  N  N   . MET A 1 135 ? -3.437  3.364   -4.273  1.00 17.95 ? 135 MET A N   1 
ATOM   916  C  CA  . MET A 1 135 ? -4.104  2.899   -3.073  1.00 17.82 ? 135 MET A CA  1 
ATOM   917  C  C   . MET A 1 135 ? -3.977  1.390   -3.066  1.00 16.52 ? 135 MET A C   1 
ATOM   918  O  O   . MET A 1 135 ? -4.075  0.744   -4.109  1.00 15.61 ? 135 MET A O   1 
ATOM   919  C  CB  . MET A 1 135 ? -5.578  3.319   -3.068  1.00 18.18 ? 135 MET A CB  1 
ATOM   920  C  CG  . MET A 1 135 ? -5.777  4.824   -2.934  1.00 21.05 ? 135 MET A CG  1 
ATOM   921  S  SD  . MET A 1 135 ? -7.506  5.332   -2.875  1.00 24.76 ? 135 MET A SD  1 
ATOM   922  C  CE  . MET A 1 135 ? -7.899  4.935   -1.207  1.00 22.55 ? 135 MET A CE  1 
ATOM   923  N  N   . GLY A 1 136 ? -3.727  0.833   -1.889  1.00 16.17 ? 136 GLY A N   1 
ATOM   924  C  CA  . GLY A 1 136 ? -3.591  -0.601  -1.791  1.00 14.82 ? 136 GLY A CA  1 
ATOM   925  C  C   . GLY A 1 136 ? -4.325  -1.181  -0.606  1.00 14.95 ? 136 GLY A C   1 
ATOM   926  O  O   . GLY A 1 136 ? -4.546  -0.505  0.393   1.00 13.15 ? 136 GLY A O   1 
ATOM   927  N  N   . LEU A 1 137 ? -4.720  -2.443  -0.743  1.00 16.27 ? 137 LEU A N   1 
ATOM   928  C  CA  . LEU A 1 137 ? -5.394  -3.174  0.314   1.00 15.79 ? 137 LEU A CA  1 
ATOM   929  C  C   . LEU A 1 137 ? -4.444  -4.313  0.652   1.00 15.53 ? 137 LEU A C   1 
ATOM   930  O  O   . LEU A 1 137 ? -4.058  -5.096  -0.215  1.00 16.62 ? 137 LEU A O   1 
ATOM   931  C  CB  . LEU A 1 137 ? -6.738  -3.733  -0.167  1.00 17.85 ? 137 LEU A CB  1 
ATOM   932  C  CG  . LEU A 1 137 ? -7.432  -4.706  0.797   1.00 16.85 ? 137 LEU A CG  1 
ATOM   933  C  CD1 . LEU A 1 137 ? -7.862  -3.973  2.065   1.00 18.07 ? 137 LEU A CD1 1 
ATOM   934  C  CD2 . LEU A 1 137 ? -8.636  -5.344  0.096   1.00 17.40 ? 137 LEU A CD2 1 
ATOM   935  N  N   . TYR A 1 138 ? -4.065  -4.392  1.919   1.00 15.38 ? 138 TYR A N   1 
ATOM   936  C  CA  . TYR A 1 138 ? -3.134  -5.408  2.386   1.00 15.99 ? 138 TYR A CA  1 
ATOM   937  C  C   . TYR A 1 138 ? -3.804  -6.247  3.460   1.00 15.16 ? 138 TYR A C   1 
ATOM   938  O  O   . TYR A 1 138 ? -4.648  -5.750  4.203   1.00 16.32 ? 138 TYR A O   1 
ATOM   939  C  CB  . TYR A 1 138 ? -1.886  -4.711  2.938   1.00 16.92 ? 138 TYR A CB  1 
ATOM   940  C  CG  . TYR A 1 138 ? -1.227  -3.795  1.920   1.00 17.79 ? 138 TYR A CG  1 
ATOM   941  C  CD1 . TYR A 1 138 ? -0.331  -4.300  0.977   1.00 16.87 ? 138 TYR A CD1 1 
ATOM   942  C  CD2 . TYR A 1 138 ? -1.562  -2.436  1.845   1.00 19.34 ? 138 TYR A CD2 1 
ATOM   943  C  CE1 . TYR A 1 138 ? 0.213   -3.484  -0.017  1.00 16.96 ? 138 TYR A CE1 1 
ATOM   944  C  CE2 . TYR A 1 138 ? -1.019  -1.605  0.842   1.00 17.51 ? 138 TYR A CE2 1 
ATOM   945  C  CZ  . TYR A 1 138 ? -0.139  -2.144  -0.083  1.00 18.44 ? 138 TYR A CZ  1 
ATOM   946  O  OH  . TYR A 1 138 ? 0.361   -1.362  -1.111  1.00 17.76 ? 138 TYR A OH  1 
ATOM   947  N  N   . GLY A 1 139 ? -3.444  -7.521  3.532   1.00 15.84 ? 139 GLY A N   1 
ATOM   948  C  CA  . GLY A 1 139 ? -4.039  -8.379  4.537   1.00 17.84 ? 139 GLY A CA  1 
ATOM   949  C  C   . GLY A 1 139 ? -3.013  -9.171  5.324   1.00 17.73 ? 139 GLY A C   1 
ATOM   950  O  O   . GLY A 1 139 ? -1.891  -9.382  4.866   1.00 15.73 ? 139 GLY A O   1 
ATOM   951  N  N   . ARG A 1 140 ? -3.392  -9.598  6.523   1.00 19.04 ? 140 ARG A N   1 
ATOM   952  C  CA  . ARG A 1 140 ? -2.499  -10.401 7.343   1.00 18.74 ? 140 ARG A CA  1 
ATOM   953  C  C   . ARG A 1 140 ? -2.413  -11.771 6.675   1.00 20.96 ? 140 ARG A C   1 
ATOM   954  O  O   . ARG A 1 140 ? -1.395  -12.457 6.764   1.00 20.51 ? 140 ARG A O   1 
ATOM   955  C  CB  . ARG A 1 140 ? -3.048  -10.511 8.766   1.00 18.26 ? 140 ARG A CB  1 
ATOM   956  C  CG  . ARG A 1 140 ? -2.989  -9.201  9.540   1.00 17.25 ? 140 ARG A CG  1 
ATOM   957  C  CD  . ARG A 1 140 ? -1.545  -8.737  9.705   1.00 17.33 ? 140 ARG A CD  1 
ATOM   958  N  NE  . ARG A 1 140 ? -1.413  -7.737  10.758  1.00 16.65 ? 140 ARG A NE  1 
ATOM   959  C  CZ  . ARG A 1 140 ? -0.254  -7.339  11.273  1.00 18.36 ? 140 ARG A CZ  1 
ATOM   960  N  NH1 . ARG A 1 140 ? 0.890   -7.858  10.833  1.00 16.40 ? 140 ARG A NH1 1 
ATOM   961  N  NH2 . ARG A 1 140 ? -0.239  -6.426  12.237  1.00 17.24 ? 140 ARG A NH2 1 
ATOM   962  N  N   . GLU A 1 141 ? -3.490  -12.147 5.987   1.00 21.76 ? 141 GLU A N   1 
ATOM   963  C  CA  . GLU A 1 141 ? -3.565  -13.405 5.241   1.00 24.78 ? 141 GLU A CA  1 
ATOM   964  C  C   . GLU A 1 141 ? -3.441  -13.054 3.750   1.00 24.08 ? 141 GLU A C   1 
ATOM   965  O  O   . GLU A 1 141 ? -3.642  -11.901 3.363   1.00 23.30 ? 141 GLU A O   1 
ATOM   966  C  CB  . GLU A 1 141 ? -4.907  -14.093 5.505   1.00 28.95 ? 141 GLU A CB  1 
ATOM   967  C  CG  . GLU A 1 141 ? -5.052  -14.644 6.909   1.00 34.92 ? 141 GLU A CG  1 
ATOM   968  C  CD  . GLU A 1 141 ? -4.525  -16.058 7.029   1.00 39.01 ? 141 GLU A CD  1 
ATOM   969  O  OE1 . GLU A 1 141 ? -5.227  -16.989 6.576   1.00 41.42 ? 141 GLU A OE1 1 
ATOM   970  O  OE2 . GLU A 1 141 ? -3.411  -16.240 7.565   1.00 40.98 ? 141 GLU A OE2 1 
ATOM   971  N  N   . PRO A 1 142 ? -3.111  -14.041 2.898   1.00 23.82 ? 142 PRO A N   1 
ATOM   972  C  CA  . PRO A 1 142 ? -2.962  -13.815 1.454   1.00 23.21 ? 142 PRO A CA  1 
ATOM   973  C  C   . PRO A 1 142 ? -4.251  -13.443 0.702   1.00 22.48 ? 142 PRO A C   1 
ATOM   974  O  O   . PRO A 1 142 ? -4.228  -13.244 -0.510  1.00 23.02 ? 142 PRO A O   1 
ATOM   975  C  CB  . PRO A 1 142 ? -2.373  -15.135 0.949   1.00 23.58 ? 142 PRO A CB  1 
ATOM   976  C  CG  . PRO A 1 142 ? -1.741  -15.744 2.176   1.00 25.65 ? 142 PRO A CG  1 
ATOM   977  C  CD  . PRO A 1 142 ? -2.732  -15.420 3.249   1.00 24.69 ? 142 PRO A CD  1 
ATOM   978  N  N   . ASP A 1 143 ? -5.371  -13.367 1.410   1.00 22.20 ? 143 ASP A N   1 
ATOM   979  C  CA  . ASP A 1 143 ? -6.637  -12.999 0.776   1.00 22.13 ? 143 ASP A CA  1 
ATOM   980  C  C   . ASP A 1 143 ? -7.600  -12.473 1.834   1.00 22.39 ? 143 ASP A C   1 
ATOM   981  O  O   . ASP A 1 143 ? -7.453  -12.773 3.020   1.00 22.52 ? 143 ASP A O   1 
ATOM   982  C  CB  . ASP A 1 143 ? -7.236  -14.210 0.048   1.00 24.52 ? 143 ASP A CB  1 
ATOM   983  C  CG  . ASP A 1 143 ? -8.293  -13.818 -0.988  1.00 27.02 ? 143 ASP A CG  1 
ATOM   984  O  OD1 . ASP A 1 143 ? -8.369  -12.627 -1.362  1.00 24.78 ? 143 ASP A OD1 1 
ATOM   985  O  OD2 . ASP A 1 143 ? -9.041  -14.710 -1.443  1.00 29.02 ? 143 ASP A OD2 1 
ATOM   986  N  N   . LEU A 1 144 ? -8.566  -11.667 1.404   1.00 21.79 ? 144 LEU A N   1 
ATOM   987  C  CA  . LEU A 1 144 ? -9.561  -11.096 2.306   1.00 22.23 ? 144 LEU A CA  1 
ATOM   988  C  C   . LEU A 1 144 ? -10.977 -11.378 1.795   1.00 22.66 ? 144 LEU A C   1 
ATOM   989  O  O   . LEU A 1 144 ? -11.157 -11.795 0.653   1.00 22.37 ? 144 LEU A O   1 
ATOM   990  C  CB  . LEU A 1 144 ? -9.351  -9.584  2.434   1.00 23.22 ? 144 LEU A CB  1 
ATOM   991  C  CG  . LEU A 1 144 ? -8.052  -9.148  3.123   1.00 22.91 ? 144 LEU A CG  1 
ATOM   992  C  CD1 . LEU A 1 144 ? -7.900  -7.634  3.045   1.00 21.27 ? 144 LEU A CD1 1 
ATOM   993  C  CD2 . LEU A 1 144 ? -8.073  -9.614  4.567   1.00 23.01 ? 144 LEU A CD2 1 
ATOM   994  N  N   . SER A 1 145 ? -11.973 -11.149 2.643   1.00 22.52 ? 145 SER A N   1 
ATOM   995  C  CA  . SER A 1 145 ? -13.363 -11.387 2.262   1.00 24.51 ? 145 SER A CA  1 
ATOM   996  C  C   . SER A 1 145 ? -13.785 -10.421 1.155   1.00 24.59 ? 145 SER A C   1 
ATOM   997  O  O   . SER A 1 145 ? -13.185 -9.358  0.982   1.00 23.53 ? 145 SER A O   1 
ATOM   998  C  CB  . SER A 1 145 ? -14.283 -11.212 3.471   1.00 23.99 ? 145 SER A CB  1 
ATOM   999  O  OG  . SER A 1 145 ? -14.388 -9.848  3.841   1.00 27.33 ? 145 SER A OG  1 
ATOM   1000 N  N   . SER A 1 146 ? -14.825 -10.789 0.410   1.00 25.16 ? 146 SER A N   1 
ATOM   1001 C  CA  . SER A 1 146 ? -15.308 -9.938  -0.673  1.00 24.79 ? 146 SER A CA  1 
ATOM   1002 C  C   . SER A 1 146 ? -15.870 -8.626  -0.128  1.00 24.35 ? 146 SER A C   1 
ATOM   1003 O  O   . SER A 1 146 ? -15.837 -7.604  -0.808  1.00 23.87 ? 146 SER A O   1 
ATOM   1004 C  CB  . SER A 1 146 ? -16.382 -10.672 -1.483  1.00 25.18 ? 146 SER A CB  1 
ATOM   1005 O  OG  . SER A 1 146 ? -17.513 -10.943 -0.678  1.00 22.20 ? 146 SER A OG  1 
ATOM   1006 N  N   . ASP A 1 147 ? -16.387 -8.653  1.099   1.00 23.48 ? 147 ASP A N   1 
ATOM   1007 C  CA  . ASP A 1 147 ? -16.941 -7.449  1.715   1.00 22.42 ? 147 ASP A CA  1 
ATOM   1008 C  C   . ASP A 1 147 ? -15.859 -6.403  1.946   1.00 21.60 ? 147 ASP A C   1 
ATOM   1009 O  O   . ASP A 1 147 ? -16.074 -5.207  1.717   1.00 19.54 ? 147 ASP A O   1 
ATOM   1010 C  CB  . ASP A 1 147 ? -17.616 -7.785  3.048   1.00 25.30 ? 147 ASP A CB  1 
ATOM   1011 C  CG  . ASP A 1 147 ? -19.087 -8.124  2.889   1.00 29.62 ? 147 ASP A CG  1 
ATOM   1012 O  OD1 . ASP A 1 147 ? -19.517 -8.406  1.751   1.00 31.00 ? 147 ASP A OD1 1 
ATOM   1013 O  OD2 . ASP A 1 147 ? -19.816 -8.116  3.905   1.00 34.91 ? 147 ASP A OD2 1 
ATOM   1014 N  N   . ILE A 1 148 ? -14.694 -6.852  2.403   1.00 20.02 ? 148 ILE A N   1 
ATOM   1015 C  CA  . ILE A 1 148 ? -13.597 -5.925  2.654   1.00 19.91 ? 148 ILE A CA  1 
ATOM   1016 C  C   . ILE A 1 148 ? -13.094 -5.389  1.323   1.00 18.51 ? 148 ILE A C   1 
ATOM   1017 O  O   . ILE A 1 148 ? -12.793 -4.203  1.203   1.00 18.42 ? 148 ILE A O   1 
ATOM   1018 C  CB  . ILE A 1 148 ? -12.423 -6.599  3.416   1.00 19.39 ? 148 ILE A CB  1 
ATOM   1019 C  CG1 . ILE A 1 148 ? -12.882 -7.024  4.816   1.00 19.34 ? 148 ILE A CG1 1 
ATOM   1020 C  CG2 . ILE A 1 148 ? -11.260 -5.612  3.554   1.00 20.53 ? 148 ILE A CG2 1 
ATOM   1021 C  CD1 . ILE A 1 148 ? -11.840 -7.818  5.605   1.00 18.73 ? 148 ILE A CD1 1 
ATOM   1022 N  N   . LYS A 1 149 ? -13.017 -6.260  0.322   1.00 17.79 ? 149 LYS A N   1 
ATOM   1023 C  CA  . LYS A 1 149 ? -12.550 -5.840  -0.997  1.00 19.74 ? 149 LYS A CA  1 
ATOM   1024 C  C   . LYS A 1 149 ? -13.474 -4.785  -1.607  1.00 21.13 ? 149 LYS A C   1 
ATOM   1025 O  O   . LYS A 1 149 ? -13.006 -3.819  -2.206  1.00 20.63 ? 149 LYS A O   1 
ATOM   1026 C  CB  . LYS A 1 149 ? -12.443 -7.041  -1.939  1.00 19.33 ? 149 LYS A CB  1 
ATOM   1027 C  CG  . LYS A 1 149 ? -11.339 -8.027  -1.572  1.00 21.40 ? 149 LYS A CG  1 
ATOM   1028 C  CD  . LYS A 1 149 ? -11.287 -9.186  -2.562  1.00 21.74 ? 149 LYS A CD  1 
ATOM   1029 C  CE  . LYS A 1 149 ? -10.177 -10.167 -2.224  1.00 23.39 ? 149 LYS A CE  1 
ATOM   1030 N  NZ  . LYS A 1 149 ? -10.064 -11.241 -3.250  1.00 23.74 ? 149 LYS A NZ  1 
ATOM   1031 N  N   . GLU A 1 150 ? -14.785 -4.973  -1.449  1.00 20.45 ? 150 GLU A N   1 
ATOM   1032 C  CA  . GLU A 1 150 ? -15.772 -4.033  -1.982  1.00 20.35 ? 150 GLU A CA  1 
ATOM   1033 C  C   . GLU A 1 150 ? -15.693 -2.717  -1.211  1.00 20.07 ? 150 GLU A C   1 
ATOM   1034 O  O   . GLU A 1 150 ? -15.835 -1.630  -1.779  1.00 19.94 ? 150 GLU A O   1 
ATOM   1035 C  CB  . GLU A 1 150 ? -17.182 -4.638  -1.876  1.00 20.80 ? 150 GLU A CB  1 
ATOM   1036 C  CG  . GLU A 1 150 ? -18.325 -3.724  -2.333  1.00 21.68 ? 150 GLU A CG  1 
ATOM   1037 C  CD  . GLU A 1 150 ? -18.176 -3.223  -3.769  1.00 22.91 ? 150 GLU A CD  1 
ATOM   1038 O  OE1 . GLU A 1 150 ? -17.389 -3.810  -4.547  1.00 22.47 ? 150 GLU A OE1 1 
ATOM   1039 O  OE2 . GLU A 1 150 ? -18.870 -2.243  -4.124  1.00 22.85 ? 150 GLU A OE2 1 
ATOM   1040 N  N   . ARG A 1 151 ? -15.465 -2.813  0.091   1.00 19.61 ? 151 ARG A N   1 
ATOM   1041 C  CA  . ARG A 1 151 ? -15.339 -1.618  0.911   1.00 20.88 ? 151 ARG A CA  1 
ATOM   1042 C  C   . ARG A 1 151 ? -14.121 -0.818  0.413   1.00 19.15 ? 151 ARG A C   1 
ATOM   1043 O  O   . ARG A 1 151 ? -14.127 0.410   0.408   1.00 17.64 ? 151 ARG A O   1 
ATOM   1044 C  CB  . ARG A 1 151 ? -15.173 -2.023  2.376   1.00 25.39 ? 151 ARG A CB  1 
ATOM   1045 C  CG  . ARG A 1 151 ? -15.007 -0.872  3.341   1.00 31.45 ? 151 ARG A CG  1 
ATOM   1046 C  CD  . ARG A 1 151 ? -14.934 -1.394  4.771   1.00 35.34 ? 151 ARG A CD  1 
ATOM   1047 N  NE  . ARG A 1 151 ? -14.565 -0.345  5.717   1.00 40.72 ? 151 ARG A NE  1 
ATOM   1048 C  CZ  . ARG A 1 151 ? -14.346 -0.552  7.011   1.00 41.38 ? 151 ARG A CZ  1 
ATOM   1049 N  NH1 . ARG A 1 151 ? -14.459 -1.774  7.519   1.00 43.25 ? 151 ARG A NH1 1 
ATOM   1050 N  NH2 . ARG A 1 151 ? -14.010 0.461   7.796   1.00 43.81 ? 151 ARG A NH2 1 
ATOM   1051 N  N   . PHE A 1 152 ? -13.086 -1.526  -0.020  1.00 17.64 ? 152 PHE A N   1 
ATOM   1052 C  CA  . PHE A 1 152 ? -11.890 -0.878  -0.540  1.00 18.85 ? 152 PHE A CA  1 
ATOM   1053 C  C   . PHE A 1 152 ? -12.238 -0.212  -1.875  1.00 18.24 ? 152 PHE A C   1 
ATOM   1054 O  O   . PHE A 1 152 ? -11.831 0.919   -2.137  1.00 17.40 ? 152 PHE A O   1 
ATOM   1055 C  CB  . PHE A 1 152 ? -10.768 -1.904  -0.746  1.00 16.73 ? 152 PHE A CB  1 
ATOM   1056 C  CG  . PHE A 1 152 ? -9.528  -1.328  -1.389  1.00 17.65 ? 152 PHE A CG  1 
ATOM   1057 C  CD1 . PHE A 1 152 ? -8.709  -0.450  -0.691  1.00 18.14 ? 152 PHE A CD1 1 
ATOM   1058 C  CD2 . PHE A 1 152 ? -9.203  -1.643  -2.699  1.00 16.29 ? 152 PHE A CD2 1 
ATOM   1059 C  CE1 . PHE A 1 152 ? -7.579  0.108   -1.291  1.00 18.04 ? 152 PHE A CE1 1 
ATOM   1060 C  CE2 . PHE A 1 152 ? -8.075  -1.088  -3.311  1.00 20.10 ? 152 PHE A CE2 1 
ATOM   1061 C  CZ  . PHE A 1 152 ? -7.264  -0.209  -2.600  1.00 17.09 ? 152 PHE A CZ  1 
ATOM   1062 N  N   . ALA A 1 153 ? -13.001 -0.908  -2.714  1.00 18.62 ? 153 ALA A N   1 
ATOM   1063 C  CA  . ALA A 1 153 ? -13.396 -0.347  -4.004  1.00 19.96 ? 153 ALA A CA  1 
ATOM   1064 C  C   . ALA A 1 153 ? -14.187 0.957   -3.829  1.00 19.66 ? 153 ALA A C   1 
ATOM   1065 O  O   . ALA A 1 153 ? -14.060 1.880   -4.638  1.00 18.19 ? 153 ALA A O   1 
ATOM   1066 C  CB  . ALA A 1 153 ? -14.218 -1.366  -4.793  1.00 21.50 ? 153 ALA A CB  1 
ATOM   1067 N  N   . GLN A 1 154 ? -14.996 1.032   -2.774  1.00 19.17 ? 154 GLN A N   1 
ATOM   1068 C  CA  . GLN A 1 154 ? -15.794 2.227   -2.492  1.00 22.04 ? 154 GLN A CA  1 
ATOM   1069 C  C   . GLN A 1 154 ? -14.921 3.404   -2.061  1.00 22.24 ? 154 GLN A C   1 
ATOM   1070 O  O   . GLN A 1 154 ? -15.216 4.561   -2.372  1.00 20.80 ? 154 GLN A O   1 
ATOM   1071 C  CB  . GLN A 1 154 ? -16.828 1.933   -1.403  1.00 23.35 ? 154 GLN A CB  1 
ATOM   1072 C  CG  . GLN A 1 154 ? -17.896 0.947   -1.845  1.00 27.86 ? 154 GLN A CG  1 
ATOM   1073 C  CD  . GLN A 1 154 ? -18.750 1.498   -2.971  1.00 29.83 ? 154 GLN A CD  1 
ATOM   1074 O  OE1 . GLN A 1 154 ? -19.191 0.758   -3.852  1.00 32.90 ? 154 GLN A OE1 1 
ATOM   1075 N  NE2 . GLN A 1 154 ? -18.994 2.803   -2.942  1.00 29.24 ? 154 GLN A NE2 1 
ATOM   1076 N  N   . LEU A 1 155 ? -13.852 3.111   -1.331  1.00 20.80 ? 155 LEU A N   1 
ATOM   1077 C  CA  . LEU A 1 155 ? -12.949 4.168   -0.899  1.00 21.23 ? 155 LEU A CA  1 
ATOM   1078 C  C   . LEU A 1 155 ? -12.217 4.693   -2.133  1.00 19.17 ? 155 LEU A C   1 
ATOM   1079 O  O   . LEU A 1 155 ? -12.002 5.900   -2.271  1.00 19.84 ? 155 LEU A O   1 
ATOM   1080 C  CB  . LEU A 1 155 ? -11.945 3.639   0.128   1.00 22.11 ? 155 LEU A CB  1 
ATOM   1081 C  CG  . LEU A 1 155 ? -11.058 4.711   0.766   1.00 24.16 ? 155 LEU A CG  1 
ATOM   1082 C  CD1 . LEU A 1 155 ? -11.941 5.745   1.467   1.00 25.39 ? 155 LEU A CD1 1 
ATOM   1083 C  CD2 . LEU A 1 155 ? -10.096 4.071   1.756   1.00 23.99 ? 155 LEU A CD2 1 
ATOM   1084 N  N   . CYS A 1 156 ? -11.835 3.786   -3.029  1.00 18.89 ? 156 CYS A N   1 
ATOM   1085 C  CA  . CYS A 1 156 ? -11.150 4.174   -4.263  1.00 18.76 ? 156 CYS A CA  1 
ATOM   1086 C  C   . CYS A 1 156 ? -12.050 5.109   -5.065  1.00 19.72 ? 156 CYS A C   1 
ATOM   1087 O  O   . CYS A 1 156 ? -11.585 6.088   -5.649  1.00 19.15 ? 156 CYS A O   1 
ATOM   1088 C  CB  . CYS A 1 156 ? -10.827 2.949   -5.123  1.00 17.68 ? 156 CYS A CB  1 
ATOM   1089 S  SG  . CYS A 1 156 ? -9.423  1.948   -4.562  1.00 20.03 ? 156 CYS A SG  1 
ATOM   1090 N  N   . GLU A 1 157 ? -13.342 4.799   -5.095  1.00 19.81 ? 157 GLU A N   1 
ATOM   1091 C  CA  . GLU A 1 157 ? -14.281 5.628   -5.832  1.00 22.07 ? 157 GLU A CA  1 
ATOM   1092 C  C   . GLU A 1 157 ? -14.245 7.060   -5.321  1.00 23.16 ? 157 GLU A C   1 
ATOM   1093 O  O   . GLU A 1 157 ? -14.161 7.998   -6.106  1.00 22.73 ? 157 GLU A O   1 
ATOM   1094 C  CB  . GLU A 1 157 ? -15.700 5.083   -5.703  1.00 22.35 ? 157 GLU A CB  1 
ATOM   1095 C  CG  . GLU A 1 157 ? -16.685 5.779   -6.616  1.00 25.26 ? 157 GLU A CG  1 
ATOM   1096 C  CD  . GLU A 1 157 ? -18.091 5.293   -6.407  1.00 26.60 ? 157 GLU A CD  1 
ATOM   1097 O  OE1 . GLU A 1 157 ? -18.288 4.060   -6.377  1.00 25.57 ? 157 GLU A OE1 1 
ATOM   1098 O  OE2 . GLU A 1 157 ? -18.996 6.141   -6.275  1.00 30.28 ? 157 GLU A OE2 1 
ATOM   1099 N  N   . GLU A 1 158 ? -14.300 7.215   -4.001  1.00 23.92 ? 158 GLU A N   1 
ATOM   1100 C  CA  . GLU A 1 158 ? -14.277 8.527   -3.371  1.00 26.62 ? 158 GLU A CA  1 
ATOM   1101 C  C   . GLU A 1 158 ? -13.025 9.323   -3.741  1.00 26.11 ? 158 GLU A C   1 
ATOM   1102 O  O   . GLU A 1 158 ? -13.031 10.555  -3.707  1.00 25.16 ? 158 GLU A O   1 
ATOM   1103 C  CB  . GLU A 1 158 ? -14.399 8.375   -1.849  1.00 30.07 ? 158 GLU A CB  1 
ATOM   1104 C  CG  . GLU A 1 158 ? -15.821 8.048   -1.393  1.00 37.32 ? 158 GLU A CG  1 
ATOM   1105 C  CD  . GLU A 1 158 ? -15.910 7.617   0.062   1.00 42.41 ? 158 GLU A CD  1 
ATOM   1106 O  OE1 . GLU A 1 158 ? -15.313 8.294   0.929   1.00 45.85 ? 158 GLU A OE1 1 
ATOM   1107 O  OE2 . GLU A 1 158 ? -16.590 6.604   0.344   1.00 45.37 ? 158 GLU A OE2 1 
ATOM   1108 N  N   . HIS A 1 159 ? -11.962 8.617   -4.114  1.00 24.40 ? 159 HIS A N   1 
ATOM   1109 C  CA  . HIS A 1 159 ? -10.715 9.264   -4.506  1.00 23.55 ? 159 HIS A CA  1 
ATOM   1110 C  C   . HIS A 1 159 ? -10.625 9.453   -6.014  1.00 24.46 ? 159 HIS A C   1 
ATOM   1111 O  O   . HIS A 1 159 ? -9.602  9.903   -6.527  1.00 25.40 ? 159 HIS A O   1 
ATOM   1112 C  CB  . HIS A 1 159 ? -9.521  8.451   -4.007  1.00 21.66 ? 159 HIS A CB  1 
ATOM   1113 C  CG  . HIS A 1 159 ? -9.269  8.608   -2.542  1.00 20.20 ? 159 HIS A CG  1 
ATOM   1114 N  ND1 . HIS A 1 159 ? -8.277  9.421   -2.040  1.00 20.34 ? 159 HIS A ND1 1 
ATOM   1115 C  CD2 . HIS A 1 159 ? -9.922  8.105   -1.467  1.00 19.44 ? 159 HIS A CD2 1 
ATOM   1116 C  CE1 . HIS A 1 159 ? -8.326  9.413   -0.720  1.00 19.06 ? 159 HIS A CE1 1 
ATOM   1117 N  NE2 . HIS A 1 159 ? -9.317  8.623   -0.346  1.00 19.67 ? 159 HIS A NE2 1 
ATOM   1118 N  N   . GLY A 1 160 ? -11.700 9.100   -6.714  1.00 24.78 ? 160 GLY A N   1 
ATOM   1119 C  CA  . GLY A 1 160 ? -11.737 9.255   -8.155  1.00 23.42 ? 160 GLY A CA  1 
ATOM   1120 C  C   . GLY A 1 160 ? -11.152 8.100   -8.942  1.00 24.76 ? 160 GLY A C   1 
ATOM   1121 O  O   . GLY A 1 160 ? -10.827 8.252   -10.112 1.00 25.35 ? 160 GLY A O   1 
ATOM   1122 N  N   . ILE A 1 161 ? -11.010 6.937   -8.314  1.00 23.88 ? 161 ILE A N   1 
ATOM   1123 C  CA  . ILE A 1 161 ? -10.454 5.790   -9.020  1.00 24.43 ? 161 ILE A CA  1 
ATOM   1124 C  C   . ILE A 1 161 ? -11.546 4.775   -9.347  1.00 24.94 ? 161 ILE A C   1 
ATOM   1125 O  O   . ILE A 1 161 ? -12.173 4.211   -8.447  1.00 25.01 ? 161 ILE A O   1 
ATOM   1126 C  CB  . ILE A 1 161 ? -9.350  5.108   -8.189  1.00 23.63 ? 161 ILE A CB  1 
ATOM   1127 C  CG1 . ILE A 1 161 ? -8.243  6.121   -7.861  1.00 24.42 ? 161 ILE A CG1 1 
ATOM   1128 C  CG2 . ILE A 1 161 ? -8.766  3.942   -8.966  1.00 23.93 ? 161 ILE A CG2 1 
ATOM   1129 C  CD1 . ILE A 1 161 ? -7.130  5.549   -6.989  1.00 24.92 ? 161 ILE A CD1 1 
ATOM   1130 N  N   . LEU A 1 162 ? -11.759 4.550   -10.642 1.00 25.45 ? 162 LEU A N   1 
ATOM   1131 C  CA  . LEU A 1 162 ? -12.778 3.615   -11.124 1.00 26.99 ? 162 LEU A CA  1 
ATOM   1132 C  C   . LEU A 1 162 ? -12.333 2.157   -11.111 1.00 26.66 ? 162 LEU A C   1 
ATOM   1133 O  O   . LEU A 1 162 ? -11.135 1.856   -11.146 1.00 25.16 ? 162 LEU A O   1 
ATOM   1134 C  CB  . LEU A 1 162 ? -13.203 3.998   -12.542 1.00 30.85 ? 162 LEU A CB  1 
ATOM   1135 C  CG  . LEU A 1 162 ? -13.981 5.309   -12.632 1.00 33.34 ? 162 LEU A CG  1 
ATOM   1136 C  CD1 . LEU A 1 162 ? -14.029 5.785   -14.076 1.00 36.02 ? 162 LEU A CD1 1 
ATOM   1137 C  CD2 . LEU A 1 162 ? -15.378 5.104   -12.066 1.00 36.16 ? 162 LEU A CD2 1 
ATOM   1138 N  N   . ARG A 1 163 ? -13.317 1.257   -11.099 1.00 24.71 ? 163 ARG A N   1 
ATOM   1139 C  CA  . ARG A 1 163 ? -13.061 -0.178  -11.048 1.00 23.97 ? 163 ARG A CA  1 
ATOM   1140 C  C   . ARG A 1 163 ? -12.135 -0.741  -12.116 1.00 23.18 ? 163 ARG A C   1 
ATOM   1141 O  O   . ARG A 1 163 ? -11.438 -1.722  -11.871 1.00 21.57 ? 163 ARG A O   1 
ATOM   1142 C  CB  . ARG A 1 163 ? -14.391 -0.939  -11.049 1.00 24.02 ? 163 ARG A CB  1 
ATOM   1143 C  CG  . ARG A 1 163 ? -15.178 -0.708  -9.778  1.00 25.27 ? 163 ARG A CG  1 
ATOM   1144 C  CD  . ARG A 1 163 ? -16.466 -1.497  -9.737  1.00 25.35 ? 163 ARG A CD  1 
ATOM   1145 N  NE  . ARG A 1 163 ? -17.260 -1.083  -8.589  1.00 27.29 ? 163 ARG A NE  1 
ATOM   1146 C  CZ  . ARG A 1 163 ? -17.294 -1.719  -7.424  1.00 26.94 ? 163 ARG A CZ  1 
ATOM   1147 N  NH1 . ARG A 1 163 ? -16.579 -2.823  -7.244  1.00 27.57 ? 163 ARG A NH1 1 
ATOM   1148 N  NH2 . ARG A 1 163 ? -18.033 -1.237  -6.434  1.00 26.69 ? 163 ARG A NH2 1 
ATOM   1149 N  N   . GLU A 1 164 ? -12.121 -0.135  -13.299 1.00 22.44 ? 164 GLU A N   1 
ATOM   1150 C  CA  . GLU A 1 164 ? -11.249 -0.609  -14.367 1.00 23.31 ? 164 GLU A CA  1 
ATOM   1151 C  C   . GLU A 1 164 ? -9.782  -0.410  -13.978 1.00 22.93 ? 164 GLU A C   1 
ATOM   1152 O  O   . GLU A 1 164 ? -8.886  -1.006  -14.573 1.00 24.01 ? 164 GLU A O   1 
ATOM   1153 C  CB  . GLU A 1 164 ? -11.551 0.143   -15.660 1.00 23.59 ? 164 GLU A CB  1 
ATOM   1154 N  N   . ASN A 1 165 ? -9.546  0.434   -12.977 1.00 22.69 ? 165 ASN A N   1 
ATOM   1155 C  CA  . ASN A 1 165 ? -8.190  0.722   -12.515 1.00 21.43 ? 165 ASN A CA  1 
ATOM   1156 C  C   . ASN A 1 165 ? -7.847  0.081   -11.174 1.00 21.12 ? 165 ASN A C   1 
ATOM   1157 O  O   . ASN A 1 165 ? -6.891  0.483   -10.506 1.00 20.69 ? 165 ASN A O   1 
ATOM   1158 C  CB  . ASN A 1 165 ? -7.982  2.233   -12.443 1.00 23.74 ? 165 ASN A CB  1 
ATOM   1159 C  CG  . ASN A 1 165 ? -7.583  2.824   -13.786 1.00 26.47 ? 165 ASN A CG  1 
ATOM   1160 O  OD1 . ASN A 1 165 ? -7.818  2.222   -14.830 1.00 25.90 ? 165 ASN A OD1 1 
ATOM   1161 N  ND2 . ASN A 1 165 ? -6.980  4.006   -13.761 1.00 27.76 ? 165 ASN A ND2 1 
ATOM   1162 N  N   . ILE A 1 166 ? -8.638  -0.915  -10.790 1.00 19.85 ? 166 ILE A N   1 
ATOM   1163 C  CA  . ILE A 1 166 ? -8.428  -1.644  -9.547  1.00 19.92 ? 166 ILE A CA  1 
ATOM   1164 C  C   . ILE A 1 166 ? -8.049  -3.070  -9.939  1.00 21.18 ? 166 ILE A C   1 
ATOM   1165 O  O   . ILE A 1 166 ? -8.797  -3.738  -10.653 1.00 21.26 ? 166 ILE A O   1 
ATOM   1166 C  CB  . ILE A 1 166 ? -9.714  -1.645  -8.685  1.00 18.68 ? 166 ILE A CB  1 
ATOM   1167 C  CG1 . ILE A 1 166 ? -10.048 -0.210  -8.266  1.00 18.41 ? 166 ILE A CG1 1 
ATOM   1168 C  CG2 . ILE A 1 166 ? -9.523  -2.518  -7.440  1.00 19.49 ? 166 ILE A CG2 1 
ATOM   1169 C  CD1 . ILE A 1 166 ? -11.323 -0.075  -7.439  1.00 19.84 ? 166 ILE A CD1 1 
ATOM   1170 N  N   . ILE A 1 167 ? -6.887  -3.533  -9.479  1.00 19.99 ? 167 ILE A N   1 
ATOM   1171 C  CA  . ILE A 1 167 ? -6.419  -4.871  -9.821  1.00 20.41 ? 167 ILE A CA  1 
ATOM   1172 C  C   . ILE A 1 167 ? -6.285  -5.811  -8.620  1.00 20.86 ? 167 ILE A C   1 
ATOM   1173 O  O   . ILE A 1 167 ? -5.506  -5.557  -7.702  1.00 19.25 ? 167 ILE A O   1 
ATOM   1174 C  CB  . ILE A 1 167 ? -5.050  -4.798  -10.544 1.00 21.72 ? 167 ILE A CB  1 
ATOM   1175 C  CG1 . ILE A 1 167 ? -5.174  -3.948  -11.813 1.00 22.70 ? 167 ILE A CG1 1 
ATOM   1176 C  CG2 . ILE A 1 167 ? -4.565  -6.201  -10.886 1.00 22.85 ? 167 ILE A CG2 1 
ATOM   1177 C  CD1 . ILE A 1 167 ? -3.880  -3.812  -12.599 1.00 24.33 ? 167 ILE A CD1 1 
ATOM   1178 N  N   . ASP A 1 168 ? -7.041  -6.907  -8.635  1.00 20.52 ? 168 ASP A N   1 
ATOM   1179 C  CA  . ASP A 1 168 ? -6.987  -7.882  -7.549  1.00 21.76 ? 168 ASP A CA  1 
ATOM   1180 C  C   . ASP A 1 168 ? -5.813  -8.829  -7.806  1.00 22.08 ? 168 ASP A C   1 
ATOM   1181 O  O   . ASP A 1 168 ? -5.798  -9.544  -8.810  1.00 23.33 ? 168 ASP A O   1 
ATOM   1182 C  CB  . ASP A 1 168 ? -8.297  -8.672  -7.486  1.00 23.55 ? 168 ASP A CB  1 
ATOM   1183 C  CG  . ASP A 1 168 ? -8.402  -9.535  -6.239  1.00 25.64 ? 168 ASP A CG  1 
ATOM   1184 O  OD1 . ASP A 1 168 ? -7.396  -10.176 -5.872  1.00 24.52 ? 168 ASP A OD1 1 
ATOM   1185 O  OD2 . ASP A 1 168 ? -9.491  -9.578  -5.628  1.00 28.54 ? 168 ASP A OD2 1 
ATOM   1186 N  N   . LEU A 1 169 ? -4.832  -8.826  -6.906  1.00 21.30 ? 169 LEU A N   1 
ATOM   1187 C  CA  . LEU A 1 169 ? -3.647  -9.673  -7.041  1.00 24.33 ? 169 LEU A CA  1 
ATOM   1188 C  C   . LEU A 1 169 ? -3.610  -10.812 -6.022  1.00 25.07 ? 169 LEU A C   1 
ATOM   1189 O  O   . LEU A 1 169 ? -2.578  -11.447 -5.838  1.00 24.00 ? 169 LEU A O   1 
ATOM   1190 C  CB  . LEU A 1 169 ? -2.362  -8.848  -6.868  1.00 25.00 ? 169 LEU A CB  1 
ATOM   1191 C  CG  . LEU A 1 169 ? -1.939  -7.755  -7.854  1.00 26.64 ? 169 LEU A CG  1 
ATOM   1192 C  CD1 . LEU A 1 169 ? -2.000  -8.290  -9.280  1.00 27.19 ? 169 LEU A CD1 1 
ATOM   1193 C  CD2 . LEU A 1 169 ? -2.828  -6.553  -7.687  1.00 28.83 ? 169 LEU A CD2 1 
ATOM   1194 N  N   . SER A 1 170 ? -4.728  -11.067 -5.354  1.00 26.89 ? 170 SER A N   1 
ATOM   1195 C  CA  . SER A 1 170 ? -4.768  -12.120 -4.347  1.00 30.03 ? 170 SER A CA  1 
ATOM   1196 C  C   . SER A 1 170 ? -4.312  -13.487 -4.866  1.00 31.40 ? 170 SER A C   1 
ATOM   1197 O  O   . SER A 1 170 ? -3.785  -14.297 -4.106  1.00 32.65 ? 170 SER A O   1 
ATOM   1198 C  CB  . SER A 1 170 ? -6.177  -12.235 -3.760  1.00 29.13 ? 170 SER A CB  1 
ATOM   1199 O  OG  . SER A 1 170 ? -7.122  -12.572 -4.758  1.00 31.03 ? 170 SER A OG  1 
ATOM   1200 N  N   . ASN A 1 171 ? -4.500  -13.739 -6.158  1.00 33.49 ? 171 ASN A N   1 
ATOM   1201 C  CA  . ASN A 1 171 ? -4.111  -15.020 -6.734  1.00 35.03 ? 171 ASN A CA  1 
ATOM   1202 C  C   . ASN A 1 171 ? -2.702  -15.022 -7.314  1.00 36.56 ? 171 ASN A C   1 
ATOM   1203 O  O   . ASN A 1 171 ? -2.270  -16.019 -7.892  1.00 38.29 ? 171 ASN A O   1 
ATOM   1204 C  CB  . ASN A 1 171 ? -5.109  -15.434 -7.809  1.00 34.81 ? 171 ASN A CB  1 
ATOM   1205 N  N   . ALA A 1 172 ? -1.979  -13.917 -7.154  1.00 35.85 ? 172 ALA A N   1 
ATOM   1206 C  CA  . ALA A 1 172 ? -0.626  -13.829 -7.691  1.00 36.01 ? 172 ALA A CA  1 
ATOM   1207 C  C   . ALA A 1 172 ? 0.370   -13.213 -6.717  1.00 35.53 ? 172 ALA A C   1 
ATOM   1208 O  O   . ALA A 1 172 ? 1.451   -12.789 -7.122  1.00 34.32 ? 172 ALA A O   1 
ATOM   1209 C  CB  . ALA A 1 172 ? -0.642  -13.018 -8.983  1.00 35.71 ? 172 ALA A CB  1 
ATOM   1210 N  N   . ASN A 1 173 ? 0.015   -13.179 -5.436  1.00 35.32 ? 173 ASN A N   1 
ATOM   1211 C  CA  . ASN A 1 173 ? 0.882   -12.577 -4.428  1.00 35.62 ? 173 ASN A CA  1 
ATOM   1212 C  C   . ASN A 1 173 ? 1.869   -13.514 -3.738  1.00 36.48 ? 173 ASN A C   1 
ATOM   1213 O  O   . ASN A 1 173 ? 2.513   -13.124 -2.769  1.00 36.32 ? 173 ASN A O   1 
ATOM   1214 C  CB  . ASN A 1 173 ? 0.034   -11.874 -3.365  1.00 34.88 ? 173 ASN A CB  1 
ATOM   1215 C  CG  . ASN A 1 173 ? -1.011  -12.788 -2.746  1.00 34.96 ? 173 ASN A CG  1 
ATOM   1216 O  OD1 . ASN A 1 173 ? -0.834  -14.006 -2.681  1.00 35.03 ? 173 ASN A OD1 1 
ATOM   1217 N  ND2 . ASN A 1 173 ? -2.098  -12.201 -2.270  1.00 34.01 ? 173 ASN A ND2 1 
ATOM   1218 N  N   . ARG A 1 174 ? 2.004   -14.738 -4.236  1.00 37.50 ? 174 ARG A N   1 
ATOM   1219 C  CA  . ARG A 1 174 ? 2.926   -15.692 -3.628  1.00 38.25 ? 174 ARG A CA  1 
ATOM   1220 C  C   . ARG A 1 174 ? 4.083   -16.053 -4.555  1.00 38.30 ? 174 ARG A C   1 
ATOM   1221 O  O   . ARG A 1 174 ? 3.966   -15.965 -5.781  1.00 37.79 ? 174 ARG A O   1 
ATOM   1222 C  CB  . ARG A 1 174 ? 2.175   -16.957 -3.217  1.00 39.21 ? 174 ARG A CB  1 
ATOM   1223 N  N   . CYS A 1 175 ? 5.202   -16.456 -3.959  1.00 37.78 ? 175 CYS A N   1 
ATOM   1224 C  CA  . CYS A 1 175 ? 6.380   -16.848 -4.722  1.00 37.67 ? 175 CYS A CA  1 
ATOM   1225 C  C   . CYS A 1 175 ? 6.589   -18.350 -4.582  1.00 38.82 ? 175 CYS A C   1 
ATOM   1226 O  O   . CYS A 1 175 ? 6.084   -18.912 -3.587  1.00 39.94 ? 175 CYS A O   1 
ATOM   1227 C  CB  . CYS A 1 175 ? 7.613   -16.104 -4.202  1.00 35.99 ? 175 CYS A CB  1 
ATOM   1228 S  SG  . CYS A 1 175 ? 7.469   -14.295 -4.328  1.00 34.76 ? 175 CYS A SG  1 
HETATM 1229 CD CD  . CD  B 2 .   ? -6.554  10.445  -3.281  1.00 22.46 ? 401 CD  A CD  1 
HETATM 1230 CD CD  . CD  C 2 .   ? 1.320   -16.056 7.373   1.00 33.80 ? 402 CD  A CD  1 
HETATM 1231 CD CD  . CD  D 2 .   ? 6.724   -11.735 -19.545 0.50 43.01 ? 403 CD  A CD  1 
HETATM 1232 CD CD  . CD  E 2 .   ? 10.597  -12.384 0.248   0.50 34.08 ? 404 CD  A CD  1 
HETATM 1233 CD CD  . CD  F 2 .   ? 2.483   -15.080 4.137   0.50 51.35 ? 405 CD  A CD  1 
HETATM 1234 CD CD  . CD  G 2 .   ? 12.123  -3.693  16.413  0.50 22.10 ? 406 CD  A CD  1 
HETATM 1235 CD CD  . CD  H 2 .   ? -5.729  -7.183  18.208  0.50 50.48 ? 407 CD  A CD  1 
HETATM 1236 C  C1  . LTL I 3 .   ? 2.197   1.982   2.027   1.00 34.74 ? 408 LTL A C1  1 
HETATM 1237 C  C2  . LTL I 3 .   ? 2.302   1.062   0.811   1.00 33.73 ? 408 LTL A C2  1 
HETATM 1238 C  C6  . LTL I 3 .   ? 3.351   1.785   -0.029  1.00 35.63 ? 408 LTL A C6  1 
HETATM 1239 C  C7  . LTL I 3 .   ? 3.739   1.121   -1.426  1.00 36.82 ? 408 LTL A C7  1 
HETATM 1240 C  C10 . LTL I 3 .   ? 4.714   1.831   -2.278  1.00 37.46 ? 408 LTL A C10 1 
HETATM 1241 C  C13 . LTL I 3 .   ? 6.048   2.562   -1.696  1.00 38.82 ? 408 LTL A C13 1 
HETATM 1242 C  C14 . LTL I 3 .   ? 6.977   3.247   -2.813  1.00 41.13 ? 408 LTL A C14 1 
HETATM 1243 O  O20 . LTL I 3 .   ? 4.392   1.850   -3.408  1.00 37.49 ? 408 LTL A O20 1 
HETATM 1244 O  O21 . LTL I 3 .   ? 1.099   1.160   0.160   1.00 32.52 ? 408 LTL A O21 1 
HETATM 1245 C  C22 . LTL I 3 .   ? 2.727   -0.376  1.296   1.00 32.97 ? 408 LTL A C22 1 
HETATM 1246 O  O   . HOH J 4 .   ? 2.802   -0.434  -4.429  1.00 22.29 ? 501 HOH A O   1 
HETATM 1247 O  O   . HOH J 4 .   ? 5.492   -10.247 -18.147 1.00 32.36 ? 502 HOH A O   1 
HETATM 1248 O  O   . HOH J 4 .   ? 2.392   -2.409  -2.569  1.00 20.67 ? 503 HOH A O   1 
HETATM 1249 O  O   . HOH J 4 .   ? 6.051   1.801   -13.894 1.00 46.91 ? 504 HOH A O   1 
HETATM 1250 O  O   . HOH J 4 .   ? 6.281   -6.730  -9.671  1.00 27.13 ? 505 HOH A O   1 
HETATM 1251 O  O   . HOH J 4 .   ? 6.677   7.689   -11.003 1.00 25.84 ? 506 HOH A O   1 
HETATM 1252 O  O   . HOH J 4 .   ? 12.674  -6.253  9.335   1.00 58.29 ? 507 HOH A O   1 
HETATM 1253 O  O   . HOH J 4 .   ? 3.368   -16.488 7.622   1.00 18.72 ? 508 HOH A O   1 
HETATM 1254 O  O   . HOH J 4 .   ? -0.832  -15.191 7.456   1.00 30.52 ? 509 HOH A O   1 
HETATM 1255 O  O   . HOH J 4 .   ? 13.386  5.969   13.290  1.00 26.13 ? 511 HOH A O   1 
HETATM 1256 O  O   . HOH J 4 .   ? 16.767  -5.169  -0.243  1.00 37.99 ? 512 HOH A O   1 
HETATM 1257 O  O   . HOH J 4 .   ? 9.983   12.770  5.993   1.00 51.07 ? 513 HOH A O   1 
HETATM 1258 O  O   . HOH J 4 .   ? -18.843 -3.942  1.806   1.00 30.27 ? 515 HOH A O   1 
HETATM 1259 O  O   . HOH J 4 .   ? -8.621  6.803   13.819  1.00 42.77 ? 516 HOH A O   1 
HETATM 1260 O  O   . HOH J 4 .   ? 0.392   11.729  1.778   1.00 30.17 ? 517 HOH A O   1 
HETATM 1261 O  O   . HOH J 4 .   ? -10.928 7.748   4.844   1.00 56.56 ? 518 HOH A O   1 
HETATM 1262 O  O   . HOH J 4 .   ? 2.222   16.027  3.141   1.00 34.70 ? 519 HOH A O   1 
HETATM 1263 O  O   . HOH J 4 .   ? 4.926   -2.144  23.024  1.00 61.44 ? 520 HOH A O   1 
HETATM 1264 O  O   . HOH J 4 .   ? 5.160   -16.293 4.947   1.00 62.93 ? 522 HOH A O   1 
HETATM 1265 O  O   . HOH J 4 .   ? -1.420  7.023   -17.949 1.00 46.87 ? 523 HOH A O   1 
HETATM 1266 O  O   . HOH J 4 .   ? 13.711  8.606   -7.527  1.00 36.66 ? 524 HOH A O   1 
HETATM 1267 O  O   . HOH J 4 .   ? -10.962 -6.950  17.750  1.00 54.35 ? 525 HOH A O   1 
HETATM 1268 O  O   . HOH J 4 .   ? -9.771  7.841   7.276   1.00 35.58 ? 527 HOH A O   1 
HETATM 1269 O  O   . HOH J 4 .   ? 2.283   -9.828  -11.043 1.00 52.60 ? 528 HOH A O   1 
HETATM 1270 O  O   . HOH J 4 .   ? -2.161  10.167  1.792   1.00 20.82 ? 529 HOH A O   1 
HETATM 1271 O  O   . HOH J 4 .   ? 12.978  -0.308  -9.062  1.00 75.43 ? 530 HOH A O   1 
HETATM 1272 O  O   . HOH J 4 .   ? 5.121   -16.085 -8.355  1.00 56.62 ? 531 HOH A O   1 
HETATM 1273 O  O   . HOH J 4 .   ? 9.074   -20.575 -4.288  1.00 55.76 ? 532 HOH A O   1 
HETATM 1274 O  O   . HOH J 4 .   ? 4.064   -12.648 -6.054  1.00 27.80 ? 533 HOH A O   1 
HETATM 1275 O  O   . HOH J 4 .   ? 8.781   -6.893  11.300  1.00 35.71 ? 534 HOH A O   1 
HETATM 1276 O  O   . HOH J 4 .   ? 9.848   15.803  8.944   1.00 65.40 ? 535 HOH A O   1 
HETATM 1277 O  O   . HOH J 4 .   ? -18.717 1.226   -9.057  1.00 55.37 ? 536 HOH A O   1 
HETATM 1278 O  O   . HOH J 4 .   ? 2.303   -9.643  -1.031  1.00 19.53 ? 538 HOH A O   1 
HETATM 1279 O  O   . HOH J 4 .   ? -3.561  12.668  15.308  1.00 48.83 ? 539 HOH A O   1 
HETATM 1280 O  O   . HOH J 4 .   ? -15.835 -13.674 0.700   1.00 24.95 ? 540 HOH A O   1 
HETATM 1281 O  O   . HOH J 4 .   ? -14.440 1.274   -14.727 1.00 33.12 ? 541 HOH A O   1 
HETATM 1282 O  O   . HOH J 4 .   ? -0.017  14.456  -13.128 1.00 45.20 ? 542 HOH A O   1 
HETATM 1283 O  O   . HOH J 4 .   ? 4.500   10.930  -10.995 1.00 29.87 ? 544 HOH A O   1 
HETATM 1284 O  O   . HOH J 4 .   ? 4.992   4.869   -16.270 1.00 52.45 ? 545 HOH A O   1 
HETATM 1285 O  O   . HOH J 4 .   ? 9.217   0.885   17.348  1.00 45.48 ? 546 HOH A O   1 
HETATM 1286 O  O   . HOH J 4 .   ? 2.062   6.943   12.370  1.00 38.06 ? 548 HOH A O   1 
HETATM 1287 O  O   . HOH J 4 .   ? 14.238  -4.806  15.802  1.00 52.81 ? 549 HOH A O   1 
HETATM 1288 O  O   . HOH J 4 .   ? -9.492  -7.286  15.431  1.00 34.15 ? 550 HOH A O   1 
HETATM 1289 O  O   . HOH J 4 .   ? -8.273  11.610  -4.750  1.00 22.59 ? 551 HOH A O   1 
HETATM 1290 O  O   . HOH J 4 .   ? 6.878   5.127   13.003  1.00 30.10 ? 552 HOH A O   1 
HETATM 1291 O  O   . HOH J 4 .   ? -3.866  12.511  1.799   1.00 34.39 ? 553 HOH A O   1 
HETATM 1292 O  O   . HOH J 4 .   ? 11.745  -16.601 -7.570  1.00 43.13 ? 554 HOH A O   1 
HETATM 1293 O  O   . HOH J 4 .   ? 11.655  10.261  2.949   1.00 38.73 ? 555 HOH A O   1 
HETATM 1294 O  O   . HOH J 4 .   ? -3.148  -18.735 7.952   1.00 57.21 ? 556 HOH A O   1 
HETATM 1295 O  O   . HOH J 4 .   ? -22.357 6.373   -6.612  1.00 45.23 ? 557 HOH A O   1 
HETATM 1296 O  O   . HOH J 4 .   ? 7.192   4.195   -13.323 1.00 41.98 ? 558 HOH A O   1 
HETATM 1297 O  O   . HOH J 4 .   ? 4.738   -13.341 -12.989 1.00 35.88 ? 559 HOH A O   1 
HETATM 1298 O  O   . HOH J 4 .   ? 3.032   -12.161 -0.504  1.00 31.39 ? 560 HOH A O   1 
HETATM 1299 O  O   . HOH J 4 .   ? -11.839 -8.115  -6.268  1.00 28.00 ? 561 HOH A O   1 
HETATM 1300 O  O   . HOH J 4 .   ? 4.432   13.008  -3.015  1.00 32.89 ? 562 HOH A O   1 
HETATM 1301 O  O   . HOH J 4 .   ? -5.339  5.112   -15.858 1.00 37.02 ? 563 HOH A O   1 
HETATM 1302 O  O   . HOH J 4 .   ? 15.955  -11.298 -4.509  1.00 30.41 ? 564 HOH A O   1 
HETATM 1303 O  O   . HOH J 4 .   ? 2.033   -16.820 -14.336 1.00 31.05 ? 565 HOH A O   1 
HETATM 1304 O  O   . HOH J 4 .   ? 5.109   19.234  -3.457  1.00 62.65 ? 566 HOH A O   1 
HETATM 1305 O  O   . HOH J 4 .   ? 14.857  -2.363  16.506  1.00 69.02 ? 567 HOH A O   1 
HETATM 1306 O  O   . HOH J 4 .   ? 7.311   16.921  -4.257  1.00 74.68 ? 568 HOH A O   1 
HETATM 1307 O  O   . HOH J 4 .   ? 9.461   -20.349 -1.573  1.00 50.79 ? 571 HOH A O   1 
HETATM 1308 O  O   . HOH J 4 .   ? -20.831 -5.242  0.963   1.00 60.62 ? 572 HOH A O   1 
HETATM 1309 O  O   . HOH J 4 .   ? 12.158  -7.260  11.507  1.00 48.11 ? 575 HOH A O   1 
HETATM 1310 O  O   . HOH J 4 .   ? 5.913   -10.514 -15.233 1.00 47.83 ? 576 HOH A O   1 
HETATM 1311 O  O   . HOH J 4 .   ? -5.288  9.751   4.657   1.00 33.49 ? 577 HOH A O   1 
HETATM 1312 O  O   . HOH J 4 .   ? -16.267 1.632   -11.800 1.00 45.78 ? 578 HOH A O   1 
HETATM 1313 O  O   . HOH J 4 .   ? 13.070  12.374  -3.396  1.00 44.62 ? 579 HOH A O   1 
HETATM 1314 O  O   . HOH J 4 .   ? 6.358   -21.172 -6.990  1.00 59.86 ? 581 HOH A O   1 
HETATM 1315 O  O   . HOH J 4 .   ? 6.570   -12.266 6.563   1.00 46.60 ? 582 HOH A O   1 
HETATM 1316 O  O   . HOH J 4 .   ? 0.673   14.740  -17.683 1.00 39.10 ? 584 HOH A O   1 
HETATM 1317 O  O   . HOH J 4 .   ? 3.908   -0.754  -17.113 1.00 42.54 ? 585 HOH A O   1 
HETATM 1318 O  O   . HOH J 4 .   ? -11.133 -3.242  16.513  1.00 38.48 ? 586 HOH A O   1 
HETATM 1319 O  O   . HOH J 4 .   ? 2.024   -6.993  15.168  1.00 41.43 ? 587 HOH A O   1 
HETATM 1320 O  O   . HOH J 4 .   ? -19.135 -8.654  -0.973  1.00 40.00 ? 588 HOH A O   1 
HETATM 1321 O  O   . HOH J 4 .   ? -2.306  -7.254  -16.187 1.00 52.66 ? 589 HOH A O   1 
HETATM 1322 O  O   . HOH J 4 .   ? -12.702 -4.434  14.674  1.00 48.23 ? 590 HOH A O   1 
HETATM 1323 O  O   . HOH J 4 .   ? 13.846  7.764   0.790   1.00 41.49 ? 591 HOH A O   1 
HETATM 1324 O  O   . HOH J 4 .   ? -8.639  -4.822  15.641  1.00 40.28 ? 592 HOH A O   1 
HETATM 1325 O  O   . HOH J 4 .   ? -15.866 12.149  -3.283  1.00 54.07 ? 593 HOH A O   1 
HETATM 1326 O  O   . HOH J 4 .   ? 5.285   -13.021 -0.083  1.00 44.35 ? 594 HOH A O   1 
HETATM 1327 O  O   . HOH J 4 .   ? 3.416   -14.346 -14.866 1.00 43.71 ? 595 HOH A O   1 
HETATM 1328 O  O   . HOH J 4 .   ? -6.925  -4.559  17.850  1.00 47.45 ? 596 HOH A O   1 
HETATM 1329 O  O   . HOH J 4 .   ? 6.630   -5.332  -11.950 1.00 56.03 ? 597 HOH A O   1 
HETATM 1330 O  O   . HOH J 4 .   ? 7.284   -17.686 -7.813  1.00 55.76 ? 598 HOH A O   1 
HETATM 1331 O  O   . HOH J 4 .   ? 14.902  1.179   -1.919  1.00 55.28 ? 599 HOH A O   1 
HETATM 1332 O  O   . HOH J 4 .   ? 9.311   -6.693  -12.557 1.00 56.96 ? 600 HOH A O   1 
HETATM 1333 O  O   . HOH J 4 .   ? 13.303  -5.832  -7.471  1.00 54.88 ? 601 HOH A O   1 
HETATM 1334 O  O   . HOH J 4 .   ? 0.698   15.847  -5.687  1.00 45.51 ? 604 HOH A O   1 
HETATM 1335 O  O   . HOH J 4 .   ? 3.834   19.493  -6.526  1.00 52.41 ? 605 HOH A O   1 
HETATM 1336 O  O   . HOH J 4 .   ? -3.086  14.212  -11.982 1.00 53.43 ? 619 HOH A O   1 
HETATM 1337 O  O   . HOH J 4 .   ? -4.872  14.166  18.110  1.00 57.20 ? 620 HOH A O   1 
# 
